data_2IIM
# 
_entry.id   2IIM 
# 
_audit_conform.dict_name       mmcif_pdbx.dic 
_audit_conform.dict_version    5.377 
_audit_conform.dict_location   http://mmcif.pdb.org/dictionaries/ascii/mmcif_pdbx.dic 
# 
loop_
_database_2.database_id 
_database_2.database_code 
_database_2.pdbx_database_accession 
_database_2.pdbx_DOI 
PDB   2IIM         pdb_00002iim 10.2210/pdb2iim/pdb 
RCSB  RCSB039616   ?            ?                   
WWPDB D_1000039616 ?            ?                   
# 
_pdbx_database_related.db_name        PDB 
_pdbx_database_related.db_id          1LCK 
_pdbx_database_related.details        'Structure of SH3 and SH2 Domain at lower resolution; used for molecular replacement' 
_pdbx_database_related.content_type   unspecified 
# 
_pdbx_database_status.status_code                     REL 
_pdbx_database_status.entry_id                        2IIM 
_pdbx_database_status.recvd_initial_deposition_date   2006-09-28 
_pdbx_database_status.deposit_site                    RCSB 
_pdbx_database_status.process_site                    RCSB 
_pdbx_database_status.status_code_sf                  REL 
_pdbx_database_status.status_code_mr                  ? 
_pdbx_database_status.SG_entry                        ? 
_pdbx_database_status.pdb_format_compatible           Y 
_pdbx_database_status.status_code_cs                  ? 
_pdbx_database_status.status_code_nmr_data            ? 
_pdbx_database_status.methods_development_category    ? 
# 
loop_
_audit_author.name 
_audit_author.pdbx_ordinal 
'Romir, J.'         1 
'Egerer-Sieber, C.' 2 
'Muller, Y.A.'      3 
# 
_citation.id                        primary 
_citation.title                     
;Crystal structure analysis and solution studies of human Lck-SH3; zinc-induced homodimerization competes with the binding of proline-rich motifs.
;
_citation.journal_abbrev            J.Mol.Biol. 
_citation.journal_volume            365 
_citation.page_first                1417 
_citation.page_last                 1428 
_citation.year                      2007 
_citation.journal_id_ASTM           JMOBAK 
_citation.country                   UK 
_citation.journal_id_ISSN           0022-2836 
_citation.journal_id_CSD            0070 
_citation.book_publisher            ? 
_citation.pdbx_database_id_PubMed   17118402 
_citation.pdbx_database_id_DOI      10.1016/j.jmb.2006.10.058 
# 
loop_
_citation_author.citation_id 
_citation_author.name 
_citation_author.ordinal 
_citation_author.identifier_ORCID 
primary 'Romir, J.'         1 ? 
primary 'Lilie, H.'         2 ? 
primary 'Egerer-Sieber, C.' 3 ? 
primary 'Bauer, F.'         4 ? 
primary 'Sticht, H.'        5 ? 
primary 'Muller, Y.A.'      6 ? 
# 
_cell.entry_id           2IIM 
_cell.length_a           50.310 
_cell.length_b           50.310 
_cell.length_c           46.370 
_cell.angle_alpha        90 
_cell.angle_beta         90 
_cell.angle_gamma        120 
_cell.Z_PDB              6 
_cell.pdbx_unique_axis   ? 
_cell.length_a_esd       ? 
_cell.length_b_esd       ? 
_cell.length_c_esd       ? 
_cell.angle_alpha_esd    ? 
_cell.angle_beta_esd     ? 
_cell.angle_gamma_esd    ? 
# 
_symmetry.entry_id                         2IIM 
_symmetry.space_group_name_H-M             'P 32 2 1' 
_symmetry.pdbx_full_space_group_name_H-M   ? 
_symmetry.cell_setting                     ? 
_symmetry.Int_Tables_number                154 
_symmetry.space_group_name_Hall            ? 
# 
loop_
_entity.id 
_entity.type 
_entity.src_method 
_entity.pdbx_description 
_entity.formula_weight 
_entity.pdbx_number_of_molecules 
_entity.pdbx_ec 
_entity.pdbx_mutation 
_entity.pdbx_fragment 
_entity.details 
1 polymer     man 'Proto-oncogene tyrosine-protein kinase LCK' 6894.579 1  ? ? ? ? 
2 non-polymer syn 'ZINC ION'                                   65.409   1  ? ? ? ? 
3 non-polymer syn 'CALCIUM ION'                                40.078   1  ? ? ? ? 
4 non-polymer syn 'TETRAETHYLENE GLYCOL'                       194.226  1  ? ? ? ? 
5 water       nat water                                        18.015   84 ? ? ? ? 
# 
_entity_name_com.entity_id   1 
_entity_name_com.name        
'p56-LCK, Lymphocyte cell-specific protein-tyrosine kinase, LSK, T cell- specific protein-tyrosine kinase' 
# 
_entity_poly.entity_id                      1 
_entity_poly.type                           'polypeptide(L)' 
_entity_poly.nstd_linkage                   no 
_entity_poly.nstd_monomer                   no 
_entity_poly.pdbx_seq_one_letter_code       GSPLQDNLVIALHSYEPSHDGDLGFEKGEQLRILEQSGEWWKAQSLTTGQEGFIPFNFVAKA 
_entity_poly.pdbx_seq_one_letter_code_can   GSPLQDNLVIALHSYEPSHDGDLGFEKGEQLRILEQSGEWWKAQSLTTGQEGFIPFNFVAKA 
_entity_poly.pdbx_strand_id                 A 
_entity_poly.pdbx_target_identifier         ? 
# 
loop_
_entity_poly_seq.entity_id 
_entity_poly_seq.num 
_entity_poly_seq.mon_id 
_entity_poly_seq.hetero 
1 1  GLY n 
1 2  SER n 
1 3  PRO n 
1 4  LEU n 
1 5  GLN n 
1 6  ASP n 
1 7  ASN n 
1 8  LEU n 
1 9  VAL n 
1 10 ILE n 
1 11 ALA n 
1 12 LEU n 
1 13 HIS n 
1 14 SER n 
1 15 TYR n 
1 16 GLU n 
1 17 PRO n 
1 18 SER n 
1 19 HIS n 
1 20 ASP n 
1 21 GLY n 
1 22 ASP n 
1 23 LEU n 
1 24 GLY n 
1 25 PHE n 
1 26 GLU n 
1 27 LYS n 
1 28 GLY n 
1 29 GLU n 
1 30 GLN n 
1 31 LEU n 
1 32 ARG n 
1 33 ILE n 
1 34 LEU n 
1 35 GLU n 
1 36 GLN n 
1 37 SER n 
1 38 GLY n 
1 39 GLU n 
1 40 TRP n 
1 41 TRP n 
1 42 LYS n 
1 43 ALA n 
1 44 GLN n 
1 45 SER n 
1 46 LEU n 
1 47 THR n 
1 48 THR n 
1 49 GLY n 
1 50 GLN n 
1 51 GLU n 
1 52 GLY n 
1 53 PHE n 
1 54 ILE n 
1 55 PRO n 
1 56 PHE n 
1 57 ASN n 
1 58 PHE n 
1 59 VAL n 
1 60 ALA n 
1 61 LYS n 
1 62 ALA n 
# 
_entity_src_gen.entity_id                          1 
_entity_src_gen.pdbx_src_id                        1 
_entity_src_gen.pdbx_alt_source_flag               sample 
_entity_src_gen.pdbx_seq_type                      ? 
_entity_src_gen.pdbx_beg_seq_num                   ? 
_entity_src_gen.pdbx_end_seq_num                   ? 
_entity_src_gen.gene_src_common_name               human 
_entity_src_gen.gene_src_genus                     Homo 
_entity_src_gen.pdbx_gene_src_gene                 LCK 
_entity_src_gen.gene_src_species                   ? 
_entity_src_gen.gene_src_strain                    ? 
_entity_src_gen.gene_src_tissue                    ? 
_entity_src_gen.gene_src_tissue_fraction           ? 
_entity_src_gen.gene_src_details                   ? 
_entity_src_gen.pdbx_gene_src_fragment             ? 
_entity_src_gen.pdbx_gene_src_scientific_name      'Homo sapiens' 
_entity_src_gen.pdbx_gene_src_ncbi_taxonomy_id     9606 
_entity_src_gen.pdbx_gene_src_variant              ? 
_entity_src_gen.pdbx_gene_src_cell_line            ? 
_entity_src_gen.pdbx_gene_src_atcc                 ? 
_entity_src_gen.pdbx_gene_src_organ                ? 
_entity_src_gen.pdbx_gene_src_organelle            ? 
_entity_src_gen.pdbx_gene_src_cell                 ? 
_entity_src_gen.pdbx_gene_src_cellular_location    ? 
_entity_src_gen.host_org_common_name               ? 
_entity_src_gen.pdbx_host_org_scientific_name      'Escherichia coli' 
_entity_src_gen.pdbx_host_org_ncbi_taxonomy_id     562 
_entity_src_gen.host_org_genus                     Escherichia 
_entity_src_gen.pdbx_host_org_gene                 ? 
_entity_src_gen.pdbx_host_org_organ                ? 
_entity_src_gen.host_org_species                   ? 
_entity_src_gen.pdbx_host_org_tissue               ? 
_entity_src_gen.pdbx_host_org_tissue_fraction      ? 
_entity_src_gen.pdbx_host_org_strain               BL21-CodonPlus-RP 
_entity_src_gen.pdbx_host_org_variant              ? 
_entity_src_gen.pdbx_host_org_cell_line            ? 
_entity_src_gen.pdbx_host_org_atcc                 ? 
_entity_src_gen.pdbx_host_org_culture_collection   ? 
_entity_src_gen.pdbx_host_org_cell                 ? 
_entity_src_gen.pdbx_host_org_organelle            ? 
_entity_src_gen.pdbx_host_org_cellular_location    ? 
_entity_src_gen.pdbx_host_org_vector_type          plasmid 
_entity_src_gen.pdbx_host_org_vector               ? 
_entity_src_gen.host_org_details                   ? 
_entity_src_gen.expression_system_id               ? 
_entity_src_gen.plasmid_name                       pGEX-4T-1 
_entity_src_gen.plasmid_details                    ? 
_entity_src_gen.pdbx_description                   ? 
# 
_struct_ref.id                         1 
_struct_ref.db_name                    UNP 
_struct_ref.db_code                    LCK_HUMAN 
_struct_ref.pdbx_db_accession          P06239 
_struct_ref.entity_id                  1 
_struct_ref.pdbx_seq_one_letter_code   SPLQDNLVIALHSYEPSHDGDLGFEKGEQLRILEQSGEWWKAQSLTTGQEGFIPFNFVAKA 
_struct_ref.pdbx_align_begin           58 
_struct_ref.pdbx_db_isoform            ? 
# 
_struct_ref_seq.align_id                      1 
_struct_ref_seq.ref_id                        1 
_struct_ref_seq.pdbx_PDB_id_code              2IIM 
_struct_ref_seq.pdbx_strand_id                A 
_struct_ref_seq.seq_align_beg                 2 
_struct_ref_seq.pdbx_seq_align_beg_ins_code   ? 
_struct_ref_seq.seq_align_end                 62 
_struct_ref_seq.pdbx_seq_align_end_ins_code   ? 
_struct_ref_seq.pdbx_db_accession             P06239 
_struct_ref_seq.db_align_beg                  58 
_struct_ref_seq.pdbx_db_align_beg_ins_code    ? 
_struct_ref_seq.db_align_end                  118 
_struct_ref_seq.pdbx_db_align_end_ins_code    ? 
_struct_ref_seq.pdbx_auth_seq_align_beg       59 
_struct_ref_seq.pdbx_auth_seq_align_end       119 
# 
_struct_ref_seq_dif.align_id                     1 
_struct_ref_seq_dif.pdbx_pdb_id_code             2IIM 
_struct_ref_seq_dif.mon_id                       GLY 
_struct_ref_seq_dif.pdbx_pdb_strand_id           A 
_struct_ref_seq_dif.seq_num                      1 
_struct_ref_seq_dif.pdbx_pdb_ins_code            ? 
_struct_ref_seq_dif.pdbx_seq_db_name             UNP 
_struct_ref_seq_dif.pdbx_seq_db_accession_code   P06239 
_struct_ref_seq_dif.db_mon_id                    ? 
_struct_ref_seq_dif.pdbx_seq_db_seq_num          ? 
_struct_ref_seq_dif.details                      'cloning artifact' 
_struct_ref_seq_dif.pdbx_auth_seq_num            58 
_struct_ref_seq_dif.pdbx_ordinal                 1 
# 
loop_
_chem_comp.id 
_chem_comp.type 
_chem_comp.mon_nstd_flag 
_chem_comp.name 
_chem_comp.pdbx_synonyms 
_chem_comp.formula 
_chem_comp.formula_weight 
ALA 'L-peptide linking' y ALANINE                ? 'C3 H7 N O2'     89.093  
ARG 'L-peptide linking' y ARGININE               ? 'C6 H15 N4 O2 1' 175.209 
ASN 'L-peptide linking' y ASPARAGINE             ? 'C4 H8 N2 O3'    132.118 
ASP 'L-peptide linking' y 'ASPARTIC ACID'        ? 'C4 H7 N O4'     133.103 
CA  non-polymer         . 'CALCIUM ION'          ? 'Ca 2'           40.078  
GLN 'L-peptide linking' y GLUTAMINE              ? 'C5 H10 N2 O3'   146.144 
GLU 'L-peptide linking' y 'GLUTAMIC ACID'        ? 'C5 H9 N O4'     147.129 
GLY 'peptide linking'   y GLYCINE                ? 'C2 H5 N O2'     75.067  
HIS 'L-peptide linking' y HISTIDINE              ? 'C6 H10 N3 O2 1' 156.162 
HOH non-polymer         . WATER                  ? 'H2 O'           18.015  
ILE 'L-peptide linking' y ISOLEUCINE             ? 'C6 H13 N O2'    131.173 
LEU 'L-peptide linking' y LEUCINE                ? 'C6 H13 N O2'    131.173 
LYS 'L-peptide linking' y LYSINE                 ? 'C6 H15 N2 O2 1' 147.195 
PG4 non-polymer         . 'TETRAETHYLENE GLYCOL' ? 'C8 H18 O5'      194.226 
PHE 'L-peptide linking' y PHENYLALANINE          ? 'C9 H11 N O2'    165.189 
PRO 'L-peptide linking' y PROLINE                ? 'C5 H9 N O2'     115.130 
SER 'L-peptide linking' y SERINE                 ? 'C3 H7 N O3'     105.093 
THR 'L-peptide linking' y THREONINE              ? 'C4 H9 N O3'     119.119 
TRP 'L-peptide linking' y TRYPTOPHAN             ? 'C11 H12 N2 O2'  204.225 
TYR 'L-peptide linking' y TYROSINE               ? 'C9 H11 N O3'    181.189 
VAL 'L-peptide linking' y VALINE                 ? 'C5 H11 N O2'    117.146 
ZN  non-polymer         . 'ZINC ION'             ? 'Zn 2'           65.409  
# 
_exptl.entry_id          2IIM 
_exptl.method            'X-RAY DIFFRACTION' 
_exptl.crystals_number   1 
# 
_exptl_crystal.id                    1 
_exptl_crystal.density_meas          ? 
_exptl_crystal.density_Matthews      2.46 
_exptl_crystal.density_percent_sol   49.92 
_exptl_crystal.description           ? 
_exptl_crystal.F_000                 ? 
_exptl_crystal.preparation           ? 
# 
_exptl_crystal_grow.crystal_id      1 
_exptl_crystal_grow.method          'VAPOR DIFFUSION, HANGING DROP' 
_exptl_crystal_grow.temp            293 
_exptl_crystal_grow.temp_details    ? 
_exptl_crystal_grow.pH              7.5 
_exptl_crystal_grow.pdbx_details    
;1 uL of protein solution (protein concentration 15 mg/mL, 20 mM Tris-HCl (pH 7.5) buffer) and 1 uL reservoir solution containing 28% PEG 400, 0.1 M HEPES buffer (pH 7.5) and 0.2 M. no addtional cryoprotectant was needed, VAPOR DIFFUSION, HANGING DROP, temperature 293K
;
_exptl_crystal_grow.pdbx_pH_range   . 
# 
_diffrn.id                     1 
_diffrn.ambient_temp           100 
_diffrn.ambient_temp_details   ? 
_diffrn.crystal_id             1 
# 
_diffrn_detector.diffrn_id              1 
_diffrn_detector.detector               'IMAGE PLATE' 
_diffrn_detector.type                   'MAR scanner 345 mm plate' 
_diffrn_detector.pdbx_collection_date   2005-03-24 
_diffrn_detector.details                ? 
# 
_diffrn_radiation.diffrn_id                        1 
_diffrn_radiation.wavelength_id                    1 
_diffrn_radiation.pdbx_monochromatic_or_laue_m_l   M 
_diffrn_radiation.monochromator                    'Si-111 crystal' 
_diffrn_radiation.pdbx_diffrn_protocol             'SINGLE WAVELENGTH' 
_diffrn_radiation.pdbx_scattering_type             x-ray 
# 
_diffrn_radiation_wavelength.id           1 
_diffrn_radiation_wavelength.wavelength   0.95379 
_diffrn_radiation_wavelength.wt           1.0 
# 
_diffrn_source.diffrn_id                   1 
_diffrn_source.source                      SYNCHROTRON 
_diffrn_source.type                        'BESSY BEAMLINE 14.2' 
_diffrn_source.pdbx_synchrotron_site       BESSY 
_diffrn_source.pdbx_synchrotron_beamline   14.2 
_diffrn_source.pdbx_wavelength             ? 
_diffrn_source.pdbx_wavelength_list        0.95379 
# 
_reflns.entry_id                     2IIM 
_reflns.observed_criterion_sigma_F   3 
_reflns.observed_criterion_sigma_I   3 
_reflns.d_resolution_high            1.0 
_reflns.d_resolution_low             50.0 
_reflns.number_all                   ? 
_reflns.number_obs                   36787 
_reflns.percent_possible_obs         99.3 
_reflns.pdbx_Rmerge_I_obs            0.052 
_reflns.pdbx_Rsym_value              ? 
_reflns.pdbx_netI_over_sigmaI        13.27 
_reflns.B_iso_Wilson_estimate        11.3 
_reflns.pdbx_redundancy              5.4 
_reflns.R_free_details               ? 
_reflns.limit_h_max                  ? 
_reflns.limit_h_min                  ? 
_reflns.limit_k_max                  ? 
_reflns.limit_k_min                  ? 
_reflns.limit_l_max                  ? 
_reflns.limit_l_min                  ? 
_reflns.observed_criterion_F_max     ? 
_reflns.observed_criterion_F_min     ? 
_reflns.pdbx_chi_squared             ? 
_reflns.pdbx_scaling_rejects         ? 
_reflns.pdbx_ordinal                 1 
_reflns.pdbx_diffrn_id               1 
# 
_reflns_shell.d_res_high             1.0 
_reflns_shell.d_res_low              1.05 
_reflns_shell.percent_possible_all   97.1 
_reflns_shell.Rmerge_I_obs           0.18 
_reflns_shell.pdbx_Rsym_value        ? 
_reflns_shell.meanI_over_sigI_obs    3.21 
_reflns_shell.pdbx_redundancy        4.8 
_reflns_shell.percent_possible_obs   ? 
_reflns_shell.number_unique_all      4865 
_reflns_shell.number_measured_all    ? 
_reflns_shell.number_measured_obs    ? 
_reflns_shell.number_unique_obs      ? 
_reflns_shell.pdbx_chi_squared       ? 
_reflns_shell.pdbx_ordinal           1 
_reflns_shell.pdbx_diffrn_id         1 
# 
_refine.entry_id                                 2IIM 
_refine.ls_d_res_high                            1.0 
_refine.ls_d_res_low                             20.0 
_refine.pdbx_ls_sigma_F                          2 
_refine.pdbx_ls_sigma_I                          2 
_refine.ls_number_reflns_all                     ? 
_refine.ls_number_reflns_obs                     36787 
_refine.ls_number_reflns_R_free                  2948 
_refine.ls_percent_reflns_obs                    99.3 
_refine.ls_R_factor_all                          0.132 
_refine.ls_R_factor_obs                          ? 
_refine.ls_R_factor_R_work                       0.132 
_refine.ls_R_factor_R_free                       0.153 
_refine.ls_redundancy_reflns_obs                 ? 
_refine.pdbx_data_cutoff_high_absF               ? 
_refine.pdbx_data_cutoff_low_absF                ? 
_refine.ls_number_parameters                     ? 
_refine.ls_number_restraints                     ? 
_refine.ls_percent_reflns_R_free                 ? 
_refine.ls_R_factor_R_free_error                 ? 
_refine.ls_R_factor_R_free_error_details         ? 
_refine.pdbx_method_to_determine_struct          'MOLECULAR REPLACEMENT' 
_refine.pdbx_starting_model                      'SH3-Domain of 1LCK' 
_refine.pdbx_ls_cross_valid_method               ? 
_refine.pdbx_R_Free_selection_details            8% 
_refine.pdbx_stereochem_target_val_spec_case     ? 
_refine.pdbx_stereochemistry_target_values       'Engh & Huber' 
_refine.solvent_model_details                    ? 
_refine.solvent_model_param_bsol                 ? 
_refine.solvent_model_param_ksol                 ? 
_refine.occupancy_max                            ? 
_refine.occupancy_min                            ? 
_refine.pdbx_isotropic_thermal_model             ? 
_refine.B_iso_mean                               ? 
_refine.aniso_B[1][1]                            ? 
_refine.aniso_B[1][2]                            ? 
_refine.aniso_B[1][3]                            ? 
_refine.aniso_B[2][2]                            ? 
_refine.aniso_B[2][3]                            ? 
_refine.aniso_B[3][3]                            ? 
_refine.details                                  ? 
_refine.B_iso_min                                ? 
_refine.B_iso_max                                ? 
_refine.correlation_coeff_Fo_to_Fc               ? 
_refine.correlation_coeff_Fo_to_Fc_free          ? 
_refine.pdbx_solvent_vdw_probe_radii             ? 
_refine.pdbx_solvent_ion_probe_radii             ? 
_refine.pdbx_solvent_shrinkage_radii             ? 
_refine.overall_SU_R_Cruickshank_DPI             ? 
_refine.overall_SU_R_free                        ? 
_refine.overall_SU_ML                            ? 
_refine.overall_SU_B                             ? 
_refine.pdbx_overall_ESU_R_Free                  ? 
_refine.pdbx_data_cutoff_high_rms_absF           ? 
_refine.pdbx_overall_ESU_R                       ? 
_refine.ls_wR_factor_R_free                      ? 
_refine.ls_wR_factor_R_work                      ? 
_refine.overall_FOM_free_R_set                   ? 
_refine.overall_FOM_work_R_set                   ? 
_refine.pdbx_refine_id                           'X-RAY DIFFRACTION' 
_refine.pdbx_overall_phase_error                 ? 
_refine.pdbx_diffrn_id                           1 
_refine.pdbx_TLS_residual_ADP_flag               ? 
_refine.pdbx_overall_SU_R_free_Cruickshank_DPI   ? 
_refine.pdbx_overall_SU_R_Blow_DPI               ? 
_refine.pdbx_overall_SU_R_free_Blow_DPI          ? 
# 
_refine_hist.pdbx_refine_id                   'X-RAY DIFFRACTION' 
_refine_hist.cycle_id                         LAST 
_refine_hist.pdbx_number_atoms_protein        489 
_refine_hist.pdbx_number_atoms_nucleic_acid   0 
_refine_hist.pdbx_number_atoms_ligand         15 
_refine_hist.number_atoms_solvent             84 
_refine_hist.number_atoms_total               588 
_refine_hist.d_res_high                       1.0 
_refine_hist.d_res_low                        20.0 
# 
loop_
_refine_ls_restr.type 
_refine_ls_restr.dev_ideal 
_refine_ls_restr.dev_ideal_target 
_refine_ls_restr.weight 
_refine_ls_restr.number 
_refine_ls_restr.pdbx_refine_id 
_refine_ls_restr.pdbx_restraint_function 
s_anti_bump_dis_restr 0.037 ? ? ? 'X-RAY DIFFRACTION' ? 
s_angle_d             0.065 ? ? ? 'X-RAY DIFFRACTION' ? 
s_bond_d              0.028 ? ? ? 'X-RAY DIFFRACTION' ? 
s_from_restr_planes   0.366 ? ? ? 'X-RAY DIFFRACTION' ? 
s_non_zero_chiral_vol 0.086 ? ? ? 'X-RAY DIFFRACTION' ? 
# 
loop_
_refine_ls_shell.pdbx_total_number_of_bins_used 
_refine_ls_shell.d_res_high 
_refine_ls_shell.d_res_low 
_refine_ls_shell.number_reflns_R_work 
_refine_ls_shell.R_factor_R_work 
_refine_ls_shell.percent_reflns_obs 
_refine_ls_shell.R_factor_R_free 
_refine_ls_shell.R_factor_R_free_error 
_refine_ls_shell.percent_reflns_R_free 
_refine_ls_shell.number_reflns_R_free 
_refine_ls_shell.number_reflns_all 
_refine_ls_shell.R_factor_all 
_refine_ls_shell.number_reflns_obs 
_refine_ls_shell.redundancy_reflns_obs 
_refine_ls_shell.pdbx_refine_id 
. 1.00 1.04 . 0.236 . . . . . . . 3571 . 'X-RAY DIFFRACTION' 
. 1.04 1.08 . 0.173 . . . . . . . 3194 . 'X-RAY DIFFRACTION' 
. 1.08 1.13 . 0.15  . . . . . . . 3462 . 'X-RAY DIFFRACTION' 
. 1.13 1.19 . 0.129 . . . . . . . 3315 . 'X-RAY DIFFRACTION' 
. 1.19 1.27 . 0.115 . . . . . . . 3370 . 'X-RAY DIFFRACTION' 
. 1.27 1.37 . 0.102 . . . . . . . 3435 . 'X-RAY DIFFRACTION' 
. 1.37 1.51 . 0.098 . . . . . . . 3357 . 'X-RAY DIFFRACTION' 
. 1.51 1.72 . 0.091 . . . . . . . 3342 . 'X-RAY DIFFRACTION' 
. 1.72 2.18 . 0.1   . . . . . . . 3408 . 'X-RAY DIFFRACTION' 
. 2.18 20   . 0.155 . . . . . . . 3385 . 'X-RAY DIFFRACTION' 
# 
_struct.entry_id                  2IIM 
_struct.title                     'SH3 Domain of Human Lck' 
_struct.pdbx_model_details        ? 
_struct.pdbx_CASP_flag            N 
_struct.pdbx_model_type_details   ? 
# 
_struct_keywords.entry_id        2IIM 
_struct_keywords.pdbx_keywords   'SIGNALING PROTEIN' 
_struct_keywords.text            'beta-barrels, SIGNALING PROTEIN' 
# 
loop_
_struct_asym.id 
_struct_asym.pdbx_blank_PDB_chainid_flag 
_struct_asym.pdbx_modified 
_struct_asym.entity_id 
_struct_asym.details 
A N N 1 ? 
B N N 2 ? 
C N N 3 ? 
D N N 4 ? 
E N N 5 ? 
# 
_struct_biol.id                    1 
_struct_biol.details               
'The second part of the proposed possible biological assembly is generated by the two fold axis:-x; -x+y; -z+1/3' 
_struct_biol.pdbx_parent_biol_id   ? 
# 
loop_
_struct_conn.id 
_struct_conn.conn_type_id 
_struct_conn.pdbx_leaving_atom_flag 
_struct_conn.pdbx_PDB_id 
_struct_conn.ptnr1_label_asym_id 
_struct_conn.ptnr1_label_comp_id 
_struct_conn.ptnr1_label_seq_id 
_struct_conn.ptnr1_label_atom_id 
_struct_conn.pdbx_ptnr1_label_alt_id 
_struct_conn.pdbx_ptnr1_PDB_ins_code 
_struct_conn.pdbx_ptnr1_standard_comp_id 
_struct_conn.ptnr1_symmetry 
_struct_conn.ptnr2_label_asym_id 
_struct_conn.ptnr2_label_comp_id 
_struct_conn.ptnr2_label_seq_id 
_struct_conn.ptnr2_label_atom_id 
_struct_conn.pdbx_ptnr2_label_alt_id 
_struct_conn.pdbx_ptnr2_PDB_ins_code 
_struct_conn.ptnr1_auth_asym_id 
_struct_conn.ptnr1_auth_comp_id 
_struct_conn.ptnr1_auth_seq_id 
_struct_conn.ptnr2_auth_asym_id 
_struct_conn.ptnr2_auth_comp_id 
_struct_conn.ptnr2_auth_seq_id 
_struct_conn.ptnr2_symmetry 
_struct_conn.pdbx_ptnr3_label_atom_id 
_struct_conn.pdbx_ptnr3_label_seq_id 
_struct_conn.pdbx_ptnr3_label_comp_id 
_struct_conn.pdbx_ptnr3_label_asym_id 
_struct_conn.pdbx_ptnr3_label_alt_id 
_struct_conn.pdbx_ptnr3_PDB_ins_code 
_struct_conn.details 
_struct_conn.pdbx_dist_value 
_struct_conn.pdbx_value_order 
_struct_conn.pdbx_role 
metalc1  metalc ? ? A GLY 1  N   ? ? ? 4_455 B ZN  . ZN ? ? A GLY 58  A ZN  500  1_555 ? ? ? ? ? ? ? 2.049 ? ? 
metalc2  metalc ? ? A GLY 1  O   ? ? ? 4_455 B ZN  . ZN ? ? A GLY 58  A ZN  500  1_555 ? ? ? ? ? ? ? 2.462 ? ? 
metalc3  metalc ? ? A HIS 13 NE2 ? ? ? 6_555 B ZN  . ZN ? ? A HIS 70  A ZN  500  1_555 ? ? ? ? ? ? ? 2.017 ? ? 
metalc4  metalc ? ? A HIS 19 ND1 ? ? ? 1_555 B ZN  . ZN ? ? A HIS 76  A ZN  500  1_555 ? ? ? ? ? ? ? 1.993 ? ? 
metalc5  metalc ? ? A ASP 22 OD2 ? ? ? 1_555 B ZN  . ZN ? ? A ASP 79  A ZN  500  1_555 ? ? ? ? ? ? ? 2.047 ? ? 
metalc6  metalc ? ? A GLU 39 OE2 ? ? ? 6_555 C CA  . CA ? ? A GLU 96  A CA  600  1_555 ? ? ? ? ? ? ? 2.747 ? ? 
metalc7  metalc ? ? A GLU 39 OE1 ? ? ? 6_555 C CA  . CA ? ? A GLU 96  A CA  600  1_555 ? ? ? ? ? ? ? 2.280 ? ? 
metalc8  metalc ? ? A LEU 46 O   ? ? ? 3_565 C CA  . CA ? ? A LEU 103 A CA  600  1_555 ? ? ? ? ? ? ? 2.383 ? ? 
metalc9  metalc ? ? A ASN 57 ND2 ? ? ? 1_555 C CA  . CA ? ? A ASN 114 A CA  600  1_555 ? ? ? ? ? ? ? 2.191 ? ? 
metalc10 metalc ? ? C CA  .  CA  ? ? ? 1_555 E HOH . O  ? ? A CA  600 A HOH 2003 1_555 ? ? ? ? ? ? ? 2.397 ? ? 
metalc11 metalc ? ? C CA  .  CA  ? ? ? 1_555 E HOH . O  ? ? A CA  600 A HOH 2004 1_555 ? ? ? ? ? ? ? 2.442 ? ? 
metalc12 metalc ? ? C CA  .  CA  ? ? ? 1_555 E HOH . O  ? ? A CA  600 A HOH 2005 1_555 ? ? ? ? ? ? ? 2.428 ? ? 
# 
_struct_conn_type.id          metalc 
_struct_conn_type.criteria    ? 
_struct_conn_type.reference   ? 
# 
_struct_sheet.id               A 
_struct_sheet.type             ? 
_struct_sheet.number_strands   5 
_struct_sheet.details          ? 
# 
loop_
_struct_sheet_order.sheet_id 
_struct_sheet_order.range_id_1 
_struct_sheet_order.range_id_2 
_struct_sheet_order.offset 
_struct_sheet_order.sense 
A 1 2 ? anti-parallel 
A 2 3 ? anti-parallel 
A 3 4 ? anti-parallel 
A 4 5 ? anti-parallel 
# 
loop_
_struct_sheet_range.sheet_id 
_struct_sheet_range.id 
_struct_sheet_range.beg_label_comp_id 
_struct_sheet_range.beg_label_asym_id 
_struct_sheet_range.beg_label_seq_id 
_struct_sheet_range.pdbx_beg_PDB_ins_code 
_struct_sheet_range.end_label_comp_id 
_struct_sheet_range.end_label_asym_id 
_struct_sheet_range.end_label_seq_id 
_struct_sheet_range.pdbx_end_PDB_ins_code 
_struct_sheet_range.beg_auth_comp_id 
_struct_sheet_range.beg_auth_asym_id 
_struct_sheet_range.beg_auth_seq_id 
_struct_sheet_range.end_auth_comp_id 
_struct_sheet_range.end_auth_asym_id 
_struct_sheet_range.end_auth_seq_id 
A 1 GLU A 51 ? PRO A 55 ? GLU A 108 PRO A 112 
A 2 TRP A 40 ? SER A 45 ? TRP A 97  SER A 102 
A 3 GLN A 30 ? GLU A 35 ? GLN A 87  GLU A 92  
A 4 LEU A 8  ? ALA A 11 ? LEU A 65  ALA A 68  
A 5 VAL A 59 ? LYS A 61 ? VAL A 116 LYS A 118 
# 
loop_
_pdbx_struct_sheet_hbond.sheet_id 
_pdbx_struct_sheet_hbond.range_id_1 
_pdbx_struct_sheet_hbond.range_id_2 
_pdbx_struct_sheet_hbond.range_1_label_atom_id 
_pdbx_struct_sheet_hbond.range_1_label_comp_id 
_pdbx_struct_sheet_hbond.range_1_label_asym_id 
_pdbx_struct_sheet_hbond.range_1_label_seq_id 
_pdbx_struct_sheet_hbond.range_1_PDB_ins_code 
_pdbx_struct_sheet_hbond.range_1_auth_atom_id 
_pdbx_struct_sheet_hbond.range_1_auth_comp_id 
_pdbx_struct_sheet_hbond.range_1_auth_asym_id 
_pdbx_struct_sheet_hbond.range_1_auth_seq_id 
_pdbx_struct_sheet_hbond.range_2_label_atom_id 
_pdbx_struct_sheet_hbond.range_2_label_comp_id 
_pdbx_struct_sheet_hbond.range_2_label_asym_id 
_pdbx_struct_sheet_hbond.range_2_label_seq_id 
_pdbx_struct_sheet_hbond.range_2_PDB_ins_code 
_pdbx_struct_sheet_hbond.range_2_auth_atom_id 
_pdbx_struct_sheet_hbond.range_2_auth_comp_id 
_pdbx_struct_sheet_hbond.range_2_auth_asym_id 
_pdbx_struct_sheet_hbond.range_2_auth_seq_id 
A 1 2 O GLY A 52 ? O GLY A 109 N ALA A 43 ? N ALA A 100 
A 2 3 O LYS A 42 ? O LYS A 99  N LEU A 34 ? N LEU A 91  
A 3 4 O LEU A 31 ? O LEU A 88  N VAL A 9  ? N VAL A 66  
A 4 5 N ILE A 10 ? N ILE A 67  O ALA A 60 ? O ALA A 117 
# 
loop_
_struct_site.id 
_struct_site.pdbx_evidence_code 
_struct_site.pdbx_auth_asym_id 
_struct_site.pdbx_auth_comp_id 
_struct_site.pdbx_auth_seq_id 
_struct_site.pdbx_auth_ins_code 
_struct_site.pdbx_num_residues 
_struct_site.details 
AC1 Software A ZN  500 ? 4  'BINDING SITE FOR RESIDUE ZN A 500'  
AC2 Software A CA  600 ? 6  'BINDING SITE FOR RESIDUE CA A 600'  
AC3 Software A PG4 700 ? 15 'BINDING SITE FOR RESIDUE PG4 A 700' 
# 
loop_
_struct_site_gen.id 
_struct_site_gen.site_id 
_struct_site_gen.pdbx_num_res 
_struct_site_gen.label_comp_id 
_struct_site_gen.label_asym_id 
_struct_site_gen.label_seq_id 
_struct_site_gen.pdbx_auth_ins_code 
_struct_site_gen.auth_comp_id 
_struct_site_gen.auth_asym_id 
_struct_site_gen.auth_seq_id 
_struct_site_gen.label_atom_id 
_struct_site_gen.label_alt_id 
_struct_site_gen.symmetry 
_struct_site_gen.details 
1  AC1 4  GLY A 1  ? GLY A 58   . ? 4_455 ? 
2  AC1 4  HIS A 13 ? HIS A 70   . ? 6_555 ? 
3  AC1 4  HIS A 19 ? HIS A 76   . ? 1_555 ? 
4  AC1 4  ASP A 22 ? ASP A 79   . ? 1_555 ? 
5  AC2 6  GLU A 39 ? GLU A 96   . ? 6_555 ? 
6  AC2 6  LEU A 46 ? LEU A 103  . ? 3_565 ? 
7  AC2 6  ASN A 57 ? ASN A 114  . ? 1_555 ? 
8  AC2 6  HOH E .  ? HOH A 2003 . ? 1_555 ? 
9  AC2 6  HOH E .  ? HOH A 2004 . ? 1_555 ? 
10 AC2 6  HOH E .  ? HOH A 2005 . ? 1_555 ? 
11 AC3 15 GLY A 1  ? GLY A 58   . ? 4_455 ? 
12 AC3 15 SER A 2  ? SER A 59   . ? 4_455 ? 
13 AC3 15 ILE A 10 ? ILE A 67   . ? 5_565 ? 
14 AC3 15 HIS A 13 ? HIS A 70   . ? 6_555 ? 
15 AC3 15 GLY A 28 ? GLY A 85   . ? 5_565 ? 
16 AC3 15 GLN A 30 ? GLN A 87   . ? 5_565 ? 
17 AC3 15 GLU A 39 ? GLU A 96   . ? 1_555 ? 
18 AC3 15 TRP A 40 ? TRP A 97   . ? 1_555 ? 
19 AC3 15 ASN A 57 ? ASN A 114  . ? 6_555 ? 
20 AC3 15 HOH E .  ? HOH A 2002 . ? 1_555 ? 
21 AC3 15 HOH E .  ? HOH A 2030 . ? 5_565 ? 
22 AC3 15 HOH E .  ? HOH A 2064 . ? 1_555 ? 
23 AC3 15 HOH E .  ? HOH A 2065 . ? 1_555 ? 
24 AC3 15 HOH E .  ? HOH A 2072 . ? 1_555 ? 
25 AC3 15 HOH E .  ? HOH A 2083 . ? 4_455 ? 
# 
_atom_sites.entry_id                    2IIM 
_atom_sites.fract_transf_matrix[1][1]   -0.01622905 
_atom_sites.fract_transf_matrix[1][2]   -0.01529747 
_atom_sites.fract_transf_matrix[1][3]   -0.00542210 
_atom_sites.fract_transf_matrix[2][1]   0.00368542 
_atom_sites.fract_transf_matrix[2][2]   -0.01516213 
_atom_sites.fract_transf_matrix[2][3]   -0.01683216 
_atom_sites.fract_transf_matrix[3][1]   0.00828567 
_atom_sites.fract_transf_matrix[3][2]   -0.01385773 
_atom_sites.fract_transf_matrix[3][3]   0.01429697 
_atom_sites.fract_transf_vector[1]      0.113936 
_atom_sites.fract_transf_vector[2]      0.481473 
_atom_sites.fract_transf_vector[3]      0.107709 
# 
loop_
_atom_type.symbol 
C  
CA 
N  
O  
ZN 
# 
loop_
_atom_site.group_PDB 
_atom_site.id 
_atom_site.type_symbol 
_atom_site.label_atom_id 
_atom_site.label_alt_id 
_atom_site.label_comp_id 
_atom_site.label_asym_id 
_atom_site.label_entity_id 
_atom_site.label_seq_id 
_atom_site.pdbx_PDB_ins_code 
_atom_site.Cartn_x 
_atom_site.Cartn_y 
_atom_site.Cartn_z 
_atom_site.occupancy 
_atom_site.B_iso_or_equiv 
_atom_site.pdbx_formal_charge 
_atom_site.auth_seq_id 
_atom_site.auth_comp_id 
_atom_site.auth_asym_id 
_atom_site.auth_atom_id 
_atom_site.pdbx_PDB_model_num 
ATOM   1   N  N   . GLY A 1 1  ? -3.573  -2.517  -20.416 1.00 7.18  ? 58   GLY A N   1 
ATOM   2   C  CA  . GLY A 1 1  ? -4.824  -2.332  -19.624 1.00 9.35  ? 58   GLY A CA  1 
ATOM   3   C  C   . GLY A 1 1  ? -4.797  -0.997  -18.931 1.00 6.89  ? 58   GLY A C   1 
ATOM   4   O  O   . GLY A 1 1  ? -4.130  -0.060  -19.349 1.00 7.19  ? 58   GLY A O   1 
ATOM   5   N  N   . SER A 1 2  ? -5.581  -0.908  -17.852 1.00 7.99  ? 59   SER A N   1 
ATOM   6   C  CA  . SER A 1 2  ? -5.806  0.333   -17.166 1.00 8.31  ? 59   SER A CA  1 
ATOM   7   C  C   . SER A 1 2  ? -4.618  0.749   -16.359 1.00 7.50  ? 59   SER A C   1 
ATOM   8   O  O   . SER A 1 2  ? -3.675  -0.005  -16.137 1.00 7.54  ? 59   SER A O   1 
ATOM   9   C  CB  . SER A 1 2  ? -7.016  0.173   -16.208 1.00 10.60 ? 59   SER A CB  1 
ATOM   10  O  OG  . SER A 1 2  ? -6.629  -0.294  -14.946 1.00 10.74 ? 59   SER A OG  1 
ATOM   11  N  N   . PRO A 1 3  ? -4.646  1.977   -15.816 1.00 8.38  ? 60   PRO A N   1 
ATOM   12  C  CA  . PRO A 1 3  ? -3.558  2.442   -14.955 1.00 10.16 ? 60   PRO A CA  1 
ATOM   13  C  C   . PRO A 1 3  ? -3.423  1.661   -13.665 1.00 8.75  ? 60   PRO A C   1 
ATOM   14  O  O   . PRO A 1 3  ? -2.415  1.806   -12.977 1.00 11.47 ? 60   PRO A O   1 
ATOM   15  C  CB  . PRO A 1 3  ? -3.923  3.931   -14.688 1.00 14.56 ? 60   PRO A CB  1 
ATOM   16  C  CG  . PRO A 1 3  ? -4.782  4.311   -15.815 1.00 18.46 ? 60   PRO A CG  1 
ATOM   17  C  CD  . PRO A 1 3  ? -5.593  3.088   -16.105 1.00 11.98 ? 60   PRO A CD  1 
ATOM   18  N  N   . LEU A 1 4  ? -4.389  0.836   -13.283 1.00 7.69  ? 61   LEU A N   1 
ATOM   19  C  CA  . LEU A 1 4  ? -4.244  0.003   -12.114 1.00 7.70  ? 61   LEU A CA  1 
ATOM   20  C  C   . LEU A 1 4  ? -3.347  -1.194  -12.346 1.00 8.00  ? 61   LEU A C   1 
ATOM   21  O  O   . LEU A 1 4  ? -2.900  -1.807  -11.412 1.00 8.86  ? 61   LEU A O   1 
ATOM   22  C  CB  . LEU A 1 4  ? -5.619  -0.490  -11.649 1.00 8.71  ? 61   LEU A CB  1 
ATOM   23  C  CG  . LEU A 1 4  ? -6.614  0.624   -11.286 1.00 9.97  ? 61   LEU A CG  1 
ATOM   24  C  CD1 . LEU A 1 4  ? -7.933  0.030   -10.804 1.00 12.56 ? 61   LEU A CD1 1 
ATOM   25  C  CD2 . LEU A 1 4  ? -6.042  1.592   -10.275 1.00 13.46 ? 61   LEU A CD2 1 
ATOM   26  N  N   . GLN A 1 5  ? -3.130  -1.533  -13.628 1.00 9.47  ? 62   GLN A N   1 
ATOM   27  C  CA  . GLN A 1 5  ? -2.271  -2.646  -13.954 1.00 11.48 ? 62   GLN A CA  1 
ATOM   28  C  C   . GLN A 1 5  ? -0.895  -2.509  -13.281 1.00 12.05 ? 62   GLN A C   1 
ATOM   29  O  O   . GLN A 1 5  ? -0.318  -1.428  -13.392 1.00 13.62 ? 62   GLN A O   1 
ATOM   30  C  CB  . GLN A 1 5  ? -2.184  -2.704  -15.482 1.00 14.43 ? 62   GLN A CB  1 
ATOM   31  C  CG  . GLN A 1 5  ? -1.347  -3.846  -16.020 1.00 19.02 ? 62   GLN A CG  1 
ATOM   32  C  CD  . GLN A 1 5  ? -1.383  -3.771  -17.520 1.00 14.94 ? 62   GLN A CD  1 
ATOM   33  O  OE1 . GLN A 1 5  ? -2.448  -3.984  -18.128 1.00 13.34 ? 62   GLN A OE1 1 
ATOM   34  N  NE2 . GLN A 1 5  ? -0.295  -3.406  -18.158 1.00 14.04 ? 62   GLN A NE2 1 
ATOM   35  N  N   A ASP A 1 6  ? -0.169  -3.346  -12.545 0.50 10.83 ? 63   ASP A N   1 
ATOM   36  N  N   B ASP A 1 6  ? -0.613  -3.700  -12.689 0.50 11.89 ? 63   ASP A N   1 
ATOM   37  C  CA  A ASP A 1 6  ? 1.104   -3.290  -11.806 0.50 11.66 ? 63   ASP A CA  1 
ATOM   38  C  CA  B ASP A 1 6  ? 0.624   -3.913  -12.032 0.50 13.44 ? 63   ASP A CA  1 
ATOM   39  C  C   A ASP A 1 6  ? 1.065   -2.363  -10.608 0.50 10.31 ? 63   ASP A C   1 
ATOM   40  C  C   B ASP A 1 6  ? 0.708   -2.891  -10.875 0.50 13.88 ? 63   ASP A C   1 
ATOM   41  O  O   A ASP A 1 6  ? 2.035   -2.035  -9.939  0.50 12.03 ? 63   ASP A O   1 
ATOM   42  O  O   B ASP A 1 6  ? 1.834   -2.972  -10.329 0.50 16.26 ? 63   ASP A O   1 
ATOM   43  C  CB  A ASP A 1 6  ? 2.297   -2.964  -12.711 0.50 11.68 ? 63   ASP A CB  1 
ATOM   44  C  CB  B ASP A 1 6  ? 1.612   -3.979  -13.228 0.50 12.93 ? 63   ASP A CB  1 
ATOM   45  C  CG  A ASP A 1 6  ? 3.641   -3.182  -12.024 0.50 13.30 ? 63   ASP A CG  1 
ATOM   46  C  CG  B ASP A 1 6  ? 1.652   -5.183  -14.145 0.50 22.14 ? 63   ASP A CG  1 
ATOM   47  O  OD1 A ASP A 1 6  ? 4.465   -2.262  -12.062 0.50 16.89 ? 63   ASP A OD1 1 
ATOM   48  O  OD1 B ASP A 1 6  ? 1.308   -6.375  -13.834 0.50 18.82 ? 63   ASP A OD1 1 
ATOM   49  O  OD2 A ASP A 1 6  ? 3.877   -4.249  -11.447 0.50 17.88 ? 63   ASP A OD2 1 
ATOM   50  O  OD2 B ASP A 1 6  ? 2.053   -5.262  -15.369 0.50 17.28 ? 63   ASP A OD2 1 
ATOM   51  N  N   . ASN A 1 7  ? -0.224  -2.071  -10.364 1.00 11.99 ? 64   ASN A N   1 
ATOM   52  C  CA  . ASN A 1 7  ? -0.285  -1.071  -9.303  1.00 12.44 ? 64   ASN A CA  1 
ATOM   53  C  C   . ASN A 1 7  ? -1.291  -1.355  -8.208  1.00 10.40 ? 64   ASN A C   1 
ATOM   54  O  O   . ASN A 1 7  ? -1.697  -0.483  -7.477  1.00 15.17 ? 64   ASN A O   1 
ATOM   55  C  CB  . ASN A 1 7  ? -0.569  0.308   -9.906  1.00 12.60 ? 64   ASN A CB  1 
ATOM   56  C  CG  . ASN A 1 7  ? 0.478   0.987   -10.713 1.00 15.67 ? 64   ASN A CG  1 
ATOM   57  O  OD1 . ASN A 1 7  ? 0.200   1.559   -11.787 1.00 19.89 ? 64   ASN A OD1 1 
ATOM   58  N  ND2 . ASN A 1 7  ? 1.656   0.933   -10.258 1.00 17.52 ? 64   ASN A ND2 1 
ATOM   59  N  N   . LEU A 1 8  ? -1.665  -2.643  -8.130  1.00 9.52  ? 65   LEU A N   1 
ATOM   60  C  CA  . LEU A 1 8  ? -2.545  -3.092  -7.049  1.00 8.58  ? 65   LEU A CA  1 
ATOM   61  C  C   . LEU A 1 8  ? -1.842  -4.145  -6.202  1.00 8.67  ? 65   LEU A C   1 
ATOM   62  O  O   . LEU A 1 8  ? -1.190  -5.097  -6.727  1.00 10.01 ? 65   LEU A O   1 
ATOM   63  C  CB  . LEU A 1 8  ? -3.842  -3.683  -7.572  1.00 9.59  ? 65   LEU A CB  1 
ATOM   64  C  CG  . LEU A 1 8  ? -4.755  -2.718  -8.278  1.00 9.73  ? 65   LEU A CG  1 
ATOM   65  C  CD1 . LEU A 1 8  ? -5.935  -3.487  -8.886  1.00 12.91 ? 65   LEU A CD1 1 
ATOM   66  C  CD2 . LEU A 1 8  ? -5.209  -1.572  -7.381  1.00 15.59 ? 65   LEU A CD2 1 
ATOM   67  N  N   . VAL A 1 9  ? -1.946  -3.999  -4.894  1.00 7.89  ? 66   VAL A N   1 
ATOM   68  C  CA  . VAL A 1 9  ? -1.360  -4.921  -3.970  1.00 7.29  ? 66   VAL A CA  1 
ATOM   69  C  C   . VAL A 1 9  ? -2.359  -5.343  -2.900  1.00 6.76  ? 66   VAL A C   1 
ATOM   70  O  O   . VAL A 1 9  ? -3.344  -4.644  -2.662  1.00 7.76  ? 66   VAL A O   1 
ATOM   71  C  CB  . VAL A 1 9  ? -0.106  -4.337  -3.249  1.00 7.65  ? 66   VAL A CB  1 
ATOM   72  C  CG1 . VAL A 1 9  ? 0.965   -3.965  -4.231  1.00 9.21  ? 66   VAL A CG1 1 
ATOM   73  C  CG2 . VAL A 1 9  ? -0.502  -3.141  -2.376  1.00 8.31  ? 66   VAL A CG2 1 
ATOM   74  N  N   . ILE A 1 10 ? -2.088  -6.494  -2.282  1.00 7.31  ? 67   ILE A N   1 
ATOM   75  C  CA  . ILE A 1 10 ? -2.838  -7.005  -1.148  1.00 6.85  ? 67   ILE A CA  1 
ATOM   76  C  C   . ILE A 1 10 ? -1.884  -7.070  0.037   1.00 6.33  ? 67   ILE A C   1 
ATOM   77  O  O   . ILE A 1 10 ? -0.746  -7.556  -0.092  1.00 6.91  ? 67   ILE A O   1 
ATOM   78  C  CB  . ILE A 1 10 ? -3.384  -8.427  -1.460  1.00 9.37  ? 67   ILE A CB  1 
ATOM   79  C  CG1 . ILE A 1 10 ? -4.239  -8.448  -2.718  1.00 10.83 ? 67   ILE A CG1 1 
ATOM   80  C  CG2 . ILE A 1 10 ? -4.123  -8.958  -0.248  1.00 11.46 ? 67   ILE A CG2 1 
ATOM   81  C  CD1 . ILE A 1 10 ? -5.572  -7.753  -2.511  1.00 15.19 ? 67   ILE A CD1 1 
ATOM   82  N  N   . ALA A 1 11 ? -2.355  -6.609  1.194   1.00 6.16  ? 68   ALA A N   1 
ATOM   83  C  CA  . ALA A 1 11 ? -1.538  -6.680  2.382   1.00 6.41  ? 68   ALA A CA  1 
ATOM   84  C  C   . ALA A 1 11 ? -1.433  -8.114  2.878   1.00 6.16  ? 68   ALA A C   1 
ATOM   85  O  O   . ALA A 1 11 ? -2.441  -8.825  3.109   1.00 7.82  ? 68   ALA A O   1 
ATOM   86  C  CB  . ALA A 1 11 ? -2.149  -5.797  3.456   1.00 6.92  ? 68   ALA A CB  1 
ATOM   87  N  N   . LEU A 1 12 ? -0.208  -8.555  3.091   1.00 6.19  ? 69   LEU A N   1 
ATOM   88  C  CA  . LEU A 1 12 ? 0.132   -9.839  3.615   1.00 6.78  ? 69   LEU A CA  1 
ATOM   89  C  C   . LEU A 1 12 ? 0.083   -9.904  5.138   1.00 6.67  ? 69   LEU A C   1 
ATOM   90  O  O   . LEU A 1 12 ? -0.015  -10.986 5.719   1.00 7.92  ? 69   LEU A O   1 
ATOM   91  C  CB  . LEU A 1 12 ? 1.578   -10.205 3.213   1.00 7.67  ? 69   LEU A CB  1 
ATOM   92  C  CG  . LEU A 1 12 ? 1.793   -10.315 1.705   1.00 8.36  ? 69   LEU A CG  1 
ATOM   93  C  CD1 . LEU A 1 12 ? 3.292   -10.402 1.450   1.00 9.93  ? 69   LEU A CD1 1 
ATOM   94  C  CD2 . LEU A 1 12 ? 1.083   -11.499 1.087   1.00 9.61  ? 69   LEU A CD2 1 
ATOM   95  N  N   . HIS A 1 13 ? 0.214   -8.732  5.767   1.00 6.78  ? 70   HIS A N   1 
ATOM   96  C  CA  . HIS A 1 13 ? 0.284   -8.584  7.210   1.00 6.54  ? 70   HIS A CA  1 
ATOM   97  C  C   . HIS A 1 13 ? -0.278  -7.173  7.508   1.00 6.11  ? 70   HIS A C   1 
ATOM   98  O  O   . HIS A 1 13 ? -0.105  -6.271  6.672   1.00 7.04  ? 70   HIS A O   1 
ATOM   99  C  CB  . HIS A 1 13 ? 1.715   -8.716  7.681   1.00 6.86  ? 70   HIS A CB  1 
ATOM   100 C  CG  . HIS A 1 13 ? 1.930   -8.857  9.148   1.00 6.35  ? 70   HIS A CG  1 
ATOM   101 N  ND1 . HIS A 1 13 ? 1.805   -7.838  10.056  1.00 6.19  ? 70   HIS A ND1 1 
ATOM   102 C  CD2 . HIS A 1 13 ? 2.340   -9.954  9.851   1.00 6.52  ? 70   HIS A CD2 1 
ATOM   103 C  CE1 . HIS A 1 13 ? 2.094   -8.320  11.256  1.00 6.41  ? 70   HIS A CE1 1 
ATOM   104 N  NE2 . HIS A 1 13 ? 2.423   -9.606  11.186  1.00 6.59  ? 70   HIS A NE2 1 
ATOM   105 N  N   . SER A 1 14 ? -0.909  -6.997  8.638   1.00 6.28  ? 71   SER A N   1 
ATOM   106 C  CA  . SER A 1 14 ? -1.320  -5.673  9.053   1.00 6.46  ? 71   SER A CA  1 
ATOM   107 C  C   . SER A 1 14 ? -0.112  -4.787  9.323   1.00 5.97  ? 71   SER A C   1 
ATOM   108 O  O   . SER A 1 14 ? 0.996   -5.261  9.613   1.00 6.15  ? 71   SER A O   1 
ATOM   109 C  CB  . SER A 1 14 ? -2.203  -5.762  10.299  1.00 7.65  ? 71   SER A CB  1 
ATOM   110 O  OG  . SER A 1 14 ? -1.506  -6.351  11.360  1.00 9.58  ? 71   SER A OG  1 
ATOM   111 N  N   . TYR A 1 15 ? -0.355  -3.479  9.258   1.00 6.15  ? 72   TYR A N   1 
ATOM   112 C  CA  . TYR A 1 15 ? 0.704   -2.517  9.529   1.00 5.86  ? 72   TYR A CA  1 
ATOM   113 C  C   . TYR A 1 15 ? 0.092   -1.350  10.303  1.00 6.18  ? 72   TYR A C   1 
ATOM   114 O  O   . TYR A 1 15 ? -0.931  -0.797  9.897   1.00 7.53  ? 72   TYR A O   1 
ATOM   115 C  CB  . TYR A 1 15 ? 1.390   -2.031  8.225   1.00 6.06  ? 72   TYR A CB  1 
ATOM   116 C  CG  . TYR A 1 15 ? 2.518   -1.080  8.576   1.00 5.81  ? 72   TYR A CG  1 
ATOM   117 C  CD1 . TYR A 1 15 ? 3.571   -1.529  9.366   1.00 6.59  ? 72   TYR A CD1 1 
ATOM   118 C  CD2 . TYR A 1 15 ? 2.511   0.262   8.171   1.00 6.13  ? 72   TYR A CD2 1 
ATOM   119 C  CE1 . TYR A 1 15 ? 4.612   -0.693  9.734   1.00 6.42  ? 72   TYR A CE1 1 
ATOM   120 C  CE2 . TYR A 1 15 ? 3.545   1.106   8.591   1.00 6.23  ? 72   TYR A CE2 1 
ATOM   121 C  CZ  . TYR A 1 15 ? 4.584   0.625   9.372   1.00 6.02  ? 72   TYR A CZ  1 
ATOM   122 O  OH  . TYR A 1 15 ? 5.580   1.465   9.811   1.00 6.74  ? 72   TYR A OH  1 
ATOM   123 N  N   A GLU A 1 16 ? 0.736   -0.970  11.403  0.50 5.29  ? 73   GLU A N   1 
ATOM   124 N  N   B GLU A 1 16 ? 0.755   -0.992  11.397  0.50 8.05  ? 73   GLU A N   1 
ATOM   125 C  CA  A GLU A 1 16 ? 0.396   0.179   12.235  0.50 6.91  ? 73   GLU A CA  1 
ATOM   126 C  CA  B GLU A 1 16 ? 0.400   0.198   12.169  0.50 7.80  ? 73   GLU A CA  1 
ATOM   127 C  C   A GLU A 1 16 ? 1.513   1.189   12.087  0.50 5.89  ? 73   GLU A C   1 
ATOM   128 C  C   B GLU A 1 16 ? 1.532   1.192   12.088  0.50 7.79  ? 73   GLU A C   1 
ATOM   129 O  O   A GLU A 1 16 ? 2.667   0.853   12.404  0.50 7.41  ? 73   GLU A O   1 
ATOM   130 O  O   B GLU A 1 16 ? 2.670   0.860   12.441  0.50 7.19  ? 73   GLU A O   1 
ATOM   131 C  CB  A GLU A 1 16 ? 0.261   -0.265  13.694  0.50 8.41  ? 73   GLU A CB  1 
ATOM   132 C  CB  B GLU A 1 16 ? 0.132   -0.151  13.638  0.50 11.10 ? 73   GLU A CB  1 
ATOM   133 C  CG  A GLU A 1 16 ? -0.038  0.869   14.631  0.50 10.00 ? 73   GLU A CG  1 
ATOM   134 C  CG  B GLU A 1 16 ? -1.305  -0.651  13.684  0.50 13.62 ? 73   GLU A CG  1 
ATOM   135 C  CD  A GLU A 1 16 ? -1.238  1.717   14.432  0.50 16.65 ? 73   GLU A CD  1 
ATOM   136 C  CD  B GLU A 1 16 ? -1.741  -1.162  15.022  0.50 18.80 ? 73   GLU A CD  1 
ATOM   137 O  OE1 A GLU A 1 16 ? -1.152  2.924   14.830  0.50 26.68 ? 73   GLU A OE1 1 
ATOM   138 O  OE1 B GLU A 1 16 ? -2.931  -1.595  15.039  0.50 25.14 ? 73   GLU A OE1 1 
ATOM   139 O  OE2 A GLU A 1 16 ? -2.224  1.174   13.892  0.50 21.45 ? 73   GLU A OE2 1 
ATOM   140 O  OE2 B GLU A 1 16 ? -0.954  -1.153  15.999  0.50 20.02 ? 73   GLU A OE2 1 
ATOM   141 N  N   . PRO A 1 17 ? 1.265   2.389   11.609  1.00 6.85  ? 74   PRO A N   1 
ATOM   142 C  CA  . PRO A 1 17 ? 2.326   3.355   11.392  1.00 7.13  ? 74   PRO A CA  1 
ATOM   143 C  C   . PRO A 1 17 ? 2.800   4.001   12.707  1.00 7.09  ? 74   PRO A C   1 
ATOM   144 O  O   . PRO A 1 17 ? 2.082   4.012   13.703  1.00 8.66  ? 74   PRO A O   1 
ATOM   145 C  CB  . PRO A 1 17 ? 1.707   4.376   10.469  1.00 8.82  ? 74   PRO A CB  1 
ATOM   146 C  CG  . PRO A 1 17 ? 0.258   4.373   10.857  1.00 9.61  ? 74   PRO A CG  1 
ATOM   147 C  CD  . PRO A 1 17 ? -0.031  2.930   11.172  1.00 8.96  ? 74   PRO A CD  1 
ATOM   148 N  N   . SER A 1 18 ? 4.028   4.517   12.622  1.00 7.12  ? 75   SER A N   1 
ATOM   149 C  CA  . SER A 1 18 ? 4.660   5.155   13.763  1.00 7.52  ? 75   SER A CA  1 
ATOM   150 C  C   . SER A 1 18 ? 5.434   6.374   13.343  1.00 8.69  ? 75   SER A C   1 
ATOM   151 O  O   . SER A 1 18 ? 6.434   6.703   13.968  1.00 12.62 ? 75   SER A O   1 
ATOM   152 C  CB  . SER A 1 18 ? 5.474   4.134   14.584  1.00 9.90  ? 75   SER A CB  1 
ATOM   153 O  OG  . SER A 1 18 ? 6.341   3.402   13.747  1.00 9.35  ? 75   SER A OG  1 
ATOM   154 N  N   . HIS A 1 19 ? 4.991   7.012   12.248  1.00 8.56  ? 76   HIS A N   1 
ATOM   155 C  CA  . HIS A 1 19 ? 5.724   8.108   11.605  1.00 8.90  ? 76   HIS A CA  1 
ATOM   156 C  C   . HIS A 1 19 ? 4.655   8.833   10.792  1.00 9.51  ? 76   HIS A C   1 
ATOM   157 O  O   . HIS A 1 19 ? 3.950   8.211   9.962   1.00 9.63  ? 76   HIS A O   1 
ATOM   158 C  CB  . HIS A 1 19 ? 6.863   7.594   10.757  1.00 8.86  ? 76   HIS A CB  1 
ATOM   159 C  CG  . HIS A 1 19 ? 7.549   8.569   9.888   1.00 9.02  ? 76   HIS A CG  1 
ATOM   160 N  ND1 . HIS A 1 19 ? 8.143   8.132   8.731   1.00 7.79  ? 76   HIS A ND1 1 
ATOM   161 C  CD2 . HIS A 1 19 ? 7.721   9.897   9.998   1.00 10.87 ? 76   HIS A CD2 1 
ATOM   162 C  CE1 . HIS A 1 19 ? 8.692   9.234   8.149   1.00 8.58  ? 76   HIS A CE1 1 
ATOM   163 N  NE2 . HIS A 1 19 ? 8.457   10.307  8.882   1.00 10.99 ? 76   HIS A NE2 1 
ATOM   164 N  N   . ASP A 1 20 ? 4.471   10.137  10.989  1.00 10.47 ? 77   ASP A N   1 
ATOM   165 C  CA  . ASP A 1 20 ? 3.514   10.903  10.258  1.00 11.76 ? 77   ASP A CA  1 
ATOM   166 C  C   . ASP A 1 20 ? 3.677   10.711  8.764   1.00 10.49 ? 77   ASP A C   1 
ATOM   167 O  O   . ASP A 1 20 ? 4.807   10.810  8.265   1.00 12.39 ? 77   ASP A O   1 
ATOM   168 C  CB  . ASP A 1 20 ? 3.734   12.377  10.583  1.00 16.67 ? 77   ASP A CB  1 
ATOM   169 C  CG  . ASP A 1 20 ? 3.276   12.776  11.958  1.00 18.88 ? 77   ASP A CG  1 
ATOM   170 O  OD1 . ASP A 1 20 ? 2.777   11.989  12.766  1.00 27.00 ? 77   ASP A OD1 1 
ATOM   171 O  OD2 . ASP A 1 20 ? 3.439   13.983  12.166  1.00 28.47 ? 77   ASP A OD2 1 
ATOM   172 N  N   . GLY A 1 21 ? 2.603   10.488  8.014   1.00 10.70 ? 78   GLY A N   1 
ATOM   173 C  CA  . GLY A 1 21 ? 2.683   10.301  6.571   1.00 10.91 ? 78   GLY A CA  1 
ATOM   174 C  C   . GLY A 1 21 ? 2.814   8.855   6.152   1.00 8.13  ? 78   GLY A C   1 
ATOM   175 O  O   . GLY A 1 21 ? 2.700   8.587   4.951   1.00 10.29 ? 78   GLY A O   1 
ATOM   176 N  N   . ASP A 1 22 ? 3.046   7.949   7.083   1.00 6.94  ? 79   ASP A N   1 
ATOM   177 C  CA  . ASP A 1 22 ? 3.049   6.524   6.767   1.00 6.49  ? 79   ASP A CA  1 
ATOM   178 C  C   . ASP A 1 22 ? 1.614   6.009   6.923   1.00 7.10  ? 79   ASP A C   1 
ATOM   179 O  O   . ASP A 1 22 ? 0.841   6.445   7.778   1.00 9.61  ? 79   ASP A O   1 
ATOM   180 C  CB  . ASP A 1 22 ? 4.024   5.777   7.634   1.00 6.41  ? 79   ASP A CB  1 
ATOM   181 C  CG  . ASP A 1 22 ? 5.473   6.134   7.330   1.00 6.24  ? 79   ASP A CG  1 
ATOM   182 O  OD1 . ASP A 1 22 ? 5.753   6.797   6.327   1.00 7.34  ? 79   ASP A OD1 1 
ATOM   183 O  OD2 . ASP A 1 22 ? 6.369   5.664   8.122   1.00 6.27  ? 79   ASP A OD2 1 
ATOM   184 N  N   . LEU A 1 23 ? 1.233   5.054   6.105   1.00 6.79  ? 80   LEU A N   1 
ATOM   185 C  CA  . LEU A 1 23 ? -0.125  4.545   6.002   1.00 7.07  ? 80   LEU A CA  1 
ATOM   186 C  C   . LEU A 1 23 ? -0.237  3.164   6.618   1.00 6.99  ? 80   LEU A C   1 
ATOM   187 O  O   . LEU A 1 23 ? 0.511   2.257   6.239   1.00 7.47  ? 80   LEU A O   1 
ATOM   188 C  CB  . LEU A 1 23 ? -0.539  4.490   4.532   1.00 7.30  ? 80   LEU A CB  1 
ATOM   189 C  CG  . LEU A 1 23 ? -1.893  3.944   4.165   1.00 8.59  ? 80   LEU A CG  1 
ATOM   190 C  CD1 . LEU A 1 23 ? -3.019  4.831   4.723   1.00 11.36 ? 80   LEU A CD1 1 
ATOM   191 C  CD2 . LEU A 1 23 ? -2.072  3.798   2.686   1.00 10.61 ? 80   LEU A CD2 1 
ATOM   192 N  N   . GLY A 1 24 ? -1.165  3.012   7.546   1.00 7.98  ? 81   GLY A N   1 
ATOM   193 C  CA  . GLY A 1 24 ? -1.521  1.715   8.097   1.00 8.69  ? 81   GLY A CA  1 
ATOM   194 C  C   . GLY A 1 24 ? -2.567  1.004   7.266   1.00 7.18  ? 81   GLY A C   1 
ATOM   195 O  O   . GLY A 1 24 ? -3.238  1.605   6.412   1.00 8.72  ? 81   GLY A O   1 
ATOM   196 N  N   . PHE A 1 25 ? -2.719  -0.267  7.519   1.00 6.70  ? 82   PHE A N   1 
ATOM   197 C  CA  . PHE A 1 25 ? -3.674  -1.112  6.788   1.00 6.72  ? 82   PHE A CA  1 
ATOM   198 C  C   . PHE A 1 25 ? -3.844  -2.419  7.514   1.00 6.53  ? 82   PHE A C   1 
ATOM   199 O  O   . PHE A 1 25 ? -3.018  -2.858  8.319   1.00 7.17  ? 82   PHE A O   1 
ATOM   200 C  CB  . PHE A 1 25 ? -3.222  -1.341  5.329   1.00 7.52  ? 82   PHE A CB  1 
ATOM   201 C  CG  . PHE A 1 25 ? -1.747  -1.698  5.188   1.00 6.05  ? 82   PHE A CG  1 
ATOM   202 C  CD1 . PHE A 1 25 ? -1.326  -3.012  5.295   1.00 6.73  ? 82   PHE A CD1 1 
ATOM   203 C  CD2 . PHE A 1 25 ? -0.816  -0.710  4.945   1.00 6.67  ? 82   PHE A CD2 1 
ATOM   204 C  CE1 . PHE A 1 25 ? 0.030   -3.331  5.120   1.00 6.53  ? 82   PHE A CE1 1 
ATOM   205 C  CE2 . PHE A 1 25 ? 0.512   -1.029  4.801   1.00 6.52  ? 82   PHE A CE2 1 
ATOM   206 C  CZ  . PHE A 1 25 ? 0.943   -2.330  4.874   1.00 6.10  ? 82   PHE A CZ  1 
ATOM   207 N  N   . GLU A 1 26 ? -4.962  -3.097  7.210   1.00 7.40  ? 83   GLU A N   1 
ATOM   208 C  CA  . GLU A 1 26 ? -5.271  -4.394  7.711   1.00 7.86  ? 83   GLU A CA  1 
ATOM   209 C  C   . GLU A 1 26 ? -4.716  -5.482  6.810   1.00 7.46  ? 83   GLU A C   1 
ATOM   210 O  O   . GLU A 1 26 ? -4.584  -5.297  5.598   1.00 7.52  ? 83   GLU A O   1 
ATOM   211 C  CB  . GLU A 1 26 ? -6.803  -4.614  7.827   1.00 10.09 ? 83   GLU A CB  1 
ATOM   212 C  CG  . GLU A 1 26 ? -7.457  -3.663  8.817   1.00 14.50 ? 83   GLU A CG  1 
ATOM   213 C  CD  . GLU A 1 26 ? -8.882  -3.989  9.100   1.00 22.87 ? 83   GLU A CD  1 
ATOM   214 O  OE1 . GLU A 1 26 ? -9.556  -4.785  8.386   1.00 19.26 ? 83   GLU A OE1 1 
ATOM   215 O  OE2 . GLU A 1 26 ? -9.404  -3.409  10.102  1.00 33.12 ? 83   GLU A OE2 1 
ATOM   216 N  N   . LYS A 1 27 ? -4.463  -6.688  7.347   1.00 8.23  ? 84   LYS A N   1 
ATOM   217 C  CA  . LYS A 1 27 ? -4.174  -7.824  6.549   1.00 8.57  ? 84   LYS A CA  1 
ATOM   218 C  C   . LYS A 1 27 ? -5.309  -8.061  5.566   1.00 8.40  ? 84   LYS A C   1 
ATOM   219 O  O   . LYS A 1 27 ? -6.504  -7.999  5.935   1.00 9.78  ? 84   LYS A O   1 
ATOM   220 C  CB  . LYS A 1 27 ? -3.968  -9.050  7.468   1.00 10.19 ? 84   LYS A CB  1 
ATOM   221 C  CG  . LYS A 1 27 ? -3.596  -10.300 6.724   1.00 11.73 ? 84   LYS A CG  1 
ATOM   222 C  CD  . LYS A 1 27 ? -3.291  -11.469 7.676   1.00 16.41 ? 84   LYS A CD  1 
ATOM   223 C  CE  . LYS A 1 27 ? -3.107  -12.768 6.976   1.00 23.76 ? 84   LYS A CE  1 
ATOM   224 N  NZ  . LYS A 1 27 ? -4.414  -13.490 7.069   1.00 41.36 ? 84   LYS A NZ  1 
ATOM   225 N  N   . GLY A 1 28 ? -5.003  -8.273  4.311   1.00 8.12  ? 85   GLY A N   1 
ATOM   226 C  CA  . GLY A 1 28 ? -5.984  -8.507  3.261   1.00 9.54  ? 85   GLY A CA  1 
ATOM   227 C  C   . GLY A 1 28 ? -6.477  -7.227  2.610   1.00 8.45  ? 85   GLY A C   1 
ATOM   228 O  O   . GLY A 1 28 ? -7.205  -7.293  1.610   1.00 11.45 ? 85   GLY A O   1 
ATOM   229 N  N   . GLU A 1 29 ? -6.146  -6.048  3.133   1.00 7.83  ? 86   GLU A N   1 
ATOM   230 C  CA  . GLU A 1 29 ? -6.535  -4.782  2.524   1.00 7.93  ? 86   GLU A CA  1 
ATOM   231 C  C   . GLU A 1 29 ? -5.874  -4.643  1.161   1.00 7.71  ? 86   GLU A C   1 
ATOM   232 O  O   . GLU A 1 29 ? -4.716  -5.028  0.986   1.00 8.15  ? 86   GLU A O   1 
ATOM   233 C  CB  . GLU A 1 29 ? -6.120  -3.642  3.434   1.00 8.23  ? 86   GLU A CB  1 
ATOM   234 C  CG  . GLU A 1 29 ? -6.584  -2.264  3.055   1.00 9.27  ? 86   GLU A CG  1 
ATOM   235 C  CD  . GLU A 1 29 ? -6.572  -1.273  4.208   1.00 9.11  ? 86   GLU A CD  1 
ATOM   236 O  OE1 . GLU A 1 29 ? -6.701  -1.691  5.371   1.00 9.61  ? 86   GLU A OE1 1 
ATOM   237 O  OE2 . GLU A 1 29 ? -6.462  -0.053  3.953   1.00 12.41 ? 86   GLU A OE2 1 
ATOM   238 N  N   . GLN A 1 30 ? -6.619  -4.092  0.216   1.00 7.94  ? 87   GLN A N   1 
ATOM   239 C  CA  . GLN A 1 30 ? -6.078  -3.825  -1.116  1.00 7.75  ? 87   GLN A CA  1 
ATOM   240 C  C   . GLN A 1 30 ? -5.715  -2.373  -1.239  1.00 7.40  ? 87   GLN A C   1 
ATOM   241 O  O   . GLN A 1 30 ? -6.455  -1.475  -0.782  1.00 8.92  ? 87   GLN A O   1 
ATOM   242 C  CB  . GLN A 1 30 ? -7.103  -4.238  -2.182  1.00 8.69  ? 87   GLN A CB  1 
ATOM   243 C  CG  . GLN A 1 30 ? -6.579  -4.197  -3.594  1.00 9.50  ? 87   GLN A CG  1 
ATOM   244 C  CD  . GLN A 1 30 ? -7.557  -4.759  -4.580  1.00 11.02 ? 87   GLN A CD  1 
ATOM   245 O  OE1 . GLN A 1 30 ? -8.760  -4.566  -4.437  1.00 13.31 ? 87   GLN A OE1 1 
ATOM   246 N  NE2 . GLN A 1 30 ? -7.051  -5.367  -5.635  1.00 11.34 ? 87   GLN A NE2 1 
ATOM   247 N  N   . LEU A 1 31 ? -4.549  -2.100  -1.812  1.00 7.49  ? 88   LEU A N   1 
ATOM   248 C  CA  . LEU A 1 31 ? -4.054  -0.742  -1.979  1.00 7.61  ? 88   LEU A CA  1 
ATOM   249 C  C   . LEU A 1 31 ? -3.637  -0.525  -3.417  1.00 8.17  ? 88   LEU A C   1 
ATOM   250 O  O   . LEU A 1 31 ? -3.177  -1.419  -4.111  1.00 8.91  ? 88   LEU A O   1 
ATOM   251 C  CB  . LEU A 1 31 ? -2.879  -0.436  -1.049  1.00 8.48  ? 88   LEU A CB  1 
ATOM   252 C  CG  . LEU A 1 31 ? -3.215  -0.655  0.452   1.00 9.70  ? 88   LEU A CG  1 
ATOM   253 C  CD1 . LEU A 1 31 ? -2.693  -1.971  0.947   1.00 11.74 ? 88   LEU A CD1 1 
ATOM   254 C  CD2 . LEU A 1 31 ? -2.661  0.490   1.288   1.00 11.54 ? 88   LEU A CD2 1 
ATOM   255 N  N   . ARG A 1 32 ? -3.764  0.717   -3.852  1.00 8.65  ? 89   ARG A N   1 
ATOM   256 C  CA  . ARG A 1 32 ? -3.242  1.174   -5.116  1.00 9.78  ? 89   ARG A CA  1 
ATOM   257 C  C   . ARG A 1 32 ? -1.876  1.805   -4.882  1.00 9.63  ? 89   ARG A C   1 
ATOM   258 O  O   . ARG A 1 32 ? -1.706  2.671   -4.031  1.00 10.79 ? 89   ARG A O   1 
ATOM   259 C  CB  . ARG A 1 32 ? -4.180  2.182   -5.779  1.00 12.07 ? 89   ARG A CB  1 
ATOM   260 C  CG  . ARG A 1 32 ? -3.701  2.744   -7.072  1.00 13.80 ? 89   ARG A CG  1 
ATOM   261 C  CD  . ARG A 1 32 ? -4.642  3.743   -7.661  1.00 15.72 ? 89   ARG A CD  1 
ATOM   262 N  NE  . ARG A 1 32 ? -4.180  4.212   -8.952  1.00 20.17 ? 89   ARG A NE  1 
ATOM   263 C  CZ  . ARG A 1 32 ? -4.884  4.942   -9.816  1.00 19.69 ? 89   ARG A CZ  1 
ATOM   264 N  NH1 . ARG A 1 32 ? -4.371  5.317   -10.999 1.00 25.95 ? 89   ARG A NH1 1 
ATOM   265 N  NH2 . ARG A 1 32 ? -6.117  5.265   -9.431  1.00 31.14 ? 89   ARG A NH2 1 
ATOM   266 N  N   . ILE A 1 33 ? -0.884  1.402   -5.652  1.00 10.92 ? 90   ILE A N   1 
ATOM   267 C  CA  . ILE A 1 33 ? 0.443   1.963   -5.557  1.00 10.63 ? 90   ILE A CA  1 
ATOM   268 C  C   . ILE A 1 33 ? 0.576   3.182   -6.468  1.00 10.53 ? 90   ILE A C   1 
ATOM   269 O  O   . ILE A 1 33 ? 0.307   3.063   -7.672  1.00 14.45 ? 90   ILE A O   1 
ATOM   270 C  CB  . ILE A 1 33 ? 1.489   0.879   -5.880  1.00 11.82 ? 90   ILE A CB  1 
ATOM   271 C  CG1 . ILE A 1 33 ? 1.322   -0.372  -4.998  1.00 13.90 ? 90   ILE A CG1 1 
ATOM   272 C  CG2 . ILE A 1 33 ? 2.866   1.500   -5.792  1.00 14.51 ? 90   ILE A CG2 1 
ATOM   273 C  CD1 . ILE A 1 33 ? 1.285   -0.047  -3.503  1.00 13.83 ? 90   ILE A CD1 1 
ATOM   274 N  N   . LEU A 1 34 ? 1.016   4.253   -5.883  1.00 10.19 ? 91   LEU A N   1 
ATOM   275 C  CA  . LEU A 1 34 ? 1.213   5.502   -6.574  1.00 12.28 ? 91   LEU A CA  1 
ATOM   276 C  C   . LEU A 1 34 ? 2.675   5.696   -6.966  1.00 13.46 ? 91   LEU A C   1 
ATOM   277 O  O   . LEU A 1 34 ? 2.931   6.300   -8.006  1.00 17.63 ? 91   LEU A O   1 
ATOM   278 C  CB  . LEU A 1 34 ? 0.707   6.643   -5.691  1.00 13.75 ? 91   LEU A CB  1 
ATOM   279 C  CG  . LEU A 1 34 ? -0.747  6.469   -5.196  1.00 16.09 ? 91   LEU A CG  1 
ATOM   280 C  CD1 . LEU A 1 34 ? -1.174  7.559   -4.254  1.00 18.41 ? 91   LEU A CD1 1 
ATOM   281 C  CD2 . LEU A 1 34 ? -1.668  6.384   -6.440  1.00 18.28 ? 91   LEU A CD2 1 
ATOM   282 N  N   . GLU A 1 35 ? 3.600   5.254   -6.129  1.00 12.87 ? 92   GLU A N   1 
ATOM   283 C  CA  . GLU A 1 35 ? 5.023   5.372   -6.417  1.00 15.61 ? 92   GLU A CA  1 
ATOM   284 C  C   . GLU A 1 35 ? 5.673   4.104   -5.836  1.00 14.04 ? 92   GLU A C   1 
ATOM   285 O  O   . GLU A 1 35 ? 5.247   3.740   -4.717  1.00 13.30 ? 92   GLU A O   1 
ATOM   286 C  CB  . GLU A 1 35 ? 5.711   6.621   -5.806  1.00 18.44 ? 92   GLU A CB  1 
ATOM   287 C  CG  . GLU A 1 35 ? 5.063   7.976   -6.057  1.00 25.64 ? 92   GLU A CG  1 
ATOM   288 C  CD  . GLU A 1 35 ? 5.292   9.328   -5.434  1.00 37.71 ? 92   GLU A CD  1 
ATOM   289 O  OE1 . GLU A 1 35 ? 4.897   10.389  -6.052  1.00 34.79 ? 92   GLU A OE1 1 
ATOM   290 O  OE2 . GLU A 1 35 ? 5.843   9.569   -4.289  1.00 34.63 ? 92   GLU A OE2 1 
ATOM   291 N  N   . GLN A 1 36 ? 6.598   3.441   -6.536  1.00 15.97 ? 93   GLN A N   1 
ATOM   292 C  CA  . GLN A 1 36 ? 7.177   2.198   -6.042  1.00 16.26 ? 93   GLN A CA  1 
ATOM   293 C  C   . GLN A 1 36 ? 8.707   2.206   -6.215  1.00 17.86 ? 93   GLN A C   1 
ATOM   294 O  O   . GLN A 1 36 ? 9.392   1.335   -6.732  1.00 32.75 ? 93   GLN A O   1 
ATOM   295 C  CB  . GLN A 1 36 ? 6.688   0.879   -6.628  1.00 22.01 ? 93   GLN A CB  1 
ATOM   296 C  CG  . GLN A 1 36 ? 6.018   1.003   -7.963  1.00 27.79 ? 93   GLN A CG  1 
ATOM   297 C  CD  . GLN A 1 36 ? 5.349   -0.288  -8.409  1.00 21.09 ? 93   GLN A CD  1 
ATOM   298 O  OE1 . GLN A 1 36 ? 5.810   -1.411  -8.275  1.00 30.62 ? 93   GLN A OE1 1 
ATOM   299 N  NE2 . GLN A 1 36 ? 4.178   -0.171  -9.002  1.00 29.93 ? 93   GLN A NE2 1 
ATOM   300 N  N   . SER A 1 37 ? 9.284   3.248   -5.615  1.00 17.03 ? 94   SER A N   1 
ATOM   301 C  CA  . SER A 1 37 ? 10.752  3.291   -5.609  1.00 14.94 ? 94   SER A CA  1 
ATOM   302 C  C   . SER A 1 37 ? 11.282  3.184   -4.209  1.00 13.83 ? 94   SER A C   1 
ATOM   303 O  O   . SER A 1 37 ? 10.729  3.778   -3.276  1.00 18.40 ? 94   SER A O   1 
ATOM   304 C  CB  . SER A 1 37 ? 11.093  4.638   -6.227  1.00 19.39 ? 94   SER A CB  1 
ATOM   305 O  OG  . SER A 1 37 ? 12.473  4.648   -6.449  1.00 23.72 ? 94   SER A OG  1 
ATOM   306 N  N   . GLY A 1 38 ? 12.312  2.460   -3.968  1.00 12.06 ? 95   GLY A N   1 
ATOM   307 C  CA  . GLY A 1 38 ? 12.849  2.198   -2.664  1.00 10.94 ? 95   GLY A CA  1 
ATOM   308 C  C   . GLY A 1 38 ? 11.970  1.238   -1.894  1.00 10.30 ? 95   GLY A C   1 
ATOM   309 O  O   . GLY A 1 38 ? 11.162  0.516   -2.463  1.00 13.23 ? 95   GLY A O   1 
ATOM   310 N  N   . GLU A 1 39 ? 12.149  1.202   -0.577  1.00 9.90  ? 96   GLU A N   1 
ATOM   311 C  CA  . GLU A 1 39 ? 11.448  0.199   0.228   1.00 10.11 ? 96   GLU A CA  1 
ATOM   312 C  C   . GLU A 1 39 ? 10.171  0.777   0.845   1.00 9.04  ? 96   GLU A C   1 
ATOM   313 O  O   . GLU A 1 39 ? 9.445   0.001   1.506   1.00 10.44 ? 96   GLU A O   1 
ATOM   314 C  CB  . GLU A 1 39 ? 12.382  -0.319  1.311   1.00 12.07 ? 96   GLU A CB  1 
ATOM   315 C  CG  . GLU A 1 39 ? 13.564  -1.093  0.724   1.00 15.04 ? 96   GLU A CG  1 
ATOM   316 C  CD  . GLU A 1 39 ? 14.330  -2.002  1.632   1.00 17.71 ? 96   GLU A CD  1 
ATOM   317 O  OE1 . GLU A 1 39 ? 15.216  -2.784  1.211   1.00 27.08 ? 96   GLU A OE1 1 
ATOM   318 O  OE2 . GLU A 1 39 ? 14.132  -1.884  2.867   1.00 20.40 ? 96   GLU A OE2 1 
ATOM   319 N  N   . TRP A 1 40 ? 9.898   2.054   0.674   1.00 7.77  ? 97   TRP A N   1 
ATOM   320 C  CA  . TRP A 1 40 ? 8.651   2.676   1.147   1.00 7.63  ? 97   TRP A CA  1 
ATOM   321 C  C   . TRP A 1 40 ? 7.900   3.185   -0.065  1.00 8.28  ? 97   TRP A C   1 
ATOM   322 O  O   . TRP A 1 40 ? 8.395   4.050   -0.800  1.00 11.14 ? 97   TRP A O   1 
ATOM   323 C  CB  . TRP A 1 40 ? 8.939   3.816   2.142   1.00 8.44  ? 97   TRP A CB  1 
ATOM   324 C  CG  . TRP A 1 40 ? 9.369   3.289   3.472   1.00 7.82  ? 97   TRP A CG  1 
ATOM   325 C  CD1 . TRP A 1 40 ? 10.644  2.972   3.875   1.00 8.82  ? 97   TRP A CD1 1 
ATOM   326 C  CD2 . TRP A 1 40 ? 8.527   3.003   4.598   1.00 6.80  ? 97   TRP A CD2 1 
ATOM   327 N  NE1 . TRP A 1 40 ? 10.624  2.538   5.164   1.00 9.04  ? 97   TRP A NE1 1 
ATOM   328 C  CE2 . TRP A 1 40 ? 9.330   2.551   5.621   1.00 7.56  ? 97   TRP A CE2 1 
ATOM   329 C  CE3 . TRP A 1 40 ? 7.126   3.135   4.799   1.00 7.35  ? 97   TRP A CE3 1 
ATOM   330 C  CZ2 . TRP A 1 40 ? 8.829   2.184   6.869   1.00 8.38  ? 97   TRP A CZ2 1 
ATOM   331 C  CZ3 . TRP A 1 40 ? 6.642   2.784   6.035   1.00 7.33  ? 97   TRP A CZ3 1 
ATOM   332 C  CH2 . TRP A 1 40 ? 7.455   2.318   7.069   1.00 8.36  ? 97   TRP A CH2 1 
ATOM   333 N  N   . TRP A 1 41 ? 6.753   2.600   -0.334  1.00 8.56  ? 98   TRP A N   1 
ATOM   334 C  CA  . TRP A 1 41 ? 5.965   2.922   -1.514  1.00 8.24  ? 98   TRP A CA  1 
ATOM   335 C  C   . TRP A 1 41 ? 4.818   3.866   -1.145  1.00 7.71  ? 98   TRP A C   1 
ATOM   336 O  O   . TRP A 1 41 ? 4.198   3.720   -0.113  1.00 9.42  ? 98   TRP A O   1 
ATOM   337 C  CB  . TRP A 1 41 ? 5.410   1.625   -2.076  1.00 8.38  ? 98   TRP A CB  1 
ATOM   338 C  CG  . TRP A 1 41 ? 6.432   0.714   -2.650  1.00 8.33  ? 98   TRP A CG  1 
ATOM   339 C  CD1 . TRP A 1 41 ? 7.766   0.898   -2.770  1.00 9.76  ? 98   TRP A CD1 1 
ATOM   340 C  CD2 . TRP A 1 41 ? 6.144   -0.571  -3.230  1.00 9.30  ? 98   TRP A CD2 1 
ATOM   341 N  NE1 . TRP A 1 41 ? 8.353   -0.160  -3.377  1.00 10.91 ? 98   TRP A NE1 1 
ATOM   342 C  CE2 . TRP A 1 41 ? 7.387   -1.074  -3.659  1.00 11.08 ? 98   TRP A CE2 1 
ATOM   343 C  CE3 . TRP A 1 41 ? 5.002   -1.338  -3.401  1.00 10.54 ? 98   TRP A CE3 1 
ATOM   344 C  CZ2 . TRP A 1 41 ? 7.486   -2.325  -4.268  1.00 13.17 ? 98   TRP A CZ2 1 
ATOM   345 C  CZ3 . TRP A 1 41 ? 5.092   -2.580  -4.018  1.00 14.21 ? 98   TRP A CZ3 1 
ATOM   346 C  CH2 . TRP A 1 41 ? 6.311   -3.057  -4.441  1.00 15.50 ? 98   TRP A CH2 1 
ATOM   347 N  N   . LYS A 1 42 ? 4.517   4.823   -1.992  1.00 8.77  ? 99   LYS A N   1 
ATOM   348 C  CA  . LYS A 1 42 ? 3.361   5.677   -1.795  1.00 8.98  ? 99   LYS A CA  1 
ATOM   349 C  C   . LYS A 1 42 ? 2.132   4.918   -2.265  1.00 8.59  ? 99   LYS A C   1 
ATOM   350 O  O   . LYS A 1 42 ? 2.140   4.410   -3.393  1.00 9.57  ? 99   LYS A O   1 
ATOM   351 C  CB  . LYS A 1 42 ? 3.503   6.999   -2.536  1.00 10.81 ? 99   LYS A CB  1 
ATOM   352 C  CG  . LYS A 1 42 ? 2.486   8.072   -2.134  1.00 15.21 ? 99   LYS A CG  1 
ATOM   353 C  CD  . LYS A 1 42 ? 2.582   9.291   -3.052  1.00 21.13 ? 99   LYS A CD  1 
ATOM   354 C  CE  . LYS A 1 42 ? 1.520   10.343  -2.859  1.00 27.29 ? 99   LYS A CE  1 
ATOM   355 N  NZ  . LYS A 1 42 ? 1.664   11.412  -3.889  1.00 34.70 ? 99   LYS A NZ  1 
ATOM   356 N  N   . ALA A 1 43 ? 1.112   4.835   -1.419  1.00 8.88  ? 100  ALA A N   1 
ATOM   357 C  CA  . ALA A 1 43 ? -0.085  4.050   -1.711  1.00 8.66  ? 100  ALA A CA  1 
ATOM   358 C  C   . ALA A 1 43 ? -1.324  4.758   -1.285  1.00 8.64  ? 100  ALA A C   1 
ATOM   359 O  O   . ALA A 1 43 ? -1.331  5.671   -0.472  1.00 9.59  ? 100  ALA A O   1 
ATOM   360 C  CB  . ALA A 1 43 ? 0.088   2.699   -0.974  1.00 10.37 ? 100  ALA A CB  1 
ATOM   361 N  N   . GLN A 1 44 ? -2.448  4.258   -1.787  1.00 9.50  ? 101  GLN A N   1 
ATOM   362 C  CA  . GLN A 1 44 ? -3.776  4.692   -1.456  1.00 9.98  ? 101  GLN A CA  1 
ATOM   363 C  C   . GLN A 1 44 ? -4.594  3.473   -1.067  1.00 9.34  ? 101  GLN A C   1 
ATOM   364 O  O   . GLN A 1 44 ? -4.691  2.522   -1.834  1.00 9.96  ? 101  GLN A O   1 
ATOM   365 C  CB  . GLN A 1 44 ? -4.456  5.433   -2.637  1.00 12.33 ? 101  GLN A CB  1 
ATOM   366 C  CG  . GLN A 1 44 ? -5.894  5.816   -2.328  1.00 16.96 ? 101  GLN A CG  1 
ATOM   367 C  CD  . GLN A 1 44 ? -6.476  6.510   -3.537  1.00 26.66 ? 101  GLN A CD  1 
ATOM   368 O  OE1 . GLN A 1 44 ? -6.486  5.940   -4.618  1.00 36.49 ? 101  GLN A OE1 1 
ATOM   369 N  NE2 . GLN A 1 44 ? -6.934  7.742   -3.259  1.00 40.87 ? 101  GLN A NE2 1 
ATOM   370 N  N   . SER A 1 45 ? -5.175  3.485   0.123   1.00 9.58  ? 102  SER A N   1 
ATOM   371 C  CA  . SER A 1 45 ? -6.059  2.356   0.485   1.00 9.19  ? 102  SER A CA  1 
ATOM   372 C  C   . SER A 1 45 ? -7.346  2.340   -0.335  1.00 10.27 ? 102  SER A C   1 
ATOM   373 O  O   . SER A 1 45 ? -8.010  3.363   -0.455  1.00 10.60 ? 102  SER A O   1 
ATOM   374 C  CB  . SER A 1 45 ? -6.455  2.540   1.957   1.00 10.65 ? 102  SER A CB  1 
ATOM   375 O  OG  . SER A 1 45 ? -7.476  1.601   2.270   1.00 10.74 ? 102  SER A OG  1 
ATOM   376 N  N   . LEU A 1 46 ? -7.715  1.167   -0.866  1.00 11.00 ? 103  LEU A N   1 
ATOM   377 C  CA  . LEU A 1 46 ? -9.040  0.995   -1.514  1.00 11.47 ? 103  LEU A CA  1 
ATOM   378 C  C   . LEU A 1 46 ? -10.086 0.648   -0.453  1.00 13.94 ? 103  LEU A C   1 
ATOM   379 O  O   . LEU A 1 46 ? -11.203 0.355   -0.848  1.00 21.86 ? 103  LEU A O   1 
ATOM   380 C  CB  . LEU A 1 46 ? -8.935  -0.018  -2.634  1.00 11.06 ? 103  LEU A CB  1 
ATOM   381 C  CG  . LEU A 1 46 ? -7.927  0.316   -3.705  1.00 11.51 ? 103  LEU A CG  1 
ATOM   382 C  CD1 . LEU A 1 46 ? -8.033  -0.647  -4.856  1.00 14.92 ? 103  LEU A CD1 1 
ATOM   383 C  CD2 . LEU A 1 46 ? -8.135  1.753   -4.224  1.00 15.58 ? 103  LEU A CD2 1 
ATOM   384 N  N   . THR A 1 47 ? -9.756  0.649   0.830   1.00 13.20 ? 104  THR A N   1 
ATOM   385 C  CA  . THR A 1 47 ? -10.792 0.571   1.896   1.00 15.90 ? 104  THR A CA  1 
ATOM   386 C  C   . THR A 1 47 ? -11.174 1.988   2.326   1.00 15.53 ? 104  THR A C   1 
ATOM   387 O  O   . THR A 1 47 ? -12.362 2.327   2.345   1.00 21.35 ? 104  THR A O   1 
ATOM   388 C  CB  . THR A 1 47 ? -10.274 -0.309  3.060   1.00 17.36 ? 104  THR A CB  1 
ATOM   389 O  OG1 . THR A 1 47 ? -10.147 -1.646  2.593   1.00 17.95 ? 104  THR A OG1 1 
ATOM   390 C  CG2 . THR A 1 47 ? -11.272 -0.327  4.244   1.00 19.56 ? 104  THR A CG2 1 
ATOM   391 N  N   . THR A 1 48 ? -10.172 2.804   2.686   1.00 14.73 ? 105  THR A N   1 
ATOM   392 C  CA  . THR A 1 48 ? -10.446 4.087   3.310   1.00 15.15 ? 105  THR A CA  1 
ATOM   393 C  C   . THR A 1 48 ? -10.232 5.282   2.378   1.00 15.29 ? 105  THR A C   1 
ATOM   394 O  O   . THR A 1 48 ? -10.634 6.390   2.726   1.00 17.32 ? 105  THR A O   1 
ATOM   395 C  CB  . THR A 1 48 ? -9.575  4.309   4.567   1.00 16.56 ? 105  THR A CB  1 
ATOM   396 O  OG1 . THR A 1 48 ? -8.220  4.455   4.070   1.00 15.86 ? 105  THR A OG1 1 
ATOM   397 C  CG2 . THR A 1 48 ? -9.580  3.137   5.551   1.00 19.57 ? 105  THR A CG2 1 
ATOM   398 N  N   . GLY A 1 49 ? -9.554  5.125   1.273   1.00 13.93 ? 106  GLY A N   1 
ATOM   399 C  CA  . GLY A 1 49 ? -9.141  6.231   0.430   1.00 14.96 ? 106  GLY A CA  1 
ATOM   400 C  C   . GLY A 1 49 ? -7.941  6.988   0.923   1.00 15.03 ? 106  GLY A C   1 
ATOM   401 O  O   . GLY A 1 49 ? -7.515  7.940   0.234   1.00 17.29 ? 106  GLY A O   1 
ATOM   402 N  N   . GLN A 1 50 ? -7.441  6.700   2.096   1.00 14.20 ? 107  GLN A N   1 
ATOM   403 C  CA  . GLN A 1 50 ? -6.315  7.474   2.599   1.00 14.73 ? 107  GLN A CA  1 
ATOM   404 C  C   . GLN A 1 50 ? -5.019  7.075   1.872   1.00 12.37 ? 107  GLN A C   1 
ATOM   405 O  O   . GLN A 1 50 ? -4.869  5.973   1.390   1.00 12.16 ? 107  GLN A O   1 
ATOM   406 C  CB  . GLN A 1 50 ? -6.180  7.271   4.102   1.00 19.09 ? 107  GLN A CB  1 
ATOM   407 C  CG  . GLN A 1 50 ? -7.417  7.772   4.871   1.00 27.04 ? 107  GLN A CG  1 
ATOM   408 C  CD  . GLN A 1 50 ? -7.608  9.261   4.717   1.00 33.70 ? 107  GLN A CD  1 
ATOM   409 O  OE1 . GLN A 1 50 ? -8.553  9.753   4.113   1.00 44.25 ? 107  GLN A OE1 1 
ATOM   410 N  NE2 . GLN A 1 50 ? -6.671  10.019  5.262   1.00 43.92 ? 107  GLN A NE2 1 
ATOM   411 N  N   . GLU A 1 51 ? -4.093  8.066   1.833   1.00 13.66 ? 108  GLU A N   1 
ATOM   412 C  CA  . GLU A 1 51 ? -2.779  7.892   1.197   1.00 12.44 ? 108  GLU A CA  1 
ATOM   413 C  C   . GLU A 1 51 ? -1.620  8.036   2.164   1.00 11.02 ? 108  GLU A C   1 
ATOM   414 O  O   . GLU A 1 51 ? -1.696  8.767   3.157   1.00 13.78 ? 108  GLU A O   1 
ATOM   415 C  CB  . GLU A 1 51 ? -2.588  8.919   0.079   1.00 15.21 ? 108  GLU A CB  1 
ATOM   416 C  CG  . GLU A 1 51 ? -3.654  8.773   -0.994  1.00 20.80 ? 108  GLU A CG  1 
ATOM   417 C  CD  . GLU A 1 51 ? -3.425  9.769   -2.134  1.00 25.89 ? 108  GLU A CD  1 
ATOM   418 O  OE1 . GLU A 1 51 ? -2.482  10.575  -2.104  1.00 25.30 ? 108  GLU A OE1 1 
ATOM   419 O  OE2 . GLU A 1 51 ? -4.251  9.664   -3.035  1.00 36.03 ? 108  GLU A OE2 1 
ATOM   420 N  N   . GLY A 1 52 ? -0.542  7.349   1.863   1.00 9.13  ? 109  GLY A N   1 
ATOM   421 C  CA  . GLY A 1 52 ? 0.699   7.540   2.574   1.00 8.76  ? 109  GLY A CA  1 
ATOM   422 C  C   . GLY A 1 52 ? 1.682   6.439   2.216   1.00 7.37  ? 109  GLY A C   1 
ATOM   423 O  O   . GLY A 1 52 ? 1.453   5.657   1.306   1.00 8.27  ? 109  GLY A O   1 
ATOM   424 N  N   . PHE A 1 53 ? 2.817   6.414   2.891   1.00 7.38  ? 110  PHE A N   1 
ATOM   425 C  CA  . PHE A 1 53 ? 3.904   5.494   2.570   1.00 6.83  ? 110  PHE A CA  1 
ATOM   426 C  C   . PHE A 1 53 ? 3.787   4.190   3.351   1.00 6.32  ? 110  PHE A C   1 
ATOM   427 O  O   . PHE A 1 53 ? 3.464   4.166   4.551   1.00 6.62  ? 110  PHE A O   1 
ATOM   428 C  CB  . PHE A 1 53 ? 5.244   6.174   2.847   1.00 8.05  ? 110  PHE A CB  1 
ATOM   429 C  CG  . PHE A 1 53 ? 5.513   7.259   1.855   1.00 9.47  ? 110  PHE A CG  1 
ATOM   430 C  CD1 . PHE A 1 53 ? 6.107   6.985   0.636   1.00 11.07 ? 110  PHE A CD1 1 
ATOM   431 C  CD2 . PHE A 1 53 ? 5.132   8.569   2.123   1.00 11.58 ? 110  PHE A CD2 1 
ATOM   432 C  CE1 . PHE A 1 53 ? 6.337   7.958   -0.304  1.00 14.46 ? 110  PHE A CE1 1 
ATOM   433 C  CE2 . PHE A 1 53 ? 5.361   9.571   1.186   1.00 16.40 ? 110  PHE A CE2 1 
ATOM   434 C  CZ  . PHE A 1 53 ? 5.954   9.245   -0.024  1.00 15.75 ? 110  PHE A CZ  1 
ATOM   435 N  N   . ILE A 1 54 ? 4.044   3.089   2.639   1.00 6.82  ? 111  ILE A N   1 
ATOM   436 C  CA  . ILE A 1 54 ? 3.898   1.750   3.172   1.00 6.12  ? 111  ILE A CA  1 
ATOM   437 C  C   . ILE A 1 54 ? 5.179   0.973   3.037   1.00 5.96  ? 111  ILE A C   1 
ATOM   438 O  O   . ILE A 1 54 ? 5.928   1.138   2.056   1.00 6.68  ? 111  ILE A O   1 
ATOM   439 C  CB  . ILE A 1 54 ? 2.734   0.989   2.513   1.00 6.57  ? 111  ILE A CB  1 
ATOM   440 C  CG1 . ILE A 1 54 ? 2.964   0.678   1.042   1.00 6.99  ? 111  ILE A CG1 1 
ATOM   441 C  CG2 . ILE A 1 54 ? 1.417   1.734   2.737   1.00 7.51  ? 111  ILE A CG2 1 
ATOM   442 C  CD1 . ILE A 1 54 ? 1.894   -0.226  0.425   1.00 10.20 ? 111  ILE A CD1 1 
ATOM   443 N  N   . PRO A 1 55 ? 5.438   0.047   3.971   1.00 5.93  ? 112  PRO A N   1 
ATOM   444 C  CA  . PRO A 1 55 ? 6.624   -0.795  3.881   1.00 6.07  ? 112  PRO A CA  1 
ATOM   445 C  C   . PRO A 1 55 ? 6.397   -1.910  2.868   1.00 5.90  ? 112  PRO A C   1 
ATOM   446 O  O   . PRO A 1 55 ? 5.462   -2.701  3.010   1.00 6.55  ? 112  PRO A O   1 
ATOM   447 C  CB  . PRO A 1 55 ? 6.785   -1.312  5.314   1.00 6.99  ? 112  PRO A CB  1 
ATOM   448 C  CG  . PRO A 1 55 ? 5.384   -1.326  5.862   1.00 6.91  ? 112  PRO A CG  1 
ATOM   449 C  CD  . PRO A 1 55 ? 4.710   -0.167  5.232   1.00 6.42  ? 112  PRO A CD  1 
ATOM   450 N  N   . PHE A 1 56 ? 7.250   -1.961  1.824   1.00 6.32  ? 113  PHE A N   1 
ATOM   451 C  CA  . PHE A 1 56 ? 6.859   -2.747  0.659   1.00 7.16  ? 113  PHE A CA  1 
ATOM   452 C  C   . PHE A 1 56 ? 6.762   -4.232  0.937   1.00 8.07  ? 113  PHE A C   1 
ATOM   453 O  O   . PHE A 1 56 ? 6.015   -4.909  0.229   1.00 9.80  ? 113  PHE A O   1 
ATOM   454 C  CB  . PHE A 1 56 ? 7.851   -2.444  -0.517  1.00 9.43  ? 113  PHE A CB  1 
ATOM   455 C  CG  . PHE A 1 56 ? 9.089   -3.320  -0.447  1.00 11.00 ? 113  PHE A CG  1 
ATOM   456 C  CD1 . PHE A 1 56 ? 10.056  -3.139  0.533   1.00 11.56 ? 113  PHE A CD1 1 
ATOM   457 C  CD2 . PHE A 1 56 ? 9.187   -4.394  -1.347  1.00 19.22 ? 113  PHE A CD2 1 
ATOM   458 C  CE1 . PHE A 1 56 ? 11.181  -3.951  0.622   1.00 15.95 ? 113  PHE A CE1 1 
ATOM   459 C  CE2 . PHE A 1 56 ? 10.287  -5.240  -1.267  1.00 22.31 ? 113  PHE A CE2 1 
ATOM   460 C  CZ  . PHE A 1 56 ? 11.247  -5.046  -0.266  1.00 21.15 ? 113  PHE A CZ  1 
ATOM   461 N  N   . ASN A 1 57 ? 7.472   -4.807  1.887   1.00 7.80  ? 114  ASN A N   1 
ATOM   462 C  CA  . ASN A 1 57 ? 7.449   -6.221  2.133   1.00 9.05  ? 114  ASN A CA  1 
ATOM   463 C  C   . ASN A 1 57 ? 6.160   -6.708  2.743   1.00 7.36  ? 114  ASN A C   1 
ATOM   464 O  O   . ASN A 1 57 ? 5.918   -7.904  2.779   1.00 8.56  ? 114  ASN A O   1 
ATOM   465 C  CB  . ASN A 1 57 ? 8.682   -6.622  3.035   1.00 12.56 ? 114  ASN A CB  1 
ATOM   466 C  CG  . ASN A 1 57 ? 9.899   -6.862  2.237   1.00 22.32 ? 114  ASN A CG  1 
ATOM   467 O  OD1 . ASN A 1 57 ? 10.888  -6.132  2.313   1.00 41.49 ? 114  ASN A OD1 1 
ATOM   468 N  ND2 . ASN A 1 57 ? 9.796   -7.884  1.446   1.00 23.59 ? 114  ASN A ND2 1 
ATOM   469 N  N   . PHE A 1 58 ? 5.339   -5.771  3.237   1.00 6.37  ? 115  PHE A N   1 
ATOM   470 C  CA  . PHE A 1 58 ? 4.082   -6.097  3.885   1.00 6.10  ? 115  PHE A CA  1 
ATOM   471 C  C   . PHE A 1 58 ? 2.967   -6.342  2.870   1.00 5.87  ? 115  PHE A C   1 
ATOM   472 O  O   . PHE A 1 58 ? 1.857   -6.718  3.280   1.00 7.02  ? 115  PHE A O   1 
ATOM   473 C  CB  . PHE A 1 58 ? 3.655   -5.009  4.846   1.00 6.10  ? 115  PHE A CB  1 
ATOM   474 C  CG  . PHE A 1 58 ? 4.344   -5.045  6.197   1.00 5.88  ? 115  PHE A CG  1 
ATOM   475 C  CD1 . PHE A 1 58 ? 5.725   -4.892  6.320   1.00 6.54  ? 115  PHE A CD1 1 
ATOM   476 C  CD2 . PHE A 1 58 ? 3.622   -5.227  7.363   1.00 5.96  ? 115  PHE A CD2 1 
ATOM   477 C  CE1 . PHE A 1 58 ? 6.323   -4.947  7.572   1.00 7.28  ? 115  PHE A CE1 1 
ATOM   478 C  CE2 . PHE A 1 58 ? 4.208   -5.257  8.596   1.00 6.36  ? 115  PHE A CE2 1 
ATOM   479 C  CZ  . PHE A 1 58 ? 5.576   -5.105  8.697   1.00 6.68  ? 115  PHE A CZ  1 
ATOM   480 N  N   . VAL A 1 59 ? 3.217   -6.148  1.600   1.00 6.69  ? 116  VAL A N   1 
ATOM   481 C  CA  . VAL A 1 59 ? 2.195   -6.306  0.560   1.00 6.60  ? 116  VAL A CA  1 
ATOM   482 C  C   . VAL A 1 59 ? 2.760   -7.149  -0.575  1.00 7.04  ? 116  VAL A C   1 
ATOM   483 O  O   . VAL A 1 59 ? 3.964   -7.333  -0.729  1.00 8.15  ? 116  VAL A O   1 
ATOM   484 C  CB  . VAL A 1 59 ? 1.725   -4.912  0.031   1.00 7.19  ? 116  VAL A CB  1 
ATOM   485 C  CG1 . VAL A 1 59 ? 1.226   -4.061  1.167   1.00 7.70  ? 116  VAL A CG1 1 
ATOM   486 C  CG2 . VAL A 1 59 ? 2.797   -4.208  -0.784  1.00 8.66  ? 116  VAL A CG2 1 
ATOM   487 N  N   . ALA A 1 60 ? 1.843   -7.691  -1.395  1.00 7.55  ? 117  ALA A N   1 
ATOM   488 C  CA  . ALA A 1 60 ? 2.179   -8.449  -2.576  1.00 7.80  ? 117  ALA A CA  1 
ATOM   489 C  C   . ALA A 1 60 ? 1.315   -7.979  -3.729  1.00 8.54  ? 117  ALA A C   1 
ATOM   490 O  O   . ALA A 1 60 ? 0.126   -7.747  -3.598  1.00 8.48  ? 117  ALA A O   1 
ATOM   491 C  CB  . ALA A 1 60 ? 1.974   -9.913  -2.352  1.00 10.51 ? 117  ALA A CB  1 
ATOM   492 N  N   . LYS A 1 61 ? 1.892   -7.897  -4.913  1.00 11.94 ? 118  LYS A N   1 
ATOM   493 C  CA  . LYS A 1 61 ? 1.177   -7.530  -6.111  1.00 13.80 ? 118  LYS A CA  1 
ATOM   494 C  C   . LYS A 1 61 ? 0.240   -8.660  -6.382  1.00 15.69 ? 118  LYS A C   1 
ATOM   495 O  O   . LYS A 1 61 ? 0.547   -9.850  -6.308  1.00 22.63 ? 118  LYS A O   1 
ATOM   496 C  CB  . LYS A 1 61 ? 2.131   -7.279  -7.294  1.00 18.29 ? 118  LYS A CB  1 
ATOM   497 C  CG  . LYS A 1 61 ? 2.816   -5.911  -7.203  1.00 24.16 ? 118  LYS A CG  1 
ATOM   498 C  CD  . LYS A 1 61 ? 3.328   -5.414  -8.527  1.00 28.50 ? 118  LYS A CD  1 
ATOM   499 C  CE  . LYS A 1 61 ? 4.129   -4.105  -8.399  1.00 23.73 ? 118  LYS A CE  1 
ATOM   500 N  NZ  . LYS A 1 61 ? 3.456   -3.337  -7.316  1.00 40.55 ? 118  LYS A NZ  1 
ATOM   501 N  N   . ALA A 1 62 ? -0.949  -8.216  -6.791  1.00 16.96 ? 119  ALA A N   1 
ATOM   502 C  CA  . ALA A 1 62 ? -1.870  -9.171  -7.340  1.00 20.26 ? 119  ALA A CA  1 
ATOM   503 C  C   . ALA A 1 62 ? -2.570  -8.445  -8.481  1.00 17.98 ? 119  ALA A C   1 
ATOM   504 O  O   . ALA A 1 62 ? -2.667  -9.031  -9.557  1.00 26.12 ? 119  ALA A O   1 
ATOM   505 C  CB  . ALA A 1 62 ? -2.736  -9.719  -6.218  1.00 20.90 ? 119  ALA A CB  1 
ATOM   506 O  OXT . ALA A 1 62 ? -2.974  -7.277  -8.075  1.00 20.50 ? 119  ALA A OXT 1 
HETATM 507 ZN ZN  . ZN  B 2 .  ? 8.303   6.308   7.942   1.00 6.45  ? 500  ZN  A ZN  1 
HETATM 508 CA CA  . CA  C 3 .  ? 9.332   -9.850  0.600   1.00 16.01 ? 600  CA  A CA  1 
HETATM 509 O  O1  . PG4 D 4 .  ? 12.686  -0.193  4.709   1.00 29.83 ? 700  PG4 A O1  1 
HETATM 510 C  C1  . PG4 D 4 .  ? 12.236  0.097   6.261   1.00 30.67 ? 700  PG4 A C1  1 
HETATM 511 C  C2  . PG4 D 4 .  ? 13.606  0.662   6.927   1.00 25.85 ? 700  PG4 A C2  1 
HETATM 512 O  O2  . PG4 D 4 .  ? 13.100  2.172   6.763   1.00 17.25 ? 700  PG4 A O2  1 
HETATM 513 C  C3  . PG4 D 4 .  ? 14.229  3.097   6.775   1.00 23.76 ? 700  PG4 A C3  1 
HETATM 514 C  C4  . PG4 D 4 .  ? 13.666  4.599   6.430   1.00 24.01 ? 700  PG4 A C4  1 
HETATM 515 O  O3  . PG4 D 4 .  ? 13.564  4.709   4.757   1.00 26.12 ? 700  PG4 A O3  1 
HETATM 516 C  C5  . PG4 D 4 .  ? 13.117  5.116   3.417   1.00 29.98 ? 700  PG4 A C5  1 
HETATM 517 C  C6  . PG4 D 4 .  ? 13.159  5.718   2.033   1.00 20.23 ? 700  PG4 A C6  1 
HETATM 518 O  O4  . PG4 D 4 .  ? 12.307  6.971   2.826   1.00 33.48 ? 700  PG4 A O4  1 
HETATM 519 C  C7  . PG4 D 4 .  ? 12.205  8.613   2.571   1.00 15.00 ? 700  PG4 A C7  1 
HETATM 520 C  C8  . PG4 D 4 .  ? 13.170  9.741   2.044   1.00 22.43 ? 700  PG4 A C8  1 
HETATM 521 O  O5  . PG4 D 4 .  ? 13.112  10.690  0.927   1.00 27.41 ? 700  PG4 A O5  1 
HETATM 522 O  O   . HOH E 5 .  ? 9.207   -3.724  4.516   1.00 12.71 ? 2001 HOH A O   1 
HETATM 523 O  O   . HOH E 5 .  ? 14.130  1.986   3.672   1.00 18.47 ? 2002 HOH A O   1 
HETATM 524 O  O   . HOH E 5 .  ? 8.469   -8.631  -1.275  1.00 22.13 ? 2003 HOH A O   1 
HETATM 525 O  O   . HOH E 5 .  ? 7.001   -10.012 1.311   1.00 11.41 ? 2004 HOH A O   1 
HETATM 526 O  O   . HOH E 5 .  ? 11.407  -9.489  -0.608  1.00 28.71 ? 2005 HOH A O   1 
HETATM 527 O  O   . HOH E 5 .  ? 5.401   1.163   12.477  1.00 6.73  ? 2006 HOH A O   1 
HETATM 528 O  O   . HOH E 5 .  ? 5.378   4.155   10.211  1.00 6.75  ? 2007 HOH A O   1 
HETATM 529 O  O   . HOH E 5 .  ? -1.354  -9.368  10.484  1.00 10.67 ? 2008 HOH A O   1 
HETATM 530 O  O   . HOH E 5 .  ? -3.780  2.731   -19.519 1.00 11.55 ? 2009 HOH A O   1 
HETATM 531 O  O   . HOH E 5 .  ? -0.334  -1.962  18.049  1.00 9.75  ? 2010 HOH A O   1 
HETATM 532 O  O   . HOH E 5 .  ? 0.336   -12.573 7.979   1.00 13.40 ? 2011 HOH A O   1 
HETATM 533 O  O   . HOH E 5 .  ? 13.766  5.012   -8.759  1.00 12.40 ? 2012 HOH A O   1 
HETATM 534 O  O   . HOH E 5 .  ? -10.447 -3.484  -2.249  1.00 12.13 ? 2013 HOH A O   1 
HETATM 535 O  O   . HOH E 5 .  ? -9.387  -3.273  0.401   1.00 13.50 ? 2014 HOH A O   1 
HETATM 536 O  O   . HOH E 5 .  ? -2.977  5.095   8.639   1.00 15.60 ? 2015 HOH A O   1 
HETATM 537 O  O   . HOH E 5 .  ? -9.689  -6.014  1.203   1.00 12.47 ? 2016 HOH A O   1 
HETATM 538 O  O   . HOH E 5 .  ? -0.737  -5.200  -9.474  1.00 16.54 ? 2017 HOH A O   1 
HETATM 539 O  O   . HOH E 5 .  ? 5.626   -9.468  -1.185  1.00 14.56 ? 2018 HOH A O   1 
HETATM 540 O  O   . HOH E 5 .  ? 0.420   7.865   10.100  1.00 15.91 ? 2019 HOH A O   1 
HETATM 541 O  O   . HOH E 5 .  ? 1.890   7.400   12.431  1.00 15.05 ? 2020 HOH A O   1 
HETATM 542 O  O   . HOH E 5 .  ? 5.930   -5.996  -2.333  1.00 23.89 ? 2021 HOH A O   1 
HETATM 543 O  O   . HOH E 5 .  ? 2.421   10.768  3.179   1.00 21.94 ? 2022 HOH A O   1 
HETATM 544 O  O   . HOH E 5 .  ? 6.317   11.510  12.983  1.00 19.79 ? 2023 HOH A O   1 
HETATM 545 O  O   . HOH E 5 .  ? -9.292  -3.211  4.960   1.00 18.96 ? 2024 HOH A O   1 
HETATM 546 O  O   . HOH E 5 .  ? 7.800   5.166   -3.457  1.00 22.64 ? 2025 HOH A O   1 
HETATM 547 O  O   . HOH E 5 .  ? 0.075   0.704   -15.127 1.00 15.16 ? 2026 HOH A O   1 
HETATM 548 O  O   . HOH E 5 .  ? -0.294  -13.299 4.236   1.00 15.73 ? 2027 HOH A O   1 
HETATM 549 O  O   . HOH E 5 .  ? -5.729  1.944   5.688   1.00 22.56 ? 2028 HOH A O   1 
HETATM 550 O  O   . HOH E 5 .  ? -6.531  4.392   6.031   1.00 19.79 ? 2029 HOH A O   1 
HETATM 551 O  O   . HOH E 5 .  ? -3.576  -11.324 2.756   1.00 24.70 ? 2030 HOH A O   1 
HETATM 552 O  O   . HOH E 5 .  ? -11.602 -4.691  9.619   1.00 41.03 ? 2031 HOH A O   1 
HETATM 553 O  O   . HOH E 5 .  ? -4.469  -6.773  -5.912  1.00 19.91 ? 2032 HOH A O   1 
HETATM 554 O  O   . HOH E 5 .  ? 9.663   6.551   -0.114  1.00 22.68 ? 2033 HOH A O   1 
HETATM 555 O  O   . HOH E 5 .  ? -8.602  3.607   -17.258 1.00 28.75 ? 2034 HOH A O   1 
HETATM 556 O  O   . HOH E 5 .  ? 1.561   10.519  0.493   1.00 24.37 ? 2035 HOH A O   1 
HETATM 557 O  O   . HOH E 5 .  ? -7.306  -0.019  7.352   1.00 24.60 ? 2036 HOH A O   1 
HETATM 558 O  O   . HOH E 5 .  ? 0.042   10.461  9.323   1.00 23.81 ? 2037 HOH A O   1 
HETATM 559 O  O   . HOH E 5 .  ? 11.150  10.198  11.341  1.00 21.34 ? 2038 HOH A O   1 
HETATM 560 O  O   . HOH E 5 .  ? -4.848  10.592  3.051   1.00 29.77 ? 2039 HOH A O   1 
HETATM 561 O  O   . HOH E 5 .  ? -5.746  -0.440  9.786   1.00 25.97 ? 2040 HOH A O   1 
HETATM 562 O  O   . HOH E 5 .  ? -2.235  6.947   10.379  1.00 24.25 ? 2041 HOH A O   1 
HETATM 563 O  O   . HOH E 5 .  ? -5.916  -11.933 4.164   1.00 33.85 ? 2042 HOH A O   1 
HETATM 564 O  O   . HOH E 5 .  ? -11.662 2.797   -4.383  1.00 33.09 ? 2043 HOH A O   1 
HETATM 565 O  O   . HOH E 5 .  ? 11.219  6.715   -3.208  1.00 26.02 ? 2044 HOH A O   1 
HETATM 566 O  O   . HOH E 5 .  ? -4.895  6.490   7.089   1.00 28.74 ? 2045 HOH A O   1 
HETATM 567 O  O   . HOH E 5 .  ? 5.192   11.751  -2.878  1.00 33.43 ? 2046 HOH A O   1 
HETATM 568 O  O   . HOH E 5 .  ? 9.173   10.577  0.425   1.00 27.60 ? 2047 HOH A O   1 
HETATM 569 O  O   . HOH E 5 .  ? 3.653   0.299   -12.064 1.00 27.63 ? 2048 HOH A O   1 
HETATM 570 O  O   . HOH E 5 .  ? 0.606   -7.342  -10.542 1.00 30.05 ? 2049 HOH A O   1 
HETATM 571 O  O   . HOH E 5 .  ? -1.497  -6.029  -12.808 1.00 39.10 ? 2050 HOH A O   1 
HETATM 572 O  O   . HOH E 5 .  ? 7.858   8.005   -3.677  1.00 31.99 ? 2051 HOH A O   1 
HETATM 573 O  O   . HOH E 5 .  ? -0.904  4.498   -9.574  1.00 26.04 ? 2052 HOH A O   1 
HETATM 574 O  O   . HOH E 5 .  ? -2.908  -13.640 3.590   1.00 29.63 ? 2053 HOH A O   1 
HETATM 575 O  O   . HOH E 5 .  ? 3.573   7.896   16.301  1.00 42.11 ? 2054 HOH A O   1 
HETATM 576 O  O   . HOH E 5 .  ? -1.020  7.137   -9.735  1.00 39.44 ? 2055 HOH A O   1 
HETATM 577 O  O   . HOH E 5 .  ? 4.964   -7.921  -4.659  1.00 38.13 ? 2056 HOH A O   1 
HETATM 578 O  O   . HOH E 5 .  ? -0.273  11.849  -0.642  1.00 45.17 ? 2057 HOH A O   1 
HETATM 579 O  O   . HOH E 5 .  ? 3.373   3.004   -9.025  1.00 26.79 ? 2058 HOH A O   1 
HETATM 580 O  O   . HOH E 5 .  ? 2.654   -6.545  -11.522 1.00 34.68 ? 2059 HOH A O   1 
HETATM 581 O  O   . HOH E 5 .  ? 10.406  12.806  10.602  1.00 26.59 ? 2060 HOH A O   1 
HETATM 582 O  O   . HOH E 5 .  ? -2.722  5.580   12.797  1.00 39.21 ? 2061 HOH A O   1 
HETATM 583 O  O   . HOH E 5 .  ? 1.414   -9.403  -14.499 1.00 31.32 ? 2062 HOH A O   1 
HETATM 584 O  O   . HOH E 5 .  ? 8.538   8.948   14.085  1.00 41.91 ? 2063 HOH A O   1 
HETATM 585 O  O   . HOH E 5 .  ? 10.154  -1.006  4.236   1.00 14.55 ? 2064 HOH A O   1 
HETATM 586 O  O   . HOH E 5 .  ? 11.645  4.353   -0.275  1.00 20.42 ? 2065 HOH A O   1 
HETATM 587 O  O   . HOH E 5 .  ? 0.174   6.381   14.290  1.00 26.26 ? 2066 HOH A O   1 
HETATM 588 O  O   . HOH E 5 .  ? -2.067  -11.742 -9.759  1.00 34.55 ? 2067 HOH A O   1 
HETATM 589 O  O   . HOH E 5 .  ? 2.667   9.608   13.772  1.00 35.30 ? 2068 HOH A O   1 
HETATM 590 O  O   . HOH E 5 .  ? -3.125  -8.609  -11.752 1.00 41.23 ? 2069 HOH A O   1 
HETATM 591 O  O   . HOH E 5 .  ? -2.880  -4.715  -10.748 1.00 33.43 ? 2070 HOH A O   1 
HETATM 592 O  O   . HOH E 5 .  ? -1.373  4.882   -12.479 1.00 55.58 ? 2071 HOH A O   1 
HETATM 593 O  O   . HOH E 5 .  ? 11.167  12.183  0.030   1.00 36.86 ? 2072 HOH A O   1 
HETATM 594 O  O   . HOH E 5 .  ? -3.533  -0.855  11.009  1.00 39.87 ? 2073 HOH A O   1 
HETATM 595 O  O   . HOH E 5 .  ? -3.797  -9.415  11.412  1.00 52.62 ? 2074 HOH A O   1 
HETATM 596 O  O   . HOH E 5 .  ? 7.358   6.618   16.587  1.00 36.74 ? 2075 HOH A O   1 
HETATM 597 O  O   . HOH E 5 .  ? -4.944  13.754  -2.994  0.50 49.75 ? 2076 HOH A O   1 
HETATM 598 O  O   . HOH E 5 .  ? -11.515 3.017   -0.897  1.00 39.07 ? 2077 HOH A O   1 
HETATM 599 O  O   . HOH E 5 .  ? 7.398   4.443   -9.077  1.00 36.25 ? 2078 HOH A O   1 
HETATM 600 O  O   . HOH E 5 .  ? -4.974  -9.255  -10.030 1.00 42.24 ? 2079 HOH A O   1 
HETATM 601 O  O   . HOH E 5 .  ? -7.047  -13.934 4.169   1.00 37.57 ? 2080 HOH A O   1 
HETATM 602 O  O   . HOH E 5 .  ? 0.983   -9.908  -10.409 0.50 30.85 ? 2081 HOH A O   1 
HETATM 603 O  O   . HOH E 5 .  ? -5.441  -4.966  12.176  1.00 42.27 ? 2082 HOH A O   1 
HETATM 604 O  O   . HOH E 5 .  ? -4.616  -5.278  -16.873 1.00 20.87 ? 2083 HOH A O   1 
HETATM 605 O  O   . HOH E 5 .  ? 9.622   5.459   -2.174  1.00 32.33 ? 2084 HOH A O   1 
# 
loop_
_atom_site_anisotrop.id 
_atom_site_anisotrop.type_symbol 
_atom_site_anisotrop.pdbx_label_atom_id 
_atom_site_anisotrop.pdbx_label_alt_id 
_atom_site_anisotrop.pdbx_label_comp_id 
_atom_site_anisotrop.pdbx_label_asym_id 
_atom_site_anisotrop.pdbx_label_seq_id 
_atom_site_anisotrop.pdbx_PDB_ins_code 
_atom_site_anisotrop.U[1][1] 
_atom_site_anisotrop.U[2][2] 
_atom_site_anisotrop.U[3][3] 
_atom_site_anisotrop.U[1][2] 
_atom_site_anisotrop.U[1][3] 
_atom_site_anisotrop.U[2][3] 
_atom_site_anisotrop.pdbx_auth_seq_id 
_atom_site_anisotrop.pdbx_auth_comp_id 
_atom_site_anisotrop.pdbx_auth_asym_id 
_atom_site_anisotrop.pdbx_auth_atom_id 
1   N  N   . GLY A 1  ? 0.1228 0.0759 0.0744 -0.0058 0.0035  -0.0176 58   GLY A N   
2   C  CA  . GLY A 1  ? 0.1507 0.1156 0.0889 -0.0235 0.0172  -0.0218 58   GLY A CA  
3   C  C   . GLY A 1  ? 0.1093 0.0966 0.0556 0.0073  0.0009  0.0010  58   GLY A C   
4   O  O   . GLY A 1  ? 0.1245 0.0878 0.0611 0.0156  0.0040  0.0012  58   GLY A O   
5   N  N   . SER A 2  ? 0.1016 0.1285 0.0737 0.0032  0.0011  -0.0070 59   SER A N   
6   C  CA  . SER A 2  ? 0.1054 0.1366 0.0737 0.0109  0.0006  -0.0144 59   SER A CA  
7   C  C   . SER A 2  ? 0.1092 0.1112 0.0646 0.0062  0.0097  -0.0008 59   SER A C   
8   O  O   . SER A 2  ? 0.0949 0.1213 0.0702 0.0093  0.0048  -0.0047 59   SER A O   
9   C  CB  . SER A 2  ? 0.0997 0.2338 0.0692 0.0115  0.0059  -0.0092 59   SER A CB  
10  O  OG  . SER A 2  ? 0.1034 0.2181 0.0865 -0.0071 -0.0022 0.0029  59   SER A OG  
11  N  N   . PRO A 3  ? 0.1301 0.1065 0.0817 0.0068  0.0055  0.0030  60   PRO A N   
12  C  CA  . PRO A 3  ? 0.1735 0.1184 0.0942 -0.0090 -0.0095 -0.0068 60   PRO A CA  
13  C  C   . PRO A 3  ? 0.1340 0.1083 0.0901 -0.0117 -0.0103 -0.0158 60   PRO A C   
14  O  O   . PRO A 3  ? 0.1353 0.1799 0.1207 -0.0402 -0.0315 -0.0099 60   PRO A O   
15  C  CB  . PRO A 3  ? 0.3089 0.1047 0.1397 -0.0022 -0.0239 -0.0070 60   PRO A CB  
16  C  CG  . PRO A 3  ? 0.3314 0.1234 0.2467 0.0586  -0.0839 -0.0318 60   PRO A CG  
17  C  CD  . PRO A 3  ? 0.2090 0.1347 0.1116 0.0625  -0.0091 0.0119  60   PRO A CD  
18  N  N   . LEU A 4  ? 0.0967 0.1195 0.0761 0.0068  -0.0021 -0.0141 61   LEU A N   
19  C  CA  . LEU A 4  ? 0.1075 0.1240 0.0611 0.0101  -0.0085 -0.0093 61   LEU A CA  
20  C  C   . LEU A 4  ? 0.1159 0.1349 0.0532 0.0121  0.0036  -0.0001 61   LEU A C   
21  O  O   . LEU A 4  ? 0.1188 0.1516 0.0663 0.0314  -0.0065 -0.0017 61   LEU A O   
22  C  CB  . LEU A 4  ? 0.0968 0.1577 0.0763 0.0060  -0.0058 0.0031  61   LEU A CB  
23  C  CG  . LEU A 4  ? 0.1224 0.1556 0.1007 0.0227  0.0133  0.0126  61   LEU A CG  
24  C  CD1 . LEU A 4  ? 0.1124 0.2123 0.1526 0.0186  0.0275  0.0004  61   LEU A CD1 
25  C  CD2 . LEU A 4  ? 0.1469 0.1982 0.1663 0.0194  0.0344  -0.0527 61   LEU A CD2 
26  N  N   . GLN A 5  ? 0.1604 0.1339 0.0655 0.0506  -0.0028 -0.0044 62   GLN A N   
27  C  CA  . GLN A 5  ? 0.2148 0.1500 0.0713 0.0871  -0.0089 -0.0013 62   GLN A CA  
28  C  C   . GLN A 5  ? 0.1824 0.2073 0.0684 0.0837  0.0278  0.0138  62   GLN A C   
29  O  O   . GLN A 5  ? 0.1539 0.2504 0.1131 0.0658  0.0221  0.0582  62   GLN A O   
30  C  CB  . GLN A 5  ? 0.2864 0.1865 0.0753 0.1297  -0.0056 -0.0080 62   GLN A CB  
31  C  CG  . GLN A 5  ? 0.4217 0.2219 0.0792 0.1918  0.0052  -0.0088 62   GLN A CG  
32  C  CD  . GLN A 5  ? 0.3150 0.1745 0.0782 0.1230  0.0061  0.0057  62   GLN A CD  
33  O  OE1 . GLN A 5  ? 0.2778 0.1448 0.0843 0.0919  0.0420  0.0268  62   GLN A OE1 
34  N  NE2 . GLN A 5  ? 0.2608 0.1918 0.0809 0.0921  -0.0393 -0.0464 62   GLN A NE2 
35  N  N   A ASP A 6  ? 0.1295 0.1909 0.0912 -0.0040 -0.0192 0.0036  63   ASP A N   
36  N  N   B ASP A 6  ? 0.1717 0.2260 0.0540 0.0999  0.0304  0.0266  63   ASP A N   
37  C  CA  A ASP A 6  ? 0.1166 0.2158 0.1106 -0.0210 -0.0187 -0.0090 63   ASP A CA  
38  C  CA  B ASP A 6  ? 0.1250 0.2246 0.1610 0.0559  0.0257  0.0511  63   ASP A CA  
39  C  C   A ASP A 6  ? 0.0892 0.1952 0.1075 -0.0063 -0.0287 0.0157  63   ASP A C   
40  C  C   B ASP A 6  ? 0.0851 0.3262 0.1160 0.0334  0.0305  0.0303  63   ASP A C   
41  O  O   A ASP A 6  ? 0.1196 0.1873 0.1504 -0.0052 -0.0309 -0.0418 63   ASP A O   
42  O  O   B ASP A 6  ? 0.1074 0.3428 0.1675 0.0475  -0.0011 0.0587  63   ASP A O   
43  C  CB  A ASP A 6  ? 0.1235 0.2248 0.0955 -0.0134 -0.0228 0.0011  63   ASP A CB  
44  C  CB  B ASP A 6  ? 0.1348 0.2408 0.1156 0.0312  -0.0009 0.0018  63   ASP A CB  
45  C  CG  A ASP A 6  ? 0.1106 0.2382 0.1564 0.0356  -0.0155 -0.0432 63   ASP A CG  
46  C  CG  B ASP A 6  ? 0.3432 0.2716 0.2266 0.0282  0.0356  -0.0602 63   ASP A CG  
47  O  OD1 A ASP A 6  ? 0.1156 0.3385 0.1878 -0.0229 -0.0303 -0.0299 63   ASP A OD1 
48  O  OD1 B ASP A 6  ? 0.2437 0.2769 0.1945 0.0140  -0.0363 -0.0675 63   ASP A OD1 
49  O  OD2 A ASP A 6  ? 0.1708 0.2603 0.2482 0.0889  -0.0466 -0.0243 63   ASP A OD2 
50  O  OD2 B ASP A 6  ? 0.2694 0.2144 0.1728 0.0535  -0.0679 -0.0630 63   ASP A OD2 
51  N  N   . ASN A 7  ? 0.1044 0.2414 0.1098 0.0265  0.0091  0.0460  64   ASN A N   
52  C  CA  . ASN A 7  ? 0.1048 0.2559 0.1118 -0.0236 -0.0061 0.0228  64   ASN A CA  
53  C  C   . ASN A 7  ? 0.0976 0.2074 0.0902 -0.0308 -0.0221 -0.0023 64   ASN A C   
54  O  O   . ASN A 7  ? 0.2551 0.2107 0.1105 -0.1066 0.0243  -0.0503 64   ASN A O   
55  C  CB  . ASN A 7  ? 0.1334 0.2337 0.1117 -0.0439 -0.0007 -0.0032 64   ASN A CB  
56  C  CG  . ASN A 7  ? 0.1459 0.2898 0.1596 -0.0830 -0.0284 0.0497  64   ASN A CG  
57  O  OD1 . ASN A 7  ? 0.1979 0.3867 0.1710 -0.0599 -0.0345 0.0882  64   ASN A OD1 
58  N  ND2 . ASN A 7  ? 0.1469 0.3436 0.1751 -0.0823 -0.0240 0.1032  64   ASN A ND2 
59  N  N   . LEU A 8  ? 0.1112 0.1714 0.0790 0.0151  -0.0091 0.0144  65   LEU A N   
60  C  CA  . LEU A 8  ? 0.1013 0.1548 0.0699 0.0170  -0.0038 0.0011  65   LEU A CA  
61  C  C   . LEU A 8  ? 0.0967 0.1557 0.0770 0.0075  -0.0116 0.0018  65   LEU A C   
62  O  O   . LEU A 8  ? 0.1298 0.1704 0.0801 0.0344  -0.0046 -0.0049 65   LEU A O   
63  C  CB  . LEU A 8  ? 0.1102 0.1661 0.0881 0.0137  -0.0156 0.0079  65   LEU A CB  
64  C  CG  . LEU A 8  ? 0.1055 0.1640 0.1000 -0.0103 -0.0091 0.0277  65   LEU A CG  
65  C  CD1 . LEU A 8  ? 0.1061 0.2372 0.1470 -0.0179 -0.0317 0.0207  65   LEU A CD1 
66  C  CD2 . LEU A 8  ? 0.2133 0.2119 0.1673 0.0795  -0.0460 -0.0138 65   LEU A CD2 
67  N  N   . VAL A 9  ? 0.0937 0.1350 0.0710 0.0085  -0.0084 -0.0004 66   VAL A N   
68  C  CA  . VAL A 9  ? 0.0891 0.1093 0.0785 -0.0001 -0.0178 0.0011  66   VAL A CA  
69  C  C   . VAL A 9  ? 0.0785 0.1026 0.0755 -0.0041 -0.0096 -0.0100 66   VAL A C   
70  O  O   . VAL A 9  ? 0.0883 0.1103 0.0962 -0.0053 -0.0096 0.0014  66   VAL A O   
71  C  CB  . VAL A 9  ? 0.0773 0.1169 0.0964 -0.0040 -0.0132 0.0126  66   VAL A CB  
72  C  CG1 . VAL A 9  ? 0.0988 0.1406 0.1107 -0.0018 -0.0030 0.0287  66   VAL A CG1 
73  C  CG2 . VAL A 9  ? 0.1055 0.1038 0.1067 -0.0036 -0.0349 -0.0005 66   VAL A CG2 
74  N  N   . ILE A 10 ? 0.0939 0.1009 0.0829 -0.0034 -0.0108 -0.0049 67   ILE A N   
75  C  CA  . ILE A 10 ? 0.0737 0.0971 0.0892 -0.0081 -0.0045 -0.0056 67   ILE A CA  
76  C  C   . ILE A 10 ? 0.0714 0.0821 0.0870 -0.0207 -0.0033 -0.0030 67   ILE A C   
77  O  O   . ILE A 10 ? 0.0786 0.0926 0.0914 -0.0101 -0.0073 -0.0092 67   ILE A O   
78  C  CB  . ILE A 10 ? 0.1093 0.1246 0.1220 -0.0439 -0.0253 -0.0148 67   ILE A CB  
79  C  CG1 . ILE A 10 ? 0.1407 0.1390 0.1316 -0.0322 -0.0393 -0.0108 67   ILE A CG1 
80  C  CG2 . ILE A 10 ? 0.1612 0.1345 0.1396 -0.0667 -0.0376 0.0244  67   ILE A CG2 
81  C  CD1 . ILE A 10 ? 0.1642 0.1721 0.2410 0.0190  -0.0937 -0.0537 67   ILE A CD1 
82  N  N   . ALA A 11 ? 0.0672 0.0810 0.0857 -0.0084 -0.0054 -0.0060 68   ALA A N   
83  C  CA  . ALA A 11 ? 0.0708 0.0822 0.0905 -0.0172 -0.0117 -0.0041 68   ALA A CA  
84  C  C   . ALA A 11 ? 0.0720 0.0776 0.0845 -0.0164 -0.0096 -0.0095 68   ALA A C   
85  O  O   . ALA A 11 ? 0.0794 0.0892 0.1284 -0.0253 -0.0067 -0.0064 68   ALA A O   
86  C  CB  . ALA A 11 ? 0.0879 0.0822 0.0929 -0.0087 -0.0060 -0.0063 68   ALA A CB  
87  N  N   . LEU A 12 ? 0.0774 0.0704 0.0876 -0.0169 -0.0120 -0.0016 69   LEU A N   
88  C  CA  . LEU A 12 ? 0.0924 0.0670 0.0982 -0.0118 -0.0090 -0.0048 69   LEU A CA  
89  C  C   . LEU A 12 ? 0.0863 0.0736 0.0936 -0.0069 -0.0119 -0.0032 69   LEU A C   
90  O  O   . LEU A 12 ? 0.1274 0.0676 0.1060 -0.0156 -0.0040 0.0027  69   LEU A O   
91  C  CB  . LEU A 12 ? 0.0866 0.0906 0.1140 -0.0040 -0.0070 -0.0014 69   LEU A CB  
92  C  CG  . LEU A 12 ? 0.1087 0.0918 0.1171 -0.0152 -0.0022 -0.0025 69   LEU A CG  
93  C  CD1 . LEU A 12 ? 0.1175 0.1431 0.1168 -0.0086 0.0130  -0.0145 69   LEU A CD1 
94  C  CD2 . LEU A 12 ? 0.1566 0.0811 0.1275 -0.0137 -0.0038 -0.0198 69   LEU A CD2 
95  N  N   . HIS A 13 ? 0.0906 0.0704 0.0965 -0.0044 -0.0152 -0.0115 70   HIS A N   
96  C  CA  . HIS A 13 ? 0.0912 0.0678 0.0898 -0.0016 -0.0220 0.0033  70   HIS A CA  
97  C  C   . HIS A 13 ? 0.0783 0.0671 0.0867 -0.0108 -0.0229 -0.0015 70   HIS A C   
98  O  O   . HIS A 13 ? 0.1047 0.0683 0.0944 -0.0054 -0.0109 0.0035  70   HIS A O   
99  C  CB  . HIS A 13 ? 0.0877 0.0735 0.0993 -0.0050 -0.0109 0.0082  70   HIS A CB  
100 C  CG  . HIS A 13 ? 0.0794 0.0677 0.0939 -0.0100 -0.0136 0.0047  70   HIS A CG  
101 N  ND1 . HIS A 13 ? 0.0772 0.0651 0.0929 -0.0064 -0.0095 0.0051  70   HIS A ND1 
102 C  CD2 . HIS A 13 ? 0.0883 0.0677 0.0917 -0.0191 -0.0129 0.0063  70   HIS A CD2 
103 C  CE1 . HIS A 13 ? 0.0715 0.0706 0.1015 -0.0036 -0.0237 0.0133  70   HIS A CE1 
104 N  NE2 . HIS A 13 ? 0.0876 0.0631 0.0995 -0.0068 -0.0155 0.0013  70   HIS A NE2 
105 N  N   . SER A 14 ? 0.0699 0.0734 0.0952 -0.0041 -0.0120 -0.0058 71   SER A N   
106 C  CA  . SER A 14 ? 0.0695 0.0783 0.0976 -0.0111 -0.0120 -0.0048 71   SER A CA  
107 C  C   . SER A 14 ? 0.0724 0.0753 0.0791 -0.0049 -0.0093 -0.0002 71   SER A C   
108 O  O   . SER A 14 ? 0.0699 0.0698 0.0938 -0.0070 -0.0152 0.0002  71   SER A O   
109 C  CB  . SER A 14 ? 0.0833 0.1110 0.0963 -0.0028 0.0010  0.0067  71   SER A CB  
110 O  OG  . SER A 14 ? 0.1251 0.1301 0.1085 -0.0267 -0.0111 0.0131  71   SER A OG  
111 N  N   . TYR A 15 ? 0.0706 0.0723 0.0908 -0.0037 -0.0124 -0.0032 72   TYR A N   
112 C  CA  . TYR A 15 ? 0.0659 0.0712 0.0855 -0.0011 -0.0118 -0.0017 72   TYR A CA  
113 C  C   . TYR A 15 ? 0.0835 0.0749 0.0763 0.0030  -0.0044 0.0051  72   TYR A C   
114 O  O   . TYR A 15 ? 0.0893 0.0916 0.1053 0.0251  -0.0195 -0.0098 72   TYR A O   
115 C  CB  . TYR A 15 ? 0.0668 0.0710 0.0926 0.0037  -0.0076 0.0013  72   TYR A CB  
116 C  CG  . TYR A 15 ? 0.0720 0.0713 0.0775 0.0023  -0.0020 -0.0050 72   TYR A CG  
117 C  CD1 . TYR A 15 ? 0.0800 0.0740 0.0963 -0.0048 -0.0175 0.0013  72   TYR A CD1 
118 C  CD2 . TYR A 15 ? 0.0854 0.0718 0.0756 -0.0015 0.0049  0.0068  72   TYR A CD2 
119 C  CE1 . TYR A 15 ? 0.0833 0.0686 0.0922 -0.0082 -0.0088 0.0030  72   TYR A CE1 
120 C  CE2 . TYR A 15 ? 0.0810 0.0762 0.0795 -0.0003 0.0094  0.0142  72   TYR A CE2 
121 C  CZ  . TYR A 15 ? 0.0759 0.0768 0.0759 -0.0128 0.0027  0.0070  72   TYR A CZ  
122 O  OH  . TYR A 15 ? 0.0923 0.0662 0.0977 -0.0102 -0.0012 0.0046  72   TYR A OH  
123 N  N   A GLU A 16 ? 0.0455 0.0778 0.0779 -0.0075 0.0096  -0.0009 73   GLU A N   
124 N  N   B GLU A 16 ? 0.1371 0.0722 0.0965 0.0151  -0.0434 -0.0079 73   GLU A N   
125 C  CA  A GLU A 16 ? 0.0707 0.0960 0.0959 -0.0065 0.0405  -0.0215 73   GLU A CA  
126 C  CA  B GLU A 16 ? 0.0985 0.0706 0.1273 0.0061  -0.0264 -0.0189 73   GLU A CA  
127 C  C   A GLU A 16 ? 0.0673 0.0806 0.0760 0.0012  0.0148  -0.0177 73   GLU A C   
128 C  C   B GLU A 16 ? 0.1027 0.0795 0.1139 0.0004  -0.0182 -0.0115 73   GLU A C   
129 O  O   A GLU A 16 ? 0.0813 0.0882 0.1122 -0.0107 -0.0173 -0.0076 73   GLU A O   
130 O  O   B GLU A 16 ? 0.0891 0.0750 0.1090 0.0056  0.0144  -0.0153 73   GLU A O   
131 C  CB  A GLU A 16 ? 0.1089 0.1165 0.0944 -0.0380 0.0307  -0.0263 73   GLU A CB  
132 C  CB  B GLU A 16 ? 0.1471 0.1372 0.1374 -0.0230 0.0251  -0.0308 73   GLU A CB  
133 C  CG  A GLU A 16 ? 0.1462 0.1433 0.0903 -0.0242 0.0373  -0.0366 73   GLU A CG  
134 C  CG  B GLU A 16 ? 0.1639 0.1106 0.2430 -0.0338 0.0269  0.0077  73   GLU A CG  
135 C  CD  A GLU A 16 ? 0.1697 0.2799 0.1829 0.0607  0.1169  -0.0443 73   GLU A CD  
136 C  CD  B GLU A 16 ? 0.1503 0.3197 0.2442 -0.0596 0.0422  0.0276  73   GLU A CD  
137 O  OE1 A GLU A 16 ? 0.3785 0.3214 0.3138 0.1876  0.0195  -0.1485 73   GLU A OE1 
138 O  OE1 B GLU A 16 ? 0.1749 0.3518 0.4287 -0.1053 0.1001  0.0012  73   GLU A OE1 
139 O  OE2 A GLU A 16 ? 0.1072 0.3885 0.3194 0.0781  0.0841  -0.0330 73   GLU A OE2 
140 O  OE2 B GLU A 16 ? 0.1945 0.3243 0.2419 0.1271  0.0196  -0.0104 73   GLU A OE2 
141 N  N   . PRO A 17 ? 0.0778 0.0878 0.0946 -0.0015 -0.0046 -0.0158 74   PRO A N   
142 C  CA  . PRO A 17 ? 0.0947 0.0857 0.0905 -0.0115 0.0000  -0.0092 74   PRO A CA  
143 C  C   . PRO A 17 ? 0.1035 0.0818 0.0841 -0.0083 0.0022  -0.0084 74   PRO A C   
144 O  O   . PRO A 17 ? 0.0999 0.1203 0.1088 -0.0160 0.0119  -0.0332 74   PRO A O   
145 C  CB  . PRO A 17 ? 0.1125 0.1138 0.1089 0.0030  -0.0148 0.0080  74   PRO A CB  
146 C  CG  . PRO A 17 ? 0.1164 0.1087 0.1401 0.0097  -0.0110 -0.0024 74   PRO A CG  
147 C  CD  . PRO A 17 ? 0.0885 0.1031 0.1489 0.0067  -0.0254 -0.0033 74   PRO A CD  
148 N  N   . SER A 18 ? 0.0907 0.0840 0.0956 -0.0091 -0.0038 -0.0114 75   SER A N   
149 C  CA  . SER A 18 ? 0.1098 0.0836 0.0921 -0.0117 -0.0038 -0.0141 75   SER A CA  
150 C  C   . SER A 18 ? 0.1377 0.0865 0.1061 -0.0228 -0.0115 -0.0175 75   SER A C   
151 O  O   . SER A 18 ? 0.1820 0.1383 0.1594 -0.0616 -0.0616 0.0079  75   SER A O   
152 C  CB  . SER A 18 ? 0.1348 0.1361 0.1054 0.0052  0.0013  0.0050  75   SER A CB  
153 O  OG  . SER A 18 ? 0.0987 0.1090 0.1474 -0.0054 -0.0165 -0.0208 75   SER A OG  
154 N  N   . HIS A 19 ? 0.1476 0.0924 0.0853 -0.0233 -0.0032 -0.0113 76   HIS A N   
155 C  CA  . HIS A 19 ? 0.1434 0.0893 0.1055 -0.0294 0.0010  -0.0215 76   HIS A CA  
156 C  C   . HIS A 19 ? 0.1580 0.0854 0.1179 -0.0236 -0.0060 -0.0139 76   HIS A C   
157 O  O   . HIS A 19 ? 0.1578 0.0929 0.1153 -0.0248 -0.0142 -0.0134 76   HIS A O   
158 C  CB  . HIS A 19 ? 0.1418 0.0932 0.1016 -0.0237 -0.0057 -0.0076 76   HIS A CB  
159 C  CG  . HIS A 19 ? 0.1116 0.0971 0.1339 -0.0275 0.0004  -0.0128 76   HIS A CG  
160 N  ND1 . HIS A 19 ? 0.1153 0.0827 0.0981 -0.0232 -0.0187 0.0111  76   HIS A ND1 
161 C  CD2 . HIS A 19 ? 0.1625 0.0931 0.1572 -0.0334 0.0239  -0.0033 76   HIS A CD2 
162 C  CE1 . HIS A 19 ? 0.1238 0.0747 0.1274 -0.0247 -0.0119 0.0033  76   HIS A CE1 
163 N  NE2 . HIS A 19 ? 0.1812 0.0867 0.1496 -0.0274 0.0159  -0.0103 76   HIS A NE2 
164 N  N   . ASP A 20 ? 0.1827 0.0865 0.1283 -0.0153 -0.0034 -0.0167 77   ASP A N   
165 C  CA  . ASP A 20 ? 0.2041 0.0968 0.1459 0.0111  -0.0085 -0.0144 77   ASP A CA  
166 C  C   . ASP A 20 ? 0.1847 0.0745 0.1395 -0.0112 -0.0076 -0.0040 77   ASP A C   
167 O  O   . ASP A 20 ? 0.1963 0.1339 0.1407 -0.0404 -0.0123 0.0023  77   ASP A O   
168 C  CB  . ASP A 20 ? 0.2925 0.1115 0.2293 0.0482  -0.0553 -0.0686 77   ASP A CB  
169 C  CG  . ASP A 20 ? 0.2958 0.1794 0.2420 0.0415  -0.0353 -0.0961 77   ASP A CG  
170 O  OD1 . ASP A 20 ? 0.4905 0.2184 0.3171 0.0605  0.0927  -0.0616 77   ASP A OD1 
171 O  OD2 . ASP A 20 ? 0.5259 0.1983 0.3575 0.0035  0.0975  -0.1375 77   ASP A OD2 
172 N  N   . GLY A 21 ? 0.1872 0.0581 0.1611 0.0106  -0.0145 -0.0203 78   GLY A N   
173 C  CA  . GLY A 21 ? 0.2006 0.0607 0.1533 0.0164  -0.0401 -0.0074 78   GLY A CA  
174 C  C   . GLY A 21 ? 0.1337 0.0608 0.1144 0.0022  -0.0287 0.0036  78   GLY A C   
175 O  O   . GLY A 21 ? 0.2057 0.0685 0.1166 0.0124  -0.0594 0.0019  78   GLY A O   
176 N  N   . ASP A 22 ? 0.1108 0.0602 0.0927 -0.0047 -0.0205 0.0003  79   ASP A N   
177 C  CA  . ASP A 22 ? 0.0978 0.0594 0.0895 -0.0102 -0.0198 0.0022  79   ASP A CA  
178 C  C   . ASP A 22 ? 0.0939 0.0674 0.1084 0.0018  -0.0240 -0.0070 79   ASP A C   
179 O  O   . ASP A 22 ? 0.0997 0.1076 0.1577 -0.0077 -0.0054 -0.0413 79   ASP A O   
180 C  CB  . ASP A 22 ? 0.0887 0.0556 0.0992 -0.0138 -0.0163 -0.0040 79   ASP A CB  
181 C  CG  . ASP A 22 ? 0.0901 0.0577 0.0895 -0.0217 -0.0198 0.0011  79   ASP A CG  
182 O  OD1 . ASP A 22 ? 0.1020 0.0755 0.1013 -0.0236 -0.0194 0.0212  79   ASP A OD1 
183 O  OD2 . ASP A 22 ? 0.0872 0.0678 0.0832 -0.0151 -0.0099 0.0006  79   ASP A OD2 
184 N  N   . LEU A 23 ? 0.0773 0.0599 0.1209 0.0088  -0.0165 -0.0110 80   LEU A N   
185 C  CA  . LEU A 23 ? 0.0782 0.0710 0.1196 0.0022  -0.0080 -0.0097 80   LEU A CA  
186 C  C   . LEU A 23 ? 0.0785 0.0775 0.1097 -0.0027 -0.0260 -0.0046 80   LEU A C   
187 O  O   . LEU A 23 ? 0.0911 0.0764 0.1163 0.0047  -0.0125 0.0067  80   LEU A O   
188 C  CB  . LEU A 23 ? 0.0824 0.0820 0.1128 -0.0005 -0.0127 0.0082  80   LEU A CB  
189 C  CG  . LEU A 23 ? 0.0981 0.1001 0.1282 -0.0173 -0.0210 0.0097  80   LEU A CG  
190 C  CD1 . LEU A 23 ? 0.0848 0.1644 0.1826 0.0125  -0.0223 0.0214  80   LEU A CD1 
191 C  CD2 . LEU A 23 ? 0.1270 0.1379 0.1381 -0.0156 -0.0552 0.0150  80   LEU A CD2 
192 N  N   . GLY A 24 ? 0.0875 0.0935 0.1222 -0.0090 -0.0097 0.0062  81   GLY A N   
193 C  CA  . GLY A 24 ? 0.1134 0.1049 0.1120 -0.0197 -0.0288 0.0248  81   GLY A CA  
194 C  C   . GLY A 24 ? 0.0839 0.0940 0.0950 0.0006  -0.0068 0.0053  81   GLY A C   
195 O  O   . GLY A 24 ? 0.0964 0.1125 0.1226 -0.0096 -0.0230 0.0219  81   GLY A O   
196 N  N   . PHE A 25 ? 0.0682 0.0982 0.0882 0.0007  -0.0042 0.0045  82   PHE A N   
197 C  CA  . PHE A 25 ? 0.0593 0.0994 0.0967 0.0058  -0.0056 -0.0048 82   PHE A CA  
198 C  C   . PHE A 25 ? 0.0662 0.0971 0.0851 0.0072  -0.0064 -0.0050 82   PHE A C   
199 O  O   . PHE A 25 ? 0.0724 0.0992 0.1008 -0.0006 -0.0105 0.0014  82   PHE A O   
200 C  CB  . PHE A 25 ? 0.0723 0.1240 0.0893 -0.0006 -0.0150 0.0055  82   PHE A CB  
201 C  CG  . PHE A 25 ? 0.0686 0.0864 0.0750 -0.0016 -0.0030 0.0014  82   PHE A CG  
202 C  CD1 . PHE A 25 ? 0.0760 0.0849 0.0948 -0.0180 -0.0028 -0.0116 82   PHE A CD1 
203 C  CD2 . PHE A 25 ? 0.0751 0.0787 0.0999 0.0052  -0.0070 0.0138  82   PHE A CD2 
204 C  CE1 . PHE A 25 ? 0.0875 0.0680 0.0927 -0.0040 0.0071  0.0011  82   PHE A CE1 
205 C  CE2 . PHE A 25 ? 0.0734 0.0750 0.0992 -0.0026 0.0037  0.0203  82   PHE A CE2 
206 C  CZ  . PHE A 25 ? 0.0721 0.0800 0.0796 -0.0017 -0.0003 -0.0004 82   PHE A CZ  
207 N  N   . GLU A 26 ? 0.0757 0.1108 0.0946 -0.0087 -0.0102 0.0001  83   GLU A N   
208 C  CA  . GLU A 26 ? 0.0980 0.1138 0.0870 -0.0218 -0.0075 0.0044  83   GLU A CA  
209 C  C   . GLU A 26 ? 0.0745 0.1085 0.1003 -0.0274 -0.0138 0.0091  83   GLU A C   
210 O  O   . GLU A 26 ? 0.0869 0.1015 0.0973 -0.0107 -0.0029 0.0104  83   GLU A O   
211 C  CB  . GLU A 26 ? 0.1074 0.1274 0.1487 -0.0190 0.0225  0.0138  83   GLU A CB  
212 C  CG  . GLU A 26 ? 0.1436 0.2396 0.1679 -0.0180 0.0422  -0.0354 83   GLU A CG  
213 C  CD  . GLU A 26 ? 0.1497 0.4177 0.3017 -0.0602 0.0878  -0.1349 83   GLU A CD  
214 O  OE1 . GLU A 26 ? 0.1403 0.3007 0.2909 -0.0321 0.0292  -0.0363 83   GLU A OE1 
215 O  OE2 . GLU A 26 ? 0.2268 0.6690 0.3626 -0.0593 0.1300  -0.2289 83   GLU A OE2 
216 N  N   . LYS A 27 ? 0.0862 0.1185 0.1079 -0.0162 -0.0067 0.0210  84   LYS A N   
217 C  CA  . LYS A 27 ? 0.0847 0.1157 0.1251 -0.0213 -0.0062 0.0167  84   LYS A CA  
218 C  C   . LYS A 27 ? 0.0833 0.1133 0.1227 -0.0234 0.0010  0.0124  84   LYS A C   
219 O  O   . LYS A 27 ? 0.0829 0.1602 0.1286 -0.0306 -0.0059 0.0172  84   LYS A O   
220 C  CB  . LYS A 27 ? 0.1041 0.1134 0.1698 -0.0250 -0.0180 0.0322  84   LYS A CB  
221 C  CG  . LYS A 27 ? 0.1288 0.1171 0.1997 -0.0267 -0.0191 0.0137  84   LYS A CG  
222 C  CD  . LYS A 27 ? 0.2024 0.1433 0.2776 0.0286  -0.0596 0.0460  84   LYS A CD  
223 C  CE  . LYS A 27 ? 0.3899 0.1437 0.3691 -0.0018 -0.1223 0.0024  84   LYS A CE  
224 N  NZ  . LYS A 27 ? 0.4916 0.3442 0.7358 -0.1562 -0.1147 -0.0925 84   LYS A NZ  
225 N  N   . GLY A 28 ? 0.0854 0.0910 0.1323 -0.0221 -0.0046 0.0000  85   GLY A N   
226 C  CA  . GLY A 28 ? 0.1105 0.1114 0.1407 -0.0434 -0.0129 -0.0142 85   GLY A CA  
227 C  C   . GLY A 28 ? 0.0729 0.1291 0.1191 -0.0200 -0.0057 -0.0188 85   GLY A C   
228 O  O   . GLY A 28 ? 0.1142 0.1627 0.1580 -0.0223 -0.0377 -0.0380 85   GLY A O   
229 N  N   . GLU A 29 ? 0.0747 0.1172 0.1057 -0.0162 -0.0084 -0.0030 86   GLU A N   
230 C  CA  . GLU A 29 ? 0.0774 0.1273 0.0965 -0.0130 -0.0099 -0.0052 86   GLU A CA  
231 C  C   . GLU A 29 ? 0.0726 0.1243 0.0961 -0.0013 -0.0163 -0.0011 86   GLU A C   
232 O  O   . GLU A 29 ? 0.0692 0.1460 0.0943 -0.0009 -0.0081 0.0080  86   GLU A O   
233 C  CB  . GLU A 29 ? 0.1018 0.1131 0.0978 -0.0061 -0.0123 -0.0058 86   GLU A CB  
234 C  CG  . GLU A 29 ? 0.1191 0.1287 0.1046 0.0038  -0.0154 0.0016  86   GLU A CG  
235 C  CD  . GLU A 29 ? 0.1038 0.1271 0.1154 0.0081  -0.0147 -0.0079 86   GLU A CD  
236 O  OE1 . GLU A 29 ? 0.1129 0.1457 0.1065 0.0088  -0.0279 -0.0092 86   GLU A OE1 
237 O  OE2 . GLU A 29 ? 0.1757 0.1285 0.1673 0.0049  -0.0121 0.0057  86   GLU A OE2 
238 N  N   . GLN A 30 ? 0.0724 0.1346 0.0947 0.0008  -0.0136 0.0012  87   GLN A N   
239 C  CA  . GLN A 30 ? 0.0733 0.1260 0.0954 -0.0007 -0.0178 -0.0004 87   GLN A CA  
240 C  C   . GLN A 30 ? 0.0799 0.1256 0.0756 0.0056  -0.0188 -0.0030 87   GLN A C   
241 O  O   . GLN A 30 ? 0.0894 0.1272 0.1225 0.0132  -0.0118 0.0032  87   GLN A O   
242 C  CB  . GLN A 30 ? 0.0883 0.1402 0.1018 0.0022  -0.0321 -0.0008 87   GLN A CB  
243 C  CG  . GLN A 30 ? 0.0938 0.1598 0.1074 0.0107  -0.0230 0.0053  87   GLN A CG  
244 C  CD  . GLN A 30 ? 0.1074 0.2101 0.1011 0.0043  -0.0224 -0.0026 87   GLN A CD  
245 O  OE1 . GLN A 30 ? 0.1058 0.2573 0.1426 -0.0043 -0.0354 -0.0357 87   GLN A OE1 
246 N  NE2 . GLN A 30 ? 0.1512 0.1556 0.1243 -0.0041 -0.0254 -0.0140 87   GLN A NE2 
247 N  N   . LEU A 31 ? 0.0892 0.1154 0.0801 -0.0021 -0.0140 -0.0112 88   LEU A N   
248 C  CA  . LEU A 31 ? 0.0881 0.1106 0.0905 0.0030  -0.0204 0.0015  88   LEU A CA  
249 C  C   . LEU A 31 ? 0.0944 0.1175 0.0984 -0.0084 -0.0211 -0.0048 88   LEU A C   
250 O  O   . LEU A 31 ? 0.1169 0.1325 0.0893 0.0095  -0.0132 -0.0015 88   LEU A O   
251 C  CB  . LEU A 31 ? 0.1056 0.1204 0.0962 -0.0081 -0.0223 -0.0105 88   LEU A CB  
252 C  CG  . LEU A 31 ? 0.1264 0.1410 0.1011 -0.0485 -0.0428 0.0187  88   LEU A CG  
253 C  CD1 . LEU A 31 ? 0.1524 0.1559 0.1380 0.0038  -0.0069 0.0195  88   LEU A CD1 
254 C  CD2 . LEU A 31 ? 0.1594 0.1723 0.1065 -0.0257 -0.0122 -0.0320 88   LEU A CD2 
255 N  N   . ARG A 32 ? 0.1289 0.1144 0.0855 -0.0173 -0.0230 -0.0044 89   ARG A N   
256 C  CA  . ARG A 32 ? 0.1275 0.1507 0.0933 -0.0345 -0.0370 0.0151  89   ARG A CA  
257 C  C   . ARG A 32 ? 0.1364 0.1325 0.0969 -0.0298 -0.0383 0.0183  89   ARG A C   
258 O  O   . ARG A 32 ? 0.1371 0.1398 0.1330 -0.0331 -0.0362 -0.0059 89   ARG A O   
259 C  CB  . ARG A 32 ? 0.1535 0.1687 0.1364 -0.0330 -0.0577 0.0412  89   ARG A CB  
260 C  CG  . ARG A 32 ? 0.2177 0.1921 0.1145 -0.0323 -0.0626 0.0298  89   ARG A CG  
261 C  CD  . ARG A 32 ? 0.2728 0.1762 0.1482 -0.0218 -0.0779 0.0351  89   ARG A CD  
262 N  NE  . ARG A 32 ? 0.4422 0.1888 0.1353 -0.0783 -0.1000 0.0352  89   ARG A NE  
263 C  CZ  . ARG A 32 ? 0.4032 0.1984 0.1465 -0.0450 -0.0607 0.0433  89   ARG A CZ  
264 N  NH1 . ARG A 32 ? 0.5384 0.2806 0.1670 -0.0088 -0.0085 0.0748  89   ARG A NH1 
265 N  NH2 . ARG A 32 ? 0.3669 0.4734 0.3431 -0.0452 -0.0264 0.1118  89   ARG A NH2 
266 N  N   . ILE A 33 ? 0.1503 0.1761 0.0886 -0.0736 -0.0199 0.0000  90   ILE A N   
267 C  CA  . ILE A 33 ? 0.1470 0.1575 0.0993 -0.0614 -0.0221 0.0100  90   ILE A CA  
268 C  C   . ILE A 33 ? 0.1442 0.1627 0.0934 -0.0508 -0.0244 0.0048  90   ILE A C   
269 O  O   . ILE A 33 ? 0.2296 0.2261 0.0932 -0.0872 -0.0562 0.0215  90   ILE A O   
270 C  CB  . ILE A 33 ? 0.1621 0.1584 0.1288 -0.0535 -0.0223 -0.0016 90   ILE A CB  
271 C  CG1 . ILE A 33 ? 0.2075 0.1511 0.1697 -0.0538 -0.0379 0.0045  90   ILE A CG1 
272 C  CG2 . ILE A 33 ? 0.1543 0.1788 0.2183 -0.0413 -0.0047 0.0254  90   ILE A CG2 
273 C  CD1 . ILE A 33 ? 0.2108 0.1596 0.1553 -0.0760 -0.0506 0.0342  90   ILE A CD1 
274 N  N   . LEU A 34 ? 0.1352 0.1472 0.1049 -0.0559 -0.0334 0.0256  91   LEU A N   
275 C  CA  . LEU A 34 ? 0.1777 0.1673 0.1214 -0.0734 -0.0521 0.0413  91   LEU A CA  
276 C  C   . LEU A 34 ? 0.1852 0.2031 0.1229 -0.0859 -0.0409 0.0685  91   LEU A C   
277 O  O   . LEU A 34 ? 0.2118 0.3058 0.1525 -0.0980 -0.0451 0.1109  91   LEU A O   
278 C  CB  . LEU A 34 ? 0.2087 0.1464 0.1671 -0.0465 -0.0624 0.0386  91   LEU A CB  
279 C  CG  . LEU A 34 ? 0.1911 0.1966 0.2236 -0.0114 -0.0610 0.0187  91   LEU A CG  
280 C  CD1 . LEU A 34 ? 0.2703 0.2366 0.1926 0.0106  -0.0395 0.0235  91   LEU A CD1 
281 C  CD2 . LEU A 34 ? 0.2103 0.2138 0.2706 0.0335  -0.1044 -0.0163 91   LEU A CD2 
282 N  N   . GLU A 35 ? 0.1705 0.1975 0.1211 -0.0767 -0.0350 0.0460  92   GLU A N   
283 C  CA  . GLU A 35 ? 0.1760 0.2678 0.1493 -0.0897 -0.0354 0.0791  92   GLU A CA  
284 C  C   . GLU A 35 ? 0.1584 0.2638 0.1112 -0.0783 -0.0401 0.0548  92   GLU A C   
285 O  O   . GLU A 35 ? 0.1708 0.2105 0.1240 -0.0354 -0.0170 0.0293  92   GLU A O   
286 C  CB  . GLU A 35 ? 0.1876 0.2553 0.2579 -0.1145 -0.0402 0.0965  92   GLU A CB  
287 C  CG  . GLU A 35 ? 0.2146 0.2848 0.4747 -0.0206 -0.0049 0.0098  92   GLU A CG  
288 C  CD  . GLU A 35 ? 0.5845 0.3239 0.5246 0.0376  -0.2261 -0.0403 92   GLU A CD  
289 O  OE1 . GLU A 35 ? 0.5421 0.2891 0.4906 0.0150  -0.1212 -0.0280 92   GLU A OE1 
290 O  OE2 . GLU A 35 ? 0.4237 0.4912 0.4008 -0.0419 -0.0619 -0.0188 92   GLU A OE2 
291 N  N   . GLN A 36 ? 0.1796 0.3056 0.1217 -0.0685 -0.0056 0.0605  93   GLN A N   
292 C  CA  . GLN A 36 ? 0.1480 0.2943 0.1757 -0.0697 -0.0420 0.0485  93   GLN A CA  
293 C  C   . GLN A 36 ? 0.1690 0.3625 0.1471 -0.0595 0.0219  0.0561  93   GLN A C   
294 O  O   . GLN A 36 ? 0.2636 0.6633 0.3174 -0.0789 0.1450  -0.2275 93   GLN A O   
295 C  CB  . GLN A 36 ? 0.2678 0.3124 0.2560 -0.0792 -0.0593 -0.0008 93   GLN A CB  
296 C  CG  . GLN A 36 ? 0.3879 0.3862 0.2818 -0.0349 -0.1179 -0.0784 93   GLN A CG  
297 C  CD  . GLN A 36 ? 0.2410 0.3450 0.2154 -0.0058 -0.0568 -0.0300 93   GLN A CD  
298 O  OE1 . GLN A 36 ? 0.3520 0.3543 0.4572 0.0279  -0.0862 0.0015  93   GLN A OE1 
299 N  NE2 . GLN A 36 ? 0.4181 0.4408 0.2782 -0.0202 -0.2420 0.0245  93   GLN A NE2 
300 N  N   . SER A 37 ? 0.1060 0.3436 0.1975 -0.0563 -0.0114 0.0760  94   SER A N   
301 C  CA  . SER A 37 ? 0.1078 0.2975 0.1624 0.0279  0.0026  0.0393  94   SER A CA  
302 C  C   . SER A 37 ? 0.1060 0.2624 0.1569 -0.0041 0.0107  0.0255  94   SER A C   
303 O  O   . SER A 37 ? 0.1919 0.3546 0.1525 0.0799  0.0403  0.0587  94   SER A O   
304 C  CB  . SER A 37 ? 0.1580 0.3833 0.1954 -0.0925 -0.0094 0.0893  94   SER A CB  
305 O  OG  . SER A 37 ? 0.1775 0.4776 0.2460 -0.0856 0.0156  0.0330  94   SER A OG  
306 N  N   . GLY A 38 ? 0.0887 0.2380 0.1316 -0.0325 0.0072  0.0465  95   GLY A N   
307 C  CA  . GLY A 38 ? 0.1047 0.1890 0.1222 -0.0476 0.0055  0.0267  95   GLY A CA  
308 C  C   . GLY A 38 ? 0.0900 0.1628 0.1387 -0.0256 0.0013  0.0341  95   GLY A C   
309 O  O   . GLY A 38 ? 0.1369 0.2065 0.1592 -0.0681 0.0114  0.0063  95   GLY A O   
310 N  N   . GLU A 39 ? 0.0977 0.1413 0.1374 -0.0241 0.0188  0.0267  96   GLU A N   
311 C  CA  . GLU A 39 ? 0.0975 0.1280 0.1585 -0.0275 0.0163  0.0309  96   GLU A CA  
312 C  C   . GLU A 39 ? 0.1110 0.1070 0.1252 -0.0386 0.0217  0.0006  96   GLU A C   
313 O  O   . GLU A 39 ? 0.1303 0.1059 0.1604 -0.0415 0.0357  0.0073  96   GLU A O   
314 C  CB  . GLU A 39 ? 0.1229 0.1870 0.1486 -0.0352 0.0048  0.0487  96   GLU A CB  
315 C  CG  . GLU A 39 ? 0.1119 0.2406 0.2190 -0.0050 0.0198  0.0844  96   GLU A CG  
316 C  CD  . GLU A 39 ? 0.1586 0.2367 0.2777 -0.0046 -0.0638 0.0598  96   GLU A CD  
317 O  OE1 . GLU A 39 ? 0.1566 0.4543 0.4181 0.1026  0.0412  0.1703  96   GLU A OE1 
318 O  OE2 . GLU A 39 ? 0.3644 0.1656 0.2449 -0.0349 -0.1475 0.0259  96   GLU A OE2 
319 N  N   . TRP A 40 ? 0.0980 0.1124 0.0849 -0.0324 -0.0021 0.0208  97   TRP A N   
320 C  CA  . TRP A 40 ? 0.0923 0.1107 0.0869 -0.0367 -0.0018 0.0134  97   TRP A CA  
321 C  C   . TRP A 40 ? 0.1045 0.1133 0.0969 -0.0360 -0.0054 0.0194  97   TRP A C   
322 O  O   . TRP A 40 ? 0.1410 0.1650 0.1174 -0.0788 -0.0369 0.0553  97   TRP A O   
323 C  CB  . TRP A 40 ? 0.1205 0.1006 0.0994 -0.0220 -0.0056 0.0130  97   TRP A CB  
324 C  CG  . TRP A 40 ? 0.1066 0.0927 0.0978 -0.0257 -0.0138 0.0004  97   TRP A CG  
325 C  CD1 . TRP A 40 ? 0.1063 0.1233 0.1057 -0.0093 -0.0058 -0.0114 97   TRP A CD1 
326 C  CD2 . TRP A 40 ? 0.0993 0.0687 0.0906 -0.0200 -0.0140 -0.0009 97   TRP A CD2 
327 N  NE1 . TRP A 40 ? 0.1122 0.1265 0.1047 0.0106  -0.0182 -0.0081 97   TRP A NE1 
328 C  CE2 . TRP A 40 ? 0.1031 0.0830 0.1011 -0.0224 -0.0175 0.0010  97   TRP A CE2 
329 C  CE3 . TRP A 40 ? 0.1053 0.0788 0.0951 -0.0262 -0.0149 -0.0081 97   TRP A CE3 
330 C  CZ2 . TRP A 40 ? 0.1321 0.0984 0.0879 -0.0079 -0.0290 0.0029  97   TRP A CZ2 
331 C  CZ3 . TRP A 40 ? 0.0981 0.0798 0.1007 -0.0274 -0.0034 -0.0195 97   TRP A CZ3 
332 C  CH2 . TRP A 40 ? 0.1323 0.0920 0.0935 -0.0339 -0.0061 -0.0139 97   TRP A CH2 
333 N  N   . TRP A 41 ? 0.1145 0.1321 0.0786 -0.0453 -0.0149 0.0224  98   TRP A N   
334 C  CA  . TRP A 41 ? 0.1133 0.1283 0.0716 -0.0344 -0.0104 0.0083  98   TRP A CA  
335 C  C   . TRP A 41 ? 0.1221 0.0952 0.0760 -0.0404 -0.0134 0.0076  98   TRP A C   
336 O  O   . TRP A 41 ? 0.1688 0.0969 0.0924 -0.0037 0.0115  0.0199  98   TRP A O   
337 C  CB  . TRP A 41 ? 0.1157 0.1192 0.0836 -0.0264 -0.0072 0.0040  98   TRP A CB  
338 C  CG  . TRP A 41 ? 0.1065 0.1308 0.0791 -0.0231 -0.0113 0.0103  98   TRP A CG  
339 C  CD1 . TRP A 41 ? 0.1127 0.1585 0.0997 -0.0185 -0.0008 0.0147  98   TRP A CD1 
340 C  CD2 . TRP A 41 ? 0.1302 0.1371 0.0859 -0.0049 -0.0070 -0.0026 98   TRP A CD2 
341 N  NE1 . TRP A 41 ? 0.1234 0.1632 0.1280 -0.0032 0.0089  0.0139  98   TRP A NE1 
342 C  CE2 . TRP A 41 ? 0.1434 0.1550 0.1225 0.0039  0.0034  0.0009  98   TRP A CE2 
343 C  CE3 . TRP A 41 ? 0.1446 0.1414 0.1144 -0.0163 -0.0130 -0.0243 98   TRP A CE3 
344 C  CZ2 . TRP A 41 ? 0.1830 0.1638 0.1536 0.0096  0.0317  -0.0201 98   TRP A CZ2 
345 C  CZ3 . TRP A 41 ? 0.1752 0.1469 0.2177 -0.0187 -0.0030 -0.0455 98   TRP A CZ3 
346 C  CH2 . TRP A 41 ? 0.2245 0.1620 0.2025 -0.0111 0.0488  -0.0522 98   TRP A CH2 
347 N  N   . LYS A 42 ? 0.1119 0.1419 0.0795 -0.0355 -0.0072 0.0260  99   LYS A N   
348 C  CA  . LYS A 42 ? 0.1216 0.1189 0.1007 -0.0358 -0.0216 0.0156  99   LYS A CA  
349 C  C   . LYS A 42 ? 0.1162 0.1171 0.0932 -0.0207 -0.0330 0.0138  99   LYS A C   
350 O  O   . LYS A 42 ? 0.1312 0.1368 0.0958 -0.0344 -0.0225 0.0018  99   LYS A O   
351 C  CB  . LYS A 42 ? 0.1423 0.1276 0.1409 -0.0463 -0.0426 0.0267  99   LYS A CB  
352 C  CG  . LYS A 42 ? 0.1728 0.1347 0.2702 -0.0103 -0.0374 0.0334  99   LYS A CG  
353 C  CD  . LYS A 42 ? 0.3240 0.1190 0.3597 -0.0229 -0.0175 0.0433  99   LYS A CD  
354 C  CE  . LYS A 42 ? 0.4004 0.1320 0.5042 0.0306  -0.0513 0.0691  99   LYS A CE  
355 N  NZ  . LYS A 42 ? 0.5946 0.1854 0.5383 0.0295  -0.0814 0.1188  99   LYS A NZ  
356 N  N   . ALA A 43 ? 0.1202 0.1142 0.1028 -0.0288 -0.0183 -0.0052 100  ALA A N   
357 C  CA  . ALA A 43 ? 0.1147 0.1115 0.1025 -0.0266 -0.0211 0.0037  100  ALA A CA  
358 C  C   . ALA A 43 ? 0.1198 0.0918 0.1165 -0.0139 -0.0402 0.0177  100  ALA A C   
359 O  O   . ALA A 43 ? 0.1299 0.1071 0.1275 0.0011  -0.0486 -0.0039 100  ALA A O   
360 C  CB  . ALA A 43 ? 0.1401 0.1098 0.1440 -0.0081 -0.0338 0.0215  100  ALA A CB  
361 N  N   . GLN A 44 ? 0.1158 0.1197 0.1256 -0.0161 -0.0355 0.0021  101  GLN A N   
362 C  CA  . GLN A 44 ? 0.1188 0.1302 0.1300 -0.0065 -0.0333 0.0170  101  GLN A CA  
363 C  C   . GLN A 44 ? 0.1121 0.1326 0.1103 -0.0080 -0.0380 0.0147  101  GLN A C   
364 O  O   . GLN A 44 ? 0.1148 0.1352 0.1284 -0.0139 -0.0244 0.0060  101  GLN A O   
365 C  CB  . GLN A 44 ? 0.1755 0.1478 0.1451 0.0180  -0.0438 0.0315  101  GLN A CB  
366 C  CG  . GLN A 44 ? 0.1570 0.2078 0.2796 0.0345  -0.0838 0.0081  101  GLN A CG  
367 C  CD  . GLN A 44 ? 0.2803 0.3226 0.4100 0.0527  -0.2267 0.0445  101  GLN A CD  
368 O  OE1 . GLN A 44 ? 0.5188 0.4932 0.3746 0.1245  -0.2924 0.0373  101  GLN A OE1 
369 N  NE2 . GLN A 44 ? 0.7049 0.2651 0.5830 0.1111  -0.2416 0.1148  101  GLN A NE2 
370 N  N   . SER A 45 ? 0.0976 0.1497 0.1168 -0.0031 -0.0313 0.0127  102  SER A N   
371 C  CA  . SER A 45 ? 0.1018 0.1258 0.1215 -0.0024 -0.0235 -0.0056 102  SER A CA  
372 C  C   . SER A 45 ? 0.1149 0.1110 0.1644 -0.0074 -0.0276 -0.0017 102  SER A C   
373 O  O   . SER A 45 ? 0.1074 0.1289 0.1664 0.0233  -0.0283 -0.0009 102  SER A O   
374 C  CB  . SER A 45 ? 0.1295 0.1418 0.1331 -0.0055 -0.0032 0.0030  102  SER A CB  
375 O  OG  . SER A 45 ? 0.1168 0.1407 0.1506 -0.0011 -0.0022 -0.0010 102  SER A OG  
376 N  N   . LEU A 46 ? 0.0985 0.1388 0.1806 0.0053  -0.0399 -0.0385 103  LEU A N   
377 C  CA  . LEU A 46 ? 0.0969 0.1608 0.1781 -0.0011 -0.0262 -0.0249 103  LEU A CA  
378 C  C   . LEU A 46 ? 0.1009 0.2172 0.2119 -0.0180 -0.0053 -0.0535 103  LEU A C   
379 O  O   . LEU A 46 ? 0.0973 0.4736 0.2597 -0.0320 0.0059  -0.0982 103  LEU A O   
380 C  CB  . LEU A 46 ? 0.1057 0.1721 0.1425 -0.0108 -0.0443 -0.0007 103  LEU A CB  
381 C  CG  . LEU A 46 ? 0.1239 0.1824 0.1312 0.0014  -0.0417 0.0034  103  LEU A CG  
382 C  CD1 . LEU A 46 ? 0.1802 0.2237 0.1628 0.0107  -0.0338 -0.0333 103  LEU A CD1 
383 C  CD2 . LEU A 46 ? 0.1976 0.1818 0.2125 -0.0487 -0.0433 0.0284  103  LEU A CD2 
384 N  N   . THR A 47 ? 0.1423 0.1634 0.1957 -0.0201 0.0239  -0.0319 104  THR A N   
385 C  CA  . THR A 47 ? 0.1890 0.1631 0.2522 -0.0084 0.0796  -0.0411 104  THR A CA  
386 C  C   . THR A 47 ? 0.1383 0.1987 0.2531 0.0238  -0.0278 -0.0805 104  THR A C   
387 O  O   . THR A 47 ? 0.1461 0.2624 0.4026 0.0256  -0.0176 -0.1827 104  THR A O   
388 C  CB  . THR A 47 ? 0.2488 0.1673 0.2436 -0.0045 0.1040  -0.0208 104  THR A CB  
389 O  OG1 . THR A 47 ? 0.2300 0.1597 0.2923 -0.0087 0.1161  -0.0256 104  THR A OG1 
390 C  CG2 . THR A 47 ? 0.2188 0.2591 0.2653 -0.0326 0.1180  -0.0412 104  THR A CG2 
391 N  N   . THR A 48 ? 0.1374 0.1703 0.2519 0.0051  0.0132  -0.0568 105  THR A N   
392 C  CA  . THR A 48 ? 0.1426 0.1736 0.2593 0.0108  0.0217  -0.0585 105  THR A CA  
393 C  C   . THR A 48 ? 0.1200 0.1697 0.2913 0.0188  0.0149  -0.0441 105  THR A C   
394 O  O   . THR A 48 ? 0.1605 0.1820 0.3157 0.0377  -0.0096 -0.0532 105  THR A O   
395 C  CB  . THR A 48 ? 0.1710 0.2001 0.2581 -0.0316 0.0126  -0.0539 105  THR A CB  
396 O  OG1 . THR A 48 ? 0.1631 0.1966 0.2430 -0.0150 0.0099  -0.0779 105  THR A OG1 
397 C  CG2 . THR A 48 ? 0.2578 0.2576 0.2282 -0.0036 0.0424  -0.0344 105  THR A CG2 
398 N  N   . GLY A 49 ? 0.1118 0.1753 0.2422 0.0278  -0.0329 -0.0179 106  GLY A N   
399 C  CA  . GLY A 49 ? 0.1480 0.1843 0.2359 0.0174  -0.0600 -0.0076 106  GLY A CA  
400 C  C   . GLY A 49 ? 0.1517 0.1458 0.2735 0.0199  -0.0591 0.0113  106  GLY A C   
401 O  O   . GLY A 49 ? 0.2124 0.1697 0.2748 0.0022  -0.0249 0.0166  106  GLY A O   
402 N  N   . GLN A 50 ? 0.1391 0.1343 0.2662 0.0175  -0.0610 -0.0047 107  GLN A N   
403 C  CA  . GLN A 50 ? 0.1422 0.1402 0.2774 0.0270  -0.0396 -0.0363 107  GLN A CA  
404 C  C   . GLN A 50 ? 0.1364 0.1153 0.2182 0.0283  -0.0610 -0.0077 107  GLN A C   
405 O  O   . GLN A 50 ? 0.1582 0.1225 0.1816 0.0207  -0.0397 -0.0183 107  GLN A O   
406 C  CB  . GLN A 50 ? 0.1707 0.3006 0.2539 0.0265  -0.0331 -0.1023 107  GLN A CB  
407 C  CG  . GLN A 50 ? 0.2489 0.4262 0.3521 0.0832  0.0477  -0.0744 107  GLN A CG  
408 C  CD  . GLN A 50 ? 0.3072 0.4186 0.5546 0.1243  0.0801  -0.1345 107  GLN A CD  
409 O  OE1 . GLN A 50 ? 0.4868 0.4839 0.7105 0.1842  -0.0064 -0.0133 107  GLN A OE1 
410 N  NE2 . GLN A 50 ? 0.6325 0.4969 0.5395 -0.0980 -0.0025 -0.0394 107  GLN A NE2 
411 N  N   . GLU A 51 ? 0.1381 0.1149 0.2660 0.0324  -0.0483 -0.0333 108  GLU A N   
412 C  CA  . GLU A 51 ? 0.1394 0.1318 0.2014 0.0176  -0.0600 -0.0114 108  GLU A CA  
413 C  C   . GLU A 51 ? 0.1430 0.1059 0.1699 0.0284  -0.0482 -0.0210 108  GLU A C   
414 O  O   . GLU A 51 ? 0.1646 0.1634 0.1956 0.0482  -0.0403 -0.0581 108  GLU A O   
415 C  CB  . GLU A 51 ? 0.2297 0.1497 0.1984 0.0323  -0.0707 0.0033  108  GLU A CB  
416 C  CG  . GLU A 51 ? 0.3060 0.1922 0.2922 0.0838  -0.1613 0.0005  108  GLU A CG  
417 C  CD  . GLU A 51 ? 0.4341 0.2607 0.2888 0.0859  -0.1706 0.0428  108  GLU A CD  
418 O  OE1 . GLU A 51 ? 0.3705 0.3061 0.2845 0.0979  -0.0483 0.0507  108  GLU A OE1 
419 O  OE2 . GLU A 51 ? 0.5437 0.4510 0.3742 0.0561  -0.2623 0.1085  108  GLU A OE2 
420 N  N   . GLY A 52 ? 0.1295 0.0856 0.1320 0.0135  -0.0426 -0.0004 109  GLY A N   
421 C  CA  . GLY A 52 ? 0.1386 0.0717 0.1226 0.0080  -0.0458 0.0016  109  GLY A CA  
422 C  C   . GLY A 52 ? 0.1048 0.0831 0.0922 -0.0099 -0.0224 0.0036  109  GLY A C   
423 O  O   . GLY A 52 ? 0.1037 0.0961 0.1144 -0.0003 -0.0316 -0.0131 109  GLY A O   
424 N  N   . PHE A 53 ? 0.1229 0.0578 0.0996 -0.0002 -0.0327 -0.0024 110  PHE A N   
425 C  CA  . PHE A 53 ? 0.0973 0.0674 0.0949 -0.0161 -0.0153 0.0061  110  PHE A CA  
426 C  C   . PHE A 53 ? 0.0863 0.0638 0.0900 -0.0105 -0.0294 0.0043  110  PHE A C   
427 O  O   . PHE A 53 ? 0.0988 0.0664 0.0865 -0.0045 -0.0181 0.0058  110  PHE A O   
428 C  CB  . PHE A 53 ? 0.1153 0.0817 0.1089 -0.0269 -0.0287 0.0109  110  PHE A CB  
429 C  CG  . PHE A 53 ? 0.1329 0.0911 0.1358 -0.0422 -0.0424 0.0312  110  PHE A CG  
430 C  CD1 . PHE A 53 ? 0.1491 0.1435 0.1280 -0.0644 -0.0320 0.0328  110  PHE A CD1 
431 C  CD2 . PHE A 53 ? 0.1768 0.0899 0.1735 -0.0281 -0.0624 0.0328  110  PHE A CD2 
432 C  CE1 . PHE A 53 ? 0.2082 0.1900 0.1510 -0.0998 -0.0504 0.0643  110  PHE A CE1 
433 C  CE2 . PHE A 53 ? 0.2882 0.0955 0.2394 -0.0564 -0.0851 0.0694  110  PHE A CE2 
434 C  CZ  . PHE A 53 ? 0.2021 0.1687 0.2278 -0.0913 -0.0794 0.1069  110  PHE A CZ  
435 N  N   . ILE A 54 ? 0.1112 0.0646 0.0834 -0.0113 -0.0012 0.0129  111  ILE A N   
436 C  CA  . ILE A 54 ? 0.0902 0.0619 0.0803 -0.0124 0.0013  0.0038  111  ILE A CA  
437 C  C   . ILE A 54 ? 0.0880 0.0584 0.0799 -0.0165 0.0000  0.0032  111  ILE A C   
438 O  O   . ILE A 54 ? 0.0892 0.0828 0.0818 -0.0139 -0.0003 0.0062  111  ILE A O   
439 C  CB  . ILE A 54 ? 0.0942 0.0705 0.0850 -0.0079 -0.0082 0.0063  111  ILE A CB  
440 C  CG1 . ILE A 54 ? 0.1117 0.0724 0.0815 -0.0053 -0.0116 0.0056  111  ILE A CG1 
441 C  CG2 . ILE A 54 ? 0.0945 0.0856 0.1051 0.0001  -0.0044 0.0061  111  ILE A CG2 
442 C  CD1 . ILE A 54 ? 0.1778 0.0979 0.1118 -0.0451 -0.0244 -0.0007 111  ILE A CD1 
443 N  N   . PRO A 55 ? 0.0822 0.0665 0.0767 -0.0044 0.0026  0.0023  112  PRO A N   
444 C  CA  . PRO A 55 ? 0.0737 0.0708 0.0860 -0.0129 -0.0083 -0.0019 112  PRO A CA  
445 C  C   . PRO A 55 ? 0.0674 0.0688 0.0880 -0.0070 -0.0100 -0.0031 112  PRO A C   
446 O  O   . PRO A 55 ? 0.0768 0.0754 0.0966 -0.0160 0.0024  -0.0112 112  PRO A O   
447 C  CB  . PRO A 55 ? 0.0892 0.0880 0.0882 -0.0081 -0.0178 0.0000  112  PRO A CB  
448 C  CG  . PRO A 55 ? 0.0928 0.0846 0.0853 -0.0099 -0.0123 0.0141  112  PRO A CG  
449 C  CD  . PRO A 55 ? 0.0961 0.0754 0.0723 -0.0077 -0.0013 0.0043  112  PRO A CD  
450 N  N   . PHE A 56 ? 0.0704 0.0855 0.0844 -0.0086 -0.0055 -0.0011 113  PHE A N   
451 C  CA  . PHE A 56 ? 0.0833 0.1036 0.0853 0.0046  -0.0036 -0.0143 113  PHE A CA  
452 C  C   . PHE A 56 ? 0.0755 0.1023 0.1287 -0.0147 0.0155  -0.0321 113  PHE A C   
453 O  O   . PHE A 56 ? 0.1150 0.1301 0.1273 -0.0254 -0.0054 -0.0472 113  PHE A O   
454 C  CB  . PHE A 56 ? 0.1311 0.1339 0.0932 -0.0151 0.0063  -0.0147 113  PHE A CB  
455 C  CG  . PHE A 56 ? 0.1290 0.1387 0.1503 -0.0056 0.0650  0.0034  113  PHE A CG  
456 C  CD1 . PHE A 56 ? 0.0911 0.1240 0.2240 -0.0045 0.0455  0.0275  113  PHE A CD1 
457 C  CD2 . PHE A 56 ? 0.2171 0.2518 0.2612 0.0313  0.0862  -0.1008 113  PHE A CD2 
458 C  CE1 . PHE A 56 ? 0.1174 0.1731 0.3156 0.0252  0.0677  0.0567  113  PHE A CE1 
459 C  CE2 . PHE A 56 ? 0.3149 0.1822 0.3507 0.0605  0.1089  -0.0529 113  PHE A CE2 
460 C  CZ  . PHE A 56 ? 0.2137 0.2247 0.3652 0.0794  0.1311  0.0181  113  PHE A CZ  
461 N  N   . ASN A 57 ? 0.0644 0.0865 0.1456 -0.0044 0.0056  -0.0269 114  ASN A N   
462 C  CA  . ASN A 57 ? 0.0779 0.0806 0.1853 0.0080  0.0118  -0.0307 114  ASN A CA  
463 C  C   . ASN A 57 ? 0.0948 0.0747 0.1102 0.0013  -0.0093 -0.0080 114  ASN A C   
464 O  O   . ASN A 57 ? 0.1080 0.0697 0.1473 0.0066  -0.0090 -0.0109 114  ASN A O   
465 C  CB  . ASN A 57 ? 0.1159 0.1221 0.2393 0.0373  -0.0386 -0.0328 114  ASN A CB  
466 C  CG  . ASN A 57 ? 0.1049 0.3118 0.4313 0.0503  -0.0274 -0.1315 114  ASN A CG  
467 O  OD1 . ASN A 57 ? 0.1906 0.6748 0.7110 -0.1519 0.0469  -0.1027 114  ASN A OD1 
468 N  ND2 . ASN A 57 ? 0.4183 0.2761 0.2019 0.1922  -0.0140 -0.0627 114  ASN A ND2 
469 N  N   . PHE A 58 ? 0.0642 0.0693 0.1087 -0.0057 -0.0146 -0.0077 115  PHE A N   
470 C  CA  . PHE A 58 ? 0.0743 0.0681 0.0892 -0.0125 -0.0161 0.0027  115  PHE A CA  
471 C  C   . PHE A 58 ? 0.0727 0.0600 0.0902 -0.0102 -0.0136 0.0077  115  PHE A C   
472 O  O   . PHE A 58 ? 0.0813 0.0935 0.0921 -0.0251 -0.0170 -0.0102 115  PHE A O   
473 C  CB  . PHE A 58 ? 0.0721 0.0649 0.0948 -0.0095 -0.0137 0.0031  115  PHE A CB  
474 C  CG  . PHE A 58 ? 0.0704 0.0588 0.0943 -0.0056 -0.0171 0.0083  115  PHE A CG  
475 C  CD1 . PHE A 58 ? 0.0662 0.0887 0.0936 -0.0120 -0.0066 0.0127  115  PHE A CD1 
476 C  CD2 . PHE A 58 ? 0.0654 0.0649 0.0963 -0.0060 -0.0061 -0.0057 115  PHE A CD2 
477 C  CE1 . PHE A 58 ? 0.0704 0.0959 0.1100 -0.0163 -0.0238 0.0250  115  PHE A CE1 
478 C  CE2 . PHE A 58 ? 0.0802 0.0776 0.0840 -0.0043 -0.0049 -0.0039 115  PHE A CE2 
479 C  CZ  . PHE A 58 ? 0.0822 0.0789 0.0929 -0.0055 -0.0252 0.0093  115  PHE A CZ  
480 N  N   . VAL A 59 ? 0.0792 0.0856 0.0892 -0.0129 -0.0145 -0.0040 116  VAL A N   
481 C  CA  . VAL A 59 ? 0.0737 0.0880 0.0892 -0.0109 -0.0093 0.0031  116  VAL A CA  
482 C  C   . VAL A 59 ? 0.0903 0.0862 0.0909 -0.0160 -0.0156 0.0000  116  VAL A C   
483 O  O   . VAL A 59 ? 0.0772 0.1056 0.1268 -0.0060 -0.0044 -0.0104 116  VAL A O   
484 C  CB  . VAL A 59 ? 0.0927 0.0924 0.0881 -0.0116 -0.0185 0.0059  116  VAL A CB  
485 C  CG1 . VAL A 59 ? 0.0998 0.0868 0.1059 -0.0078 -0.0110 -0.0033 116  VAL A CG1 
486 C  CG2 . VAL A 59 ? 0.1034 0.1101 0.1155 -0.0231 -0.0005 0.0122  116  VAL A CG2 
487 N  N   . ALA A 60 ? 0.0846 0.1094 0.0928 -0.0184 -0.0077 -0.0074 117  ALA A N   
488 C  CA  . ALA A 60 ? 0.0889 0.1135 0.0939 -0.0024 -0.0131 -0.0175 117  ALA A CA  
489 C  C   . ALA A 60 ? 0.1060 0.1291 0.0896 0.0103  -0.0054 -0.0256 117  ALA A C   
490 O  O   . ALA A 60 ? 0.1008 0.1267 0.0946 0.0176  -0.0085 -0.0211 117  ALA A O   
491 C  CB  . ALA A 60 ? 0.1394 0.1162 0.1437 0.0045  -0.0226 -0.0198 117  ALA A CB  
492 N  N   . LYS A 61 ? 0.1193 0.2357 0.0987 0.0467  0.0178  0.0218  118  LYS A N   
493 C  CA  . LYS A 61 ? 0.1747 0.2519 0.0976 0.0964  -0.0133 -0.0174 118  LYS A CA  
494 C  C   . LYS A 61 ? 0.2482 0.2379 0.1102 0.0846  -0.0328 -0.0355 118  LYS A C   
495 O  O   . LYS A 61 ? 0.3768 0.2383 0.2446 0.1062  -0.1427 -0.1084 118  LYS A O   
496 C  CB  . LYS A 61 ? 0.2795 0.3276 0.0878 0.0941  0.0036  0.0360  118  LYS A CB  
497 C  CG  . LYS A 61 ? 0.2501 0.4676 0.2003 -0.0296 0.0637  -0.0486 118  LYS A CG  
498 C  CD  . LYS A 61 ? 0.3666 0.4556 0.2608 -0.0740 0.0633  0.0234  118  LYS A CD  
499 C  CE  . LYS A 61 ? 0.2233 0.4644 0.2141 -0.0265 -0.0248 -0.0095 118  LYS A CE  
500 N  NZ  . LYS A 61 ? 0.6666 0.5495 0.3247 -0.0120 0.1447  -0.0822 118  LYS A NZ  
501 N  N   . ALA A 62 ? 0.2327 0.2211 0.1906 0.0354  -0.0591 -0.0302 119  ALA A N   
502 C  CA  . ALA A 62 ? 0.2963 0.2658 0.2078 -0.0293 -0.0479 -0.0271 119  ALA A CA  
503 C  C   . ALA A 62 ? 0.2611 0.2376 0.1846 -0.0842 -0.0445 -0.0111 119  ALA A C   
504 O  O   . ALA A 62 ? 0.4746 0.3155 0.2022 -0.0554 -0.0568 -0.0323 119  ALA A O   
505 C  CB  . ALA A 62 ? 0.2764 0.3172 0.2006 -0.0170 -0.0729 0.0266  119  ALA A CB  
506 O  OXT . ALA A 62 ? 0.2904 0.2137 0.2745 -0.0839 -0.0071 0.0128  119  ALA A OXT 
507 ZN ZN  . ZN  B .  ? 0.0886 0.0697 0.0866 -0.0148 -0.0119 0.0111  500  ZN  A ZN  
508 CA CA  . CA  C .  ? 0.1893 0.1890 0.2300 0.0116  0.0115  -0.0371 600  CA  A CA  
509 O  O1  . PG4 D .  ? 0.4562 0.3222 0.3551 -0.1836 -0.2586 0.1146  700  PG4 A O1  
510 C  C1  . PG4 D .  ? 0.5294 0.1891 0.4468 0.0634  -0.2415 -0.0394 700  PG4 A C1  
511 C  C2  . PG4 D .  ? 0.5384 0.1871 0.2566 -0.0912 -0.0997 0.0294  700  PG4 A C2  
512 O  O2  . PG4 D .  ? 0.2213 0.2632 0.1709 -0.0209 -0.0484 0.0080  700  PG4 A O2  
513 C  C3  . PG4 D .  ? 0.4338 0.2158 0.2533 -0.1255 -0.0072 0.0087  700  PG4 A C3  
514 C  C4  . PG4 D .  ? 0.3289 0.2556 0.3279 -0.0845 -0.1241 -0.0286 700  PG4 A C4  
515 O  O3  . PG4 D .  ? 0.4974 0.1455 0.3494 -0.0105 -0.1348 -0.0434 700  PG4 A O3  
516 C  C5  . PG4 D .  ? 0.4694 0.3971 0.2725 -0.1046 -0.0298 -0.0184 700  PG4 A C5  
517 C  C6  . PG4 D .  ? 0.1631 0.3202 0.2852 -0.0519 0.0846  -0.0250 700  PG4 A C6  
518 O  O4  . PG4 D .  ? 0.5504 0.3310 0.3909 -0.0352 0.2715  -0.0516 700  PG4 A O4  
519 C  C7  . PG4 D .  ? 0.1253 0.3662 0.0783 0.0216  0.0268  0.0097  700  PG4 A C7  
520 C  C8  . PG4 D .  ? 0.1846 0.3495 0.3180 -0.0441 0.0530  -0.0277 700  PG4 A C8  
521 O  O5  . PG4 D .  ? 0.3847 0.2651 0.3915 -0.0161 0.1558  -0.0095 700  PG4 A O5  
522 O  O   . HOH E .  ? 0.1106 0.1013 0.2710 -0.0123 0.0367  -0.0564 2001 HOH A O   
523 O  O   . HOH E .  ? 0.2240 0.2567 0.2211 -0.0283 0.0057  0.0558  2002 HOH A O   
524 O  O   . HOH E .  ? 0.2511 0.2860 0.3036 0.0062  -0.0140 -0.0255 2003 HOH A O   
525 O  O   . HOH E .  ? 0.1818 0.0777 0.1742 0.0042  0.0146  -0.0130 2004 HOH A O   
526 O  O   . HOH E .  ? 0.3945 0.1641 0.5321 0.0212  0.1566  -0.0449 2005 HOH A O   
527 O  O   . HOH E .  ? 0.0891 0.0771 0.0894 -0.0009 -0.0191 0.0025  2006 HOH A O   
528 O  O   . HOH E .  ? 0.0886 0.0782 0.0896 -0.0105 -0.0011 -0.0016 2007 HOH A O   
529 O  O   . HOH E .  ? 0.0971 0.0770 0.2313 -0.0155 -0.0274 0.0564  2008 HOH A O   
530 O  O   . HOH E .  ? 0.2089 0.1088 0.1213 0.0014  0.0005  -0.0163 2009 HOH A O   
531 O  O   . HOH E .  ? 0.1153 0.1399 0.1155 0.0057  0.0338  -0.0119 2010 HOH A O   
532 O  O   . HOH E .  ? 0.2242 0.1153 0.1698 0.0151  -0.0276 0.0364  2011 HOH A O   
533 O  O   . HOH E .  ? 0.1349 0.2235 0.1130 -0.0416 -0.0056 0.0277  2012 HOH A O   
534 O  O   . HOH E .  ? 0.0944 0.2098 0.1566 -0.0110 -0.0243 0.0273  2013 HOH A O   
535 O  O   . HOH E .  ? 0.0921 0.2374 0.1834 0.0268  -0.0346 -0.0140 2014 HOH A O   
536 O  O   . HOH E .  ? 0.1418 0.2154 0.2355 0.0333  0.0172  -0.0451 2015 HOH A O   
537 O  O   . HOH E .  ? 0.0897 0.2512 0.1330 -0.0385 -0.0109 -0.0113 2016 HOH A O   
538 O  O   . HOH E .  ? 0.2716 0.2119 0.1447 0.0287  0.0417  0.0246  2017 HOH A O   
539 O  O   . HOH E .  ? 0.1759 0.1978 0.1797 0.0292  -0.0106 -0.0243 2018 HOH A O   
540 O  O   . HOH E .  ? 0.2347 0.1833 0.1863 0.0567  -0.0022 -0.0350 2019 HOH A O   
541 O  O   . HOH E .  ? 0.1885 0.1812 0.2021 0.0031  -0.0117 -0.0015 2020 HOH A O   
542 O  O   . HOH E .  ? 0.3785 0.3255 0.2038 -0.1869 0.1097  -0.0999 2021 HOH A O   
543 O  O   . HOH E .  ? 0.5259 0.1050 0.2026 0.0245  -0.1114 0.0333  2022 HOH A O   
544 O  O   . HOH E .  ? 0.2644 0.2127 0.2748 -0.0046 -0.0340 -0.1286 2023 HOH A O   
545 O  O   . HOH E .  ? 0.2423 0.1970 0.2811 -0.0068 0.0247  0.0451  2024 HOH A O   
546 O  O   . HOH E .  ? 0.2530 0.3436 0.2635 -0.1501 -0.1054 0.1337  2025 HOH A O   
547 O  O   . HOH E .  ? 0.2485 0.2342 0.0932 -0.0141 -0.0073 -0.0105 2026 HOH A O   
548 O  O   . HOH E .  ? 0.2264 0.1361 0.2352 -0.0334 0.0897  -0.0421 2027 HOH A O   
549 O  O   . HOH E .  ? 0.1579 0.2965 0.4027 0.0522  -0.1161 -0.0376 2028 HOH A O   
550 O  O   . HOH E .  ? 0.2245 0.2727 0.2547 0.0381  -0.0497 0.0063  2029 HOH A O   
551 O  O   . HOH E .  ? 0.4192 0.1956 0.3237 -0.1907 0.0229  -0.0419 2030 HOH A O   
552 O  O   . HOH E .  ? 0.1780 1.0335 0.3475 -0.1640 0.1274  -0.3444 2031 HOH A O   
553 O  O   . HOH E .  ? 0.2716 0.2387 0.2460 0.0405  -0.0521 0.0455  2032 HOH A O   
554 O  O   . HOH E .  ? 0.3507 0.2407 0.2703 -0.1175 -0.0711 0.1165  2033 HOH A O   
555 O  O   . HOH E .  ? 0.2587 0.5265 0.3072 0.0895  -0.1155 -0.0155 2034 HOH A O   
556 O  O   . HOH E .  ? 0.3759 0.1983 0.3516 -0.0743 -0.0860 0.0091  2035 HOH A O   
557 O  O   . HOH E .  ? 0.3121 0.3176 0.3049 0.0635  -0.0242 -0.1040 2036 HOH A O   
558 O  O   . HOH E .  ? 0.2702 0.2238 0.4108 0.0371  0.0208  -0.0190 2037 HOH A O   
559 O  O   . HOH E .  ? 0.3204 0.2294 0.2610 -0.0283 -0.0183 -0.0860 2038 HOH A O   
560 O  O   . HOH E .  ? 0.2781 0.1867 0.6664 0.0174  0.0434  -0.1770 2039 HOH A O   
561 O  O   . HOH E .  ? 0.2448 0.4471 0.2948 0.0201  0.0387  -0.0544 2040 HOH A O   
562 O  O   . HOH E .  ? 0.2805 0.2307 0.4102 0.0450  -0.0162 -0.0023 2041 HOH A O   
563 O  O   . HOH E .  ? 0.4617 0.3022 0.5219 -0.1594 0.2395  -0.0909 2042 HOH A O   
564 O  O   . HOH E .  ? 0.2387 0.2530 0.7656 0.0292  -0.1928 -0.1400 2043 HOH A O   
565 O  O   . HOH E .  ? 0.1788 0.3457 0.4644 0.0333  -0.0088 -0.0113 2044 HOH A O   
566 O  O   . HOH E .  ? 0.3000 0.4325 0.3597 0.1733  -0.0855 -0.1034 2045 HOH A O   
567 O  O   . HOH E .  ? 0.5692 0.3246 0.3766 -0.1384 -0.0084 0.0638  2046 HOH A O   
568 O  O   . HOH E .  ? 0.4349 0.3044 0.3093 -0.1404 -0.0090 0.1132  2047 HOH A O   
569 O  O   . HOH E .  ? 0.1904 0.6124 0.2471 0.0042  -0.0144 0.0432  2048 HOH A O   
570 O  O   . HOH E .  ? 0.5772 0.3824 0.1820 0.0742  -0.0102 -0.0696 2049 HOH A O   
571 O  O   . HOH E .  ? 0.6930 0.2306 0.5620 0.0227  -0.4081 -0.0588 2050 HOH A O   
572 O  O   . HOH E .  ? 0.3869 0.4650 0.3635 -0.1504 -0.1105 0.1114  2051 HOH A O   
573 O  O   . HOH E .  ? 0.4299 0.3375 0.2222 0.0257  -0.1519 -0.0206 2052 HOH A O   
574 O  O   . HOH E .  ? 0.2487 0.3657 0.5113 -0.0353 0.0047  -0.2124 2053 HOH A O   
575 O  O   . HOH E .  ? 0.4823 0.5562 0.5616 -0.1581 0.0903  -0.0678 2054 HOH A O   
576 O  O   . HOH E .  ? 0.6781 0.4380 0.3824 -0.0462 -0.1875 -0.0936 2055 HOH A O   
577 O  O   . HOH E .  ? 0.1170 0.9408 0.3911 0.0608  0.0456  0.0684  2056 HOH A O   
578 O  O   . HOH E .  ? 0.7718 0.3946 0.5496 -0.1122 -0.2546 0.0097  2057 HOH A O   
579 O  O   . HOH E .  ? 0.3518 0.3598 0.3066 -0.0661 -0.0398 0.0102  2058 HOH A O   
580 O  O   . HOH E .  ? 0.4323 0.5699 0.3155 0.1858  -0.0567 -0.0087 2059 HOH A O   
581 O  O   . HOH E .  ? 0.3478 0.3491 0.3135 0.0465  0.0061  -0.1189 2060 HOH A O   
582 O  O   . HOH E .  ? 0.3856 0.7709 0.3336 0.0377  0.1094  -0.0350 2061 HOH A O   
583 O  O   . HOH E .  ? 0.5669 0.3984 0.2246 0.2267  -0.0484 -0.0498 2062 HOH A O   
584 O  O   . HOH E .  ? 0.3676 0.7624 0.4624 0.1045  -0.1946 -0.1564 2063 HOH A O   
585 O  O   . HOH E .  ? 0.1943 0.1652 0.1934 -0.0306 0.0169  0.0277  2064 HOH A O   
586 O  O   . HOH E .  ? 0.1892 0.2305 0.3561 -0.1073 0.0583  0.0399  2065 HOH A O   
587 O  O   . HOH E .  ? 0.4033 0.2917 0.3027 0.0395  0.0715  -0.0182 2066 HOH A O   
588 O  O   . HOH E .  ? 0.6141 0.2934 0.4054 0.1540  -0.1674 0.1007  2067 HOH A O   
589 O  O   . HOH E .  ? 0.4627 0.4682 0.4102 -0.0668 0.1521  -0.1482 2068 HOH A O   
590 O  O   . HOH E .  ? 0.5121 0.3738 0.6808 -0.0819 -0.2680 0.1161  2069 HOH A O   
591 O  O   . HOH E .  ? 0.5109 0.3848 0.3747 0.0369  0.1433  -0.1170 2070 HOH A O   
592 O  O   . HOH E .  ? 0.6022 0.7352 0.7743 0.1816  -0.4399 -0.4028 2071 HOH A O   
593 O  O   . HOH E .  ? 0.5534 0.3745 0.4725 0.0523  0.1996  0.1100  2072 HOH A O   
594 O  O   . HOH E .  ? 0.3068 0.9690 0.2390 0.1538  0.0667  -0.1079 2073 HOH A O   
595 O  O   . HOH E .  ? 0.3670 0.7903 0.8420 0.2303  0.0910  -0.0990 2074 HOH A O   
596 O  O   . HOH E .  ? 0.7266 0.3352 0.3342 -0.0677 -0.2043 -0.1062 2075 HOH A O   
597 O  O   . HOH E .  ? 0.6945 0.4560 0.7399 -0.1283 0.1170  -0.0114 2076 HOH A O   
598 O  O   . HOH E .  ? 0.4939 0.4849 0.5057 -0.0138 0.0623  -0.1358 2077 HOH A O   
599 O  O   . HOH E .  ? 0.5850 0.4488 0.3436 -0.0119 0.2302  0.1512  2078 HOH A O   
600 O  O   . HOH E .  ? 0.6039 0.5252 0.4760 0.3392  -0.3195 -0.1735 2079 HOH A O   
601 O  O   . HOH E .  ? 0.2851 0.5042 0.6381 -0.0406 0.0692  0.0320  2080 HOH A O   
602 O  O   . HOH E .  ? 0.5314 0.4059 0.2350 0.1134  0.0289  -0.0867 2081 HOH A O   
603 O  O   . HOH E .  ? 0.5101 0.5568 0.5391 0.1937  -0.1610 -0.0388 2082 HOH A O   
604 O  O   . HOH E .  ? 0.4391 0.2094 0.1444 0.0750  0.0735  0.0273  2083 HOH A O   
605 O  O   . HOH E .  ? 0.3915 0.2989 0.5382 -0.0584 0.2893  0.0360  2084 HOH A O   
# 
loop_
_pdbx_poly_seq_scheme.asym_id 
_pdbx_poly_seq_scheme.entity_id 
_pdbx_poly_seq_scheme.seq_id 
_pdbx_poly_seq_scheme.mon_id 
_pdbx_poly_seq_scheme.ndb_seq_num 
_pdbx_poly_seq_scheme.pdb_seq_num 
_pdbx_poly_seq_scheme.auth_seq_num 
_pdbx_poly_seq_scheme.pdb_mon_id 
_pdbx_poly_seq_scheme.auth_mon_id 
_pdbx_poly_seq_scheme.pdb_strand_id 
_pdbx_poly_seq_scheme.pdb_ins_code 
_pdbx_poly_seq_scheme.hetero 
A 1 1  GLY 1  58  58  GLY GLY A . n 
A 1 2  SER 2  59  59  SER SER A . n 
A 1 3  PRO 3  60  60  PRO PRO A . n 
A 1 4  LEU 4  61  61  LEU LEU A . n 
A 1 5  GLN 5  62  62  GLN GLN A . n 
A 1 6  ASP 6  63  63  ASP ASP A . n 
A 1 7  ASN 7  64  64  ASN ASN A . n 
A 1 8  LEU 8  65  65  LEU LEU A . n 
A 1 9  VAL 9  66  66  VAL VAL A . n 
A 1 10 ILE 10 67  67  ILE ILE A . n 
A 1 11 ALA 11 68  68  ALA ALA A . n 
A 1 12 LEU 12 69  69  LEU LEU A . n 
A 1 13 HIS 13 70  70  HIS HIS A . n 
A 1 14 SER 14 71  71  SER SER A . n 
A 1 15 TYR 15 72  72  TYR TYR A . n 
A 1 16 GLU 16 73  73  GLU GLU A . n 
A 1 17 PRO 17 74  74  PRO PRO A . n 
A 1 18 SER 18 75  75  SER SER A . n 
A 1 19 HIS 19 76  76  HIS HIS A . n 
A 1 20 ASP 20 77  77  ASP ASP A . n 
A 1 21 GLY 21 78  78  GLY GLY A . n 
A 1 22 ASP 22 79  79  ASP ASP A . n 
A 1 23 LEU 23 80  80  LEU LEU A . n 
A 1 24 GLY 24 81  81  GLY GLY A . n 
A 1 25 PHE 25 82  82  PHE PHE A . n 
A 1 26 GLU 26 83  83  GLU GLU A . n 
A 1 27 LYS 27 84  84  LYS LYS A . n 
A 1 28 GLY 28 85  85  GLY GLY A . n 
A 1 29 GLU 29 86  86  GLU GLU A . n 
A 1 30 GLN 30 87  87  GLN GLN A . n 
A 1 31 LEU 31 88  88  LEU LEU A . n 
A 1 32 ARG 32 89  89  ARG ARG A . n 
A 1 33 ILE 33 90  90  ILE ILE A . n 
A 1 34 LEU 34 91  91  LEU LEU A . n 
A 1 35 GLU 35 92  92  GLU GLU A . n 
A 1 36 GLN 36 93  93  GLN GLN A . n 
A 1 37 SER 37 94  94  SER SER A . n 
A 1 38 GLY 38 95  95  GLY GLY A . n 
A 1 39 GLU 39 96  96  GLU GLU A . n 
A 1 40 TRP 40 97  97  TRP TRP A . n 
A 1 41 TRP 41 98  98  TRP TRP A . n 
A 1 42 LYS 42 99  99  LYS LYS A . n 
A 1 43 ALA 43 100 100 ALA ALA A . n 
A 1 44 GLN 44 101 101 GLN GLN A . n 
A 1 45 SER 45 102 102 SER SER A . n 
A 1 46 LEU 46 103 103 LEU LEU A . n 
A 1 47 THR 47 104 104 THR THR A . n 
A 1 48 THR 48 105 105 THR THR A . n 
A 1 49 GLY 49 106 106 GLY GLY A . n 
A 1 50 GLN 50 107 107 GLN GLN A . n 
A 1 51 GLU 51 108 108 GLU GLU A . n 
A 1 52 GLY 52 109 109 GLY GLY A . n 
A 1 53 PHE 53 110 110 PHE PHE A . n 
A 1 54 ILE 54 111 111 ILE ILE A . n 
A 1 55 PRO 55 112 112 PRO PRO A . n 
A 1 56 PHE 56 113 113 PHE PHE A . n 
A 1 57 ASN 57 114 114 ASN ASN A . n 
A 1 58 PHE 58 115 115 PHE PHE A . n 
A 1 59 VAL 59 116 116 VAL VAL A . n 
A 1 60 ALA 60 117 117 ALA ALA A . n 
A 1 61 LYS 61 118 118 LYS LYS A . n 
A 1 62 ALA 62 119 119 ALA ALA A . n 
# 
loop_
_pdbx_nonpoly_scheme.asym_id 
_pdbx_nonpoly_scheme.entity_id 
_pdbx_nonpoly_scheme.mon_id 
_pdbx_nonpoly_scheme.ndb_seq_num 
_pdbx_nonpoly_scheme.pdb_seq_num 
_pdbx_nonpoly_scheme.auth_seq_num 
_pdbx_nonpoly_scheme.pdb_mon_id 
_pdbx_nonpoly_scheme.auth_mon_id 
_pdbx_nonpoly_scheme.pdb_strand_id 
_pdbx_nonpoly_scheme.pdb_ins_code 
B 2 ZN  1  500  500  ZN  ZN  A . 
C 3 CA  1  600  600  CA  CA  A . 
D 4 PG4 1  700  700  PG4 PG4 A . 
E 5 HOH 1  2001 2001 HOH HOH A . 
E 5 HOH 2  2002 2002 HOH HOH A . 
E 5 HOH 3  2003 2003 HOH HOH A . 
E 5 HOH 4  2004 2004 HOH HOH A . 
E 5 HOH 5  2005 2005 HOH HOH A . 
E 5 HOH 6  2006 2006 HOH HOH A . 
E 5 HOH 7  2007 2007 HOH HOH A . 
E 5 HOH 8  2008 2008 HOH HOH A . 
E 5 HOH 9  2009 2009 HOH HOH A . 
E 5 HOH 10 2010 2010 HOH HOH A . 
E 5 HOH 11 2011 2011 HOH HOH A . 
E 5 HOH 12 2012 2012 HOH HOH A . 
E 5 HOH 13 2013 2013 HOH HOH A . 
E 5 HOH 14 2014 2014 HOH HOH A . 
E 5 HOH 15 2015 2015 HOH HOH A . 
E 5 HOH 16 2016 2016 HOH HOH A . 
E 5 HOH 17 2017 2017 HOH HOH A . 
E 5 HOH 18 2018 2018 HOH HOH A . 
E 5 HOH 19 2019 2019 HOH HOH A . 
E 5 HOH 20 2020 2020 HOH HOH A . 
E 5 HOH 21 2021 2021 HOH HOH A . 
E 5 HOH 22 2022 2022 HOH HOH A . 
E 5 HOH 23 2023 2023 HOH HOH A . 
E 5 HOH 24 2024 2024 HOH HOH A . 
E 5 HOH 25 2025 2025 HOH HOH A . 
E 5 HOH 26 2026 2026 HOH HOH A . 
E 5 HOH 27 2027 2027 HOH HOH A . 
E 5 HOH 28 2028 2028 HOH HOH A . 
E 5 HOH 29 2029 2029 HOH HOH A . 
E 5 HOH 30 2030 2030 HOH HOH A . 
E 5 HOH 31 2031 2031 HOH HOH A . 
E 5 HOH 32 2032 2032 HOH HOH A . 
E 5 HOH 33 2033 2033 HOH HOH A . 
E 5 HOH 34 2034 2034 HOH HOH A . 
E 5 HOH 35 2035 2035 HOH HOH A . 
E 5 HOH 36 2036 2036 HOH HOH A . 
E 5 HOH 37 2037 2037 HOH HOH A . 
E 5 HOH 38 2038 2038 HOH HOH A . 
E 5 HOH 39 2039 2039 HOH HOH A . 
E 5 HOH 40 2040 2040 HOH HOH A . 
E 5 HOH 41 2041 2041 HOH HOH A . 
E 5 HOH 42 2042 2042 HOH HOH A . 
E 5 HOH 43 2043 2043 HOH HOH A . 
E 5 HOH 44 2044 2044 HOH HOH A . 
E 5 HOH 45 2045 2045 HOH HOH A . 
E 5 HOH 46 2046 2046 HOH HOH A . 
E 5 HOH 47 2047 2047 HOH HOH A . 
E 5 HOH 48 2048 2048 HOH HOH A . 
E 5 HOH 49 2049 2049 HOH HOH A . 
E 5 HOH 50 2050 2050 HOH HOH A . 
E 5 HOH 51 2051 2051 HOH HOH A . 
E 5 HOH 52 2052 2052 HOH HOH A . 
E 5 HOH 53 2053 2053 HOH HOH A . 
E 5 HOH 54 2054 2054 HOH HOH A . 
E 5 HOH 55 2055 2055 HOH HOH A . 
E 5 HOH 56 2056 2056 HOH HOH A . 
E 5 HOH 57 2057 2057 HOH HOH A . 
E 5 HOH 58 2058 2058 HOH HOH A . 
E 5 HOH 59 2059 2059 HOH HOH A . 
E 5 HOH 60 2060 2060 HOH HOH A . 
E 5 HOH 61 2061 2061 HOH HOH A . 
E 5 HOH 62 2062 2062 HOH HOH A . 
E 5 HOH 63 2063 2063 HOH HOH A . 
E 5 HOH 64 2064 2064 HOH HOH A . 
E 5 HOH 65 2065 2065 HOH HOH A . 
E 5 HOH 66 2066 2066 HOH HOH A . 
E 5 HOH 67 2067 2067 HOH HOH A . 
E 5 HOH 68 2068 2068 HOH HOH A . 
E 5 HOH 69 2069 2069 HOH HOH A . 
E 5 HOH 70 2070 2070 HOH HOH A . 
E 5 HOH 71 2071 2071 HOH HOH A . 
E 5 HOH 72 2072 2072 HOH HOH A . 
E 5 HOH 73 2073 2073 HOH HOH A . 
E 5 HOH 74 2074 2074 HOH HOH A . 
E 5 HOH 75 2075 2075 HOH HOH A . 
E 5 HOH 76 2076 2076 HOH HOH A . 
E 5 HOH 77 2077 2077 HOH HOH A . 
E 5 HOH 78 2078 2078 HOH HOH A . 
E 5 HOH 79 2079 2079 HOH HOH A . 
E 5 HOH 80 2080 2080 HOH HOH A . 
E 5 HOH 81 2081 2081 HOH HOH A . 
E 5 HOH 82 2082 2082 HOH HOH A . 
E 5 HOH 83 2083 2083 HOH HOH A . 
E 5 HOH 84 2084 2084 HOH HOH A . 
# 
loop_
_pdbx_struct_assembly.id 
_pdbx_struct_assembly.details 
_pdbx_struct_assembly.method_details 
_pdbx_struct_assembly.oligomeric_details 
_pdbx_struct_assembly.oligomeric_count 
1 author_and_software_defined_assembly PISA dimeric   2 
2 software_defined_assembly            PQS  monomeric 1 
# 
loop_
_pdbx_struct_assembly_gen.assembly_id 
_pdbx_struct_assembly_gen.oper_expression 
_pdbx_struct_assembly_gen.asym_id_list 
1 1,2 A,B,C,D,E 
2 1   A,B,C,D,E 
# 
loop_
_pdbx_struct_assembly_prop.biol_id 
_pdbx_struct_assembly_prop.type 
_pdbx_struct_assembly_prop.value 
_pdbx_struct_assembly_prop.details 
1 'ABSA (A^2)' 2050 ? 
1 MORE         -62  ? 
1 'SSA (A^2)'  7250 ? 
# 
loop_
_pdbx_struct_oper_list.id 
_pdbx_struct_oper_list.type 
_pdbx_struct_oper_list.name 
_pdbx_struct_oper_list.symmetry_operation 
_pdbx_struct_oper_list.matrix[1][1] 
_pdbx_struct_oper_list.matrix[1][2] 
_pdbx_struct_oper_list.matrix[1][3] 
_pdbx_struct_oper_list.vector[1] 
_pdbx_struct_oper_list.matrix[2][1] 
_pdbx_struct_oper_list.matrix[2][2] 
_pdbx_struct_oper_list.matrix[2][3] 
_pdbx_struct_oper_list.vector[2] 
_pdbx_struct_oper_list.matrix[3][1] 
_pdbx_struct_oper_list.matrix[3][2] 
_pdbx_struct_oper_list.matrix[3][3] 
_pdbx_struct_oper_list.vector[3] 
1 'identity operation'         1_555 x,y,z          1.0000000000  0.0000000000  0.0000000000  0.0000000000  0.0000000000  1.0000000000  0.0000000000 0.0000000000  0.0000000000  0.0000000000 1.0000000000 0.0000000000  
2 'crystal symmetry operation' 6_555 -x,-x+y,-z+2/3 -0.2951644217 -0.4487909632 -0.8434836309 15.0593123595 -0.4487909632 -0.7142406899 0.5370725355 -6.8284694303 -0.8434836309 0.5370725355 0.0094051116 16.2171428188 
# 
_pdbx_struct_special_symmetry.id              1 
_pdbx_struct_special_symmetry.PDB_model_num   1 
_pdbx_struct_special_symmetry.auth_asym_id    A 
_pdbx_struct_special_symmetry.auth_comp_id    HOH 
_pdbx_struct_special_symmetry.auth_seq_id     2076 
_pdbx_struct_special_symmetry.PDB_ins_code    ? 
_pdbx_struct_special_symmetry.label_asym_id   E 
_pdbx_struct_special_symmetry.label_comp_id   HOH 
_pdbx_struct_special_symmetry.label_seq_id    . 
# 
loop_
_pdbx_struct_conn_angle.id 
_pdbx_struct_conn_angle.ptnr1_label_atom_id 
_pdbx_struct_conn_angle.ptnr1_label_alt_id 
_pdbx_struct_conn_angle.ptnr1_label_asym_id 
_pdbx_struct_conn_angle.ptnr1_label_comp_id 
_pdbx_struct_conn_angle.ptnr1_label_seq_id 
_pdbx_struct_conn_angle.ptnr1_auth_atom_id 
_pdbx_struct_conn_angle.ptnr1_auth_asym_id 
_pdbx_struct_conn_angle.ptnr1_auth_comp_id 
_pdbx_struct_conn_angle.ptnr1_auth_seq_id 
_pdbx_struct_conn_angle.ptnr1_PDB_ins_code 
_pdbx_struct_conn_angle.ptnr1_symmetry 
_pdbx_struct_conn_angle.ptnr2_label_atom_id 
_pdbx_struct_conn_angle.ptnr2_label_alt_id 
_pdbx_struct_conn_angle.ptnr2_label_asym_id 
_pdbx_struct_conn_angle.ptnr2_label_comp_id 
_pdbx_struct_conn_angle.ptnr2_label_seq_id 
_pdbx_struct_conn_angle.ptnr2_auth_atom_id 
_pdbx_struct_conn_angle.ptnr2_auth_asym_id 
_pdbx_struct_conn_angle.ptnr2_auth_comp_id 
_pdbx_struct_conn_angle.ptnr2_auth_seq_id 
_pdbx_struct_conn_angle.ptnr2_PDB_ins_code 
_pdbx_struct_conn_angle.ptnr2_symmetry 
_pdbx_struct_conn_angle.ptnr3_label_atom_id 
_pdbx_struct_conn_angle.ptnr3_label_alt_id 
_pdbx_struct_conn_angle.ptnr3_label_asym_id 
_pdbx_struct_conn_angle.ptnr3_label_comp_id 
_pdbx_struct_conn_angle.ptnr3_label_seq_id 
_pdbx_struct_conn_angle.ptnr3_auth_atom_id 
_pdbx_struct_conn_angle.ptnr3_auth_asym_id 
_pdbx_struct_conn_angle.ptnr3_auth_comp_id 
_pdbx_struct_conn_angle.ptnr3_auth_seq_id 
_pdbx_struct_conn_angle.ptnr3_PDB_ins_code 
_pdbx_struct_conn_angle.ptnr3_symmetry 
_pdbx_struct_conn_angle.value 
_pdbx_struct_conn_angle.value_esd 
1  N   ? A GLY 1  ? A GLY 58   ? 4_455 ZN ? B ZN . ? A ZN 500 ? 1_555 O   ? A GLY 1  ? A GLY 58   ? 4_455 74.0  ? 
2  N   ? A GLY 1  ? A GLY 58   ? 4_455 ZN ? B ZN . ? A ZN 500 ? 1_555 NE2 ? A HIS 13 ? A HIS 70   ? 6_555 116.6 ? 
3  O   ? A GLY 1  ? A GLY 58   ? 4_455 ZN ? B ZN . ? A ZN 500 ? 1_555 NE2 ? A HIS 13 ? A HIS 70   ? 6_555 86.3  ? 
4  N   ? A GLY 1  ? A GLY 58   ? 4_455 ZN ? B ZN . ? A ZN 500 ? 1_555 ND1 ? A HIS 19 ? A HIS 76   ? 1_555 120.1 ? 
5  O   ? A GLY 1  ? A GLY 58   ? 4_455 ZN ? B ZN . ? A ZN 500 ? 1_555 ND1 ? A HIS 19 ? A HIS 76   ? 1_555 80.9  ? 
6  NE2 ? A HIS 13 ? A HIS 70   ? 6_555 ZN ? B ZN . ? A ZN 500 ? 1_555 ND1 ? A HIS 19 ? A HIS 76   ? 1_555 114.9 ? 
7  N   ? A GLY 1  ? A GLY 58   ? 4_455 ZN ? B ZN . ? A ZN 500 ? 1_555 OD2 ? A ASP 22 ? A ASP 79   ? 1_555 99.4  ? 
8  O   ? A GLY 1  ? A GLY 58   ? 4_455 ZN ? B ZN . ? A ZN 500 ? 1_555 OD2 ? A ASP 22 ? A ASP 79   ? 1_555 172.8 ? 
9  NE2 ? A HIS 13 ? A HIS 70   ? 6_555 ZN ? B ZN . ? A ZN 500 ? 1_555 OD2 ? A ASP 22 ? A ASP 79   ? 1_555 99.6  ? 
10 ND1 ? A HIS 19 ? A HIS 76   ? 1_555 ZN ? B ZN . ? A ZN 500 ? 1_555 OD2 ? A ASP 22 ? A ASP 79   ? 1_555 100.2 ? 
11 OE2 ? A GLU 39 ? A GLU 96   ? 6_555 CA ? C CA . ? A CA 600 ? 1_555 OE1 ? A GLU 39 ? A GLU 96   ? 6_555 50.2  ? 
12 OE2 ? A GLU 39 ? A GLU 96   ? 6_555 CA ? C CA . ? A CA 600 ? 1_555 O   ? A LEU 46 ? A LEU 103  ? 3_565 117.6 ? 
13 OE1 ? A GLU 39 ? A GLU 96   ? 6_555 CA ? C CA . ? A CA 600 ? 1_555 O   ? A LEU 46 ? A LEU 103  ? 3_565 94.6  ? 
14 OE2 ? A GLU 39 ? A GLU 96   ? 6_555 CA ? C CA . ? A CA 600 ? 1_555 ND2 ? A ASN 57 ? A ASN 114  ? 1_555 76.3  ? 
15 OE1 ? A GLU 39 ? A GLU 96   ? 6_555 CA ? C CA . ? A CA 600 ? 1_555 ND2 ? A ASN 57 ? A ASN 114  ? 1_555 96.0  ? 
16 O   ? A LEU 46 ? A LEU 103  ? 3_565 CA ? C CA . ? A CA 600 ? 1_555 ND2 ? A ASN 57 ? A ASN 114  ? 1_555 166.1 ? 
17 OE2 ? A GLU 39 ? A GLU 96   ? 6_555 CA ? C CA . ? A CA 600 ? 1_555 O   ? E HOH .  ? A HOH 2003 ? 1_555 148.3 ? 
18 OE1 ? A GLU 39 ? A GLU 96   ? 6_555 CA ? C CA . ? A CA 600 ? 1_555 O   ? E HOH .  ? A HOH 2003 ? 1_555 159.6 ? 
19 O   ? A LEU 46 ? A LEU 103  ? 3_565 CA ? C CA . ? A CA 600 ? 1_555 O   ? E HOH .  ? A HOH 2003 ? 1_555 81.5  ? 
20 ND2 ? A ASN 57 ? A ASN 114  ? 1_555 CA ? C CA . ? A CA 600 ? 1_555 O   ? E HOH .  ? A HOH 2003 ? 1_555 85.5  ? 
21 OE2 ? A GLU 39 ? A GLU 96   ? 6_555 CA ? C CA . ? A CA 600 ? 1_555 O   ? E HOH .  ? A HOH 2004 ? 1_555 72.3  ? 
22 OE1 ? A GLU 39 ? A GLU 96   ? 6_555 CA ? C CA . ? A CA 600 ? 1_555 O   ? E HOH .  ? A HOH 2004 ? 1_555 114.4 ? 
23 O   ? A LEU 46 ? A LEU 103  ? 3_565 CA ? C CA . ? A CA 600 ? 1_555 O   ? E HOH .  ? A HOH 2004 ? 1_555 85.2  ? 
24 ND2 ? A ASN 57 ? A ASN 114  ? 1_555 CA ? C CA . ? A CA 600 ? 1_555 O   ? E HOH .  ? A HOH 2004 ? 1_555 98.6  ? 
25 O   ? E HOH .  ? A HOH 2003 ? 1_555 CA ? C CA . ? A CA 600 ? 1_555 O   ? E HOH .  ? A HOH 2004 ? 1_555 85.3  ? 
26 OE2 ? A GLU 39 ? A GLU 96   ? 6_555 CA ? C CA . ? A CA 600 ? 1_555 O   ? E HOH .  ? A HOH 2005 ? 1_555 121.3 ? 
27 OE1 ? A GLU 39 ? A GLU 96   ? 6_555 CA ? C CA . ? A CA 600 ? 1_555 O   ? E HOH .  ? A HOH 2005 ? 1_555 79.1  ? 
28 O   ? A LEU 46 ? A LEU 103  ? 3_565 CA ? C CA . ? A CA 600 ? 1_555 O   ? E HOH .  ? A HOH 2005 ? 1_555 90.2  ? 
29 ND2 ? A ASN 57 ? A ASN 114  ? 1_555 CA ? C CA . ? A CA 600 ? 1_555 O   ? E HOH .  ? A HOH 2005 ? 1_555 82.9  ? 
30 O   ? E HOH .  ? A HOH 2003 ? 1_555 CA ? C CA . ? A CA 600 ? 1_555 O   ? E HOH .  ? A HOH 2005 ? 1_555 80.9  ? 
31 O   ? E HOH .  ? A HOH 2004 ? 1_555 CA ? C CA . ? A CA 600 ? 1_555 O   ? E HOH .  ? A HOH 2005 ? 1_555 166.0 ? 
# 
loop_
_pdbx_audit_revision_history.ordinal 
_pdbx_audit_revision_history.data_content_type 
_pdbx_audit_revision_history.major_revision 
_pdbx_audit_revision_history.minor_revision 
_pdbx_audit_revision_history.revision_date 
1 'Structure model' 1 0 2006-11-07 
2 'Structure model' 1 1 2008-05-01 
3 'Structure model' 1 2 2011-07-13 
4 'Structure model' 1 3 2023-08-30 
# 
_pdbx_audit_revision_details.ordinal             1 
_pdbx_audit_revision_details.revision_ordinal    1 
_pdbx_audit_revision_details.data_content_type   'Structure model' 
_pdbx_audit_revision_details.provider            repository 
_pdbx_audit_revision_details.type                'Initial release' 
_pdbx_audit_revision_details.description         ? 
_pdbx_audit_revision_details.details             ? 
# 
loop_
_pdbx_audit_revision_group.ordinal 
_pdbx_audit_revision_group.revision_ordinal 
_pdbx_audit_revision_group.data_content_type 
_pdbx_audit_revision_group.group 
1 2 'Structure model' 'Version format compliance' 
2 3 'Structure model' 'Derived calculations'      
3 3 'Structure model' 'Version format compliance' 
4 4 'Structure model' 'Data collection'           
5 4 'Structure model' 'Database references'       
6 4 'Structure model' 'Derived calculations'      
7 4 'Structure model' 'Refinement description'    
# 
loop_
_pdbx_audit_revision_category.ordinal 
_pdbx_audit_revision_category.revision_ordinal 
_pdbx_audit_revision_category.data_content_type 
_pdbx_audit_revision_category.category 
1 4 'Structure model' chem_comp_atom                
2 4 'Structure model' chem_comp_bond                
3 4 'Structure model' database_2                    
4 4 'Structure model' pdbx_initial_refinement_model 
5 4 'Structure model' pdbx_struct_conn_angle        
6 4 'Structure model' struct_conn                   
7 4 'Structure model' struct_ref_seq_dif            
8 4 'Structure model' struct_site                   
# 
loop_
_pdbx_audit_revision_item.ordinal 
_pdbx_audit_revision_item.revision_ordinal 
_pdbx_audit_revision_item.data_content_type 
_pdbx_audit_revision_item.item 
1  4 'Structure model' '_database_2.pdbx_DOI'                        
2  4 'Structure model' '_database_2.pdbx_database_accession'         
3  4 'Structure model' '_pdbx_struct_conn_angle.ptnr1_auth_comp_id'  
4  4 'Structure model' '_pdbx_struct_conn_angle.ptnr1_auth_seq_id'   
5  4 'Structure model' '_pdbx_struct_conn_angle.ptnr1_label_asym_id' 
6  4 'Structure model' '_pdbx_struct_conn_angle.ptnr1_label_atom_id' 
7  4 'Structure model' '_pdbx_struct_conn_angle.ptnr1_label_comp_id' 
8  4 'Structure model' '_pdbx_struct_conn_angle.ptnr1_label_seq_id'  
9  4 'Structure model' '_pdbx_struct_conn_angle.ptnr1_symmetry'      
10 4 'Structure model' '_pdbx_struct_conn_angle.ptnr3_auth_comp_id'  
11 4 'Structure model' '_pdbx_struct_conn_angle.ptnr3_auth_seq_id'   
12 4 'Structure model' '_pdbx_struct_conn_angle.ptnr3_label_asym_id' 
13 4 'Structure model' '_pdbx_struct_conn_angle.ptnr3_label_atom_id' 
14 4 'Structure model' '_pdbx_struct_conn_angle.ptnr3_label_comp_id' 
15 4 'Structure model' '_pdbx_struct_conn_angle.ptnr3_label_seq_id'  
16 4 'Structure model' '_pdbx_struct_conn_angle.ptnr3_symmetry'      
17 4 'Structure model' '_pdbx_struct_conn_angle.value'               
18 4 'Structure model' '_struct_conn.pdbx_dist_value'                
19 4 'Structure model' '_struct_conn.ptnr1_auth_comp_id'             
20 4 'Structure model' '_struct_conn.ptnr1_auth_seq_id'              
21 4 'Structure model' '_struct_conn.ptnr1_label_asym_id'            
22 4 'Structure model' '_struct_conn.ptnr1_label_atom_id'            
23 4 'Structure model' '_struct_conn.ptnr1_label_comp_id'            
24 4 'Structure model' '_struct_conn.ptnr1_label_seq_id'             
25 4 'Structure model' '_struct_conn.ptnr1_symmetry'                 
26 4 'Structure model' '_struct_conn.ptnr2_auth_comp_id'             
27 4 'Structure model' '_struct_conn.ptnr2_auth_seq_id'              
28 4 'Structure model' '_struct_conn.ptnr2_label_asym_id'            
29 4 'Structure model' '_struct_conn.ptnr2_label_atom_id'            
30 4 'Structure model' '_struct_conn.ptnr2_label_comp_id'            
31 4 'Structure model' '_struct_conn.ptnr2_label_seq_id'             
32 4 'Structure model' '_struct_conn.ptnr2_symmetry'                 
33 4 'Structure model' '_struct_ref_seq_dif.details'                 
34 4 'Structure model' '_struct_site.pdbx_auth_asym_id'              
35 4 'Structure model' '_struct_site.pdbx_auth_comp_id'              
36 4 'Structure model' '_struct_site.pdbx_auth_seq_id'               
# 
loop_
_software.name 
_software.classification 
_software.version 
_software.citation_id 
_software.pdbx_ordinal 
HKL-2000  'data collection' . ? 1 
AMoRE     phasing           . ? 2 
SHELXL-97 refinement        . ? 3 
XDS       'data reduction'  . ? 4 
XDS       'data scaling'    . ? 5 
# 
loop_
_pdbx_validate_rmsd_angle.id 
_pdbx_validate_rmsd_angle.PDB_model_num 
_pdbx_validate_rmsd_angle.auth_atom_id_1 
_pdbx_validate_rmsd_angle.auth_asym_id_1 
_pdbx_validate_rmsd_angle.auth_comp_id_1 
_pdbx_validate_rmsd_angle.auth_seq_id_1 
_pdbx_validate_rmsd_angle.PDB_ins_code_1 
_pdbx_validate_rmsd_angle.label_alt_id_1 
_pdbx_validate_rmsd_angle.auth_atom_id_2 
_pdbx_validate_rmsd_angle.auth_asym_id_2 
_pdbx_validate_rmsd_angle.auth_comp_id_2 
_pdbx_validate_rmsd_angle.auth_seq_id_2 
_pdbx_validate_rmsd_angle.PDB_ins_code_2 
_pdbx_validate_rmsd_angle.label_alt_id_2 
_pdbx_validate_rmsd_angle.auth_atom_id_3 
_pdbx_validate_rmsd_angle.auth_asym_id_3 
_pdbx_validate_rmsd_angle.auth_comp_id_3 
_pdbx_validate_rmsd_angle.auth_seq_id_3 
_pdbx_validate_rmsd_angle.PDB_ins_code_3 
_pdbx_validate_rmsd_angle.label_alt_id_3 
_pdbx_validate_rmsd_angle.angle_value 
_pdbx_validate_rmsd_angle.angle_target_value 
_pdbx_validate_rmsd_angle.angle_deviation 
_pdbx_validate_rmsd_angle.angle_standard_deviation 
_pdbx_validate_rmsd_angle.linker_flag 
1  1 CA  A GLN 62 ? ? C  A GLN 62 ? ? N   A ASP 63 ? A 132.40 117.20 15.20  2.20 Y 
2  1 O   A GLN 62 ? ? C  A GLN 62 ? ? N   A ASP 63 ? A 110.29 122.70 -12.41 1.60 Y 
3  1 O   A GLN 62 ? ? C  A GLN 62 ? ? N   A ASP 63 ? B 135.35 122.70 12.65  1.60 Y 
4  1 CB  A ASP 63 ? B CA A ASP 63 ? B C   A ASP 63 ? B 124.76 110.40 14.36  2.00 N 
5  1 OD1 A ASP 63 ? B CG A ASP 63 ? B OD2 A ASP 63 ? B 104.89 123.30 -18.41 1.90 N 
6  1 CB  A ASP 63 ? B CG A ASP 63 ? B OD1 A ASP 63 ? B 125.93 118.30 7.63   0.90 N 
7  1 CB  A ASP 63 ? B CG A ASP 63 ? B OD2 A ASP 63 ? B 129.17 118.30 10.87  0.90 N 
8  1 CA  A ASP 63 ? B C  A ASP 63 ? B N   A ASN 64 ? ? 130.58 117.20 13.38  2.20 Y 
9  1 CB  A ASP 77 ? ? CG A ASP 77 ? ? OD2 A ASP 77 ? ? 111.88 118.30 -6.42  0.90 N 
10 1 NE  A ARG 89 ? ? CZ A ARG 89 ? ? NH2 A ARG 89 ? ? 115.75 120.30 -4.55  0.50 N 
11 1 CB  A GLU 92 ? ? CG A GLU 92 ? ? CD  A GLU 92 ? ? 131.74 114.20 17.54  2.70 N 
12 1 OE1 A GLU 92 ? ? CD A GLU 92 ? ? OE2 A GLU 92 ? ? 113.68 123.30 -9.62  1.20 N 
# 
_pdbx_validate_torsion.id              1 
_pdbx_validate_torsion.PDB_model_num   1 
_pdbx_validate_torsion.auth_comp_id    SER 
_pdbx_validate_torsion.auth_asym_id    A 
_pdbx_validate_torsion.auth_seq_id     75 
_pdbx_validate_torsion.PDB_ins_code    ? 
_pdbx_validate_torsion.label_alt_id    ? 
_pdbx_validate_torsion.phi             -140.77 
_pdbx_validate_torsion.psi             28.41 
# 
loop_
_chem_comp_atom.comp_id 
_chem_comp_atom.atom_id 
_chem_comp_atom.type_symbol 
_chem_comp_atom.pdbx_aromatic_flag 
_chem_comp_atom.pdbx_stereo_config 
_chem_comp_atom.pdbx_ordinal 
ALA N    N  N N 1   
ALA CA   C  N S 2   
ALA C    C  N N 3   
ALA O    O  N N 4   
ALA CB   C  N N 5   
ALA OXT  O  N N 6   
ALA H    H  N N 7   
ALA H2   H  N N 8   
ALA HA   H  N N 9   
ALA HB1  H  N N 10  
ALA HB2  H  N N 11  
ALA HB3  H  N N 12  
ALA HXT  H  N N 13  
ARG N    N  N N 14  
ARG CA   C  N S 15  
ARG C    C  N N 16  
ARG O    O  N N 17  
ARG CB   C  N N 18  
ARG CG   C  N N 19  
ARG CD   C  N N 20  
ARG NE   N  N N 21  
ARG CZ   C  N N 22  
ARG NH1  N  N N 23  
ARG NH2  N  N N 24  
ARG OXT  O  N N 25  
ARG H    H  N N 26  
ARG H2   H  N N 27  
ARG HA   H  N N 28  
ARG HB2  H  N N 29  
ARG HB3  H  N N 30  
ARG HG2  H  N N 31  
ARG HG3  H  N N 32  
ARG HD2  H  N N 33  
ARG HD3  H  N N 34  
ARG HE   H  N N 35  
ARG HH11 H  N N 36  
ARG HH12 H  N N 37  
ARG HH21 H  N N 38  
ARG HH22 H  N N 39  
ARG HXT  H  N N 40  
ASN N    N  N N 41  
ASN CA   C  N S 42  
ASN C    C  N N 43  
ASN O    O  N N 44  
ASN CB   C  N N 45  
ASN CG   C  N N 46  
ASN OD1  O  N N 47  
ASN ND2  N  N N 48  
ASN OXT  O  N N 49  
ASN H    H  N N 50  
ASN H2   H  N N 51  
ASN HA   H  N N 52  
ASN HB2  H  N N 53  
ASN HB3  H  N N 54  
ASN HD21 H  N N 55  
ASN HD22 H  N N 56  
ASN HXT  H  N N 57  
ASP N    N  N N 58  
ASP CA   C  N S 59  
ASP C    C  N N 60  
ASP O    O  N N 61  
ASP CB   C  N N 62  
ASP CG   C  N N 63  
ASP OD1  O  N N 64  
ASP OD2  O  N N 65  
ASP OXT  O  N N 66  
ASP H    H  N N 67  
ASP H2   H  N N 68  
ASP HA   H  N N 69  
ASP HB2  H  N N 70  
ASP HB3  H  N N 71  
ASP HD2  H  N N 72  
ASP HXT  H  N N 73  
CA  CA   CA N N 74  
GLN N    N  N N 75  
GLN CA   C  N S 76  
GLN C    C  N N 77  
GLN O    O  N N 78  
GLN CB   C  N N 79  
GLN CG   C  N N 80  
GLN CD   C  N N 81  
GLN OE1  O  N N 82  
GLN NE2  N  N N 83  
GLN OXT  O  N N 84  
GLN H    H  N N 85  
GLN H2   H  N N 86  
GLN HA   H  N N 87  
GLN HB2  H  N N 88  
GLN HB3  H  N N 89  
GLN HG2  H  N N 90  
GLN HG3  H  N N 91  
GLN HE21 H  N N 92  
GLN HE22 H  N N 93  
GLN HXT  H  N N 94  
GLU N    N  N N 95  
GLU CA   C  N S 96  
GLU C    C  N N 97  
GLU O    O  N N 98  
GLU CB   C  N N 99  
GLU CG   C  N N 100 
GLU CD   C  N N 101 
GLU OE1  O  N N 102 
GLU OE2  O  N N 103 
GLU OXT  O  N N 104 
GLU H    H  N N 105 
GLU H2   H  N N 106 
GLU HA   H  N N 107 
GLU HB2  H  N N 108 
GLU HB3  H  N N 109 
GLU HG2  H  N N 110 
GLU HG3  H  N N 111 
GLU HE2  H  N N 112 
GLU HXT  H  N N 113 
GLY N    N  N N 114 
GLY CA   C  N N 115 
GLY C    C  N N 116 
GLY O    O  N N 117 
GLY OXT  O  N N 118 
GLY H    H  N N 119 
GLY H2   H  N N 120 
GLY HA2  H  N N 121 
GLY HA3  H  N N 122 
GLY HXT  H  N N 123 
HIS N    N  N N 124 
HIS CA   C  N S 125 
HIS C    C  N N 126 
HIS O    O  N N 127 
HIS CB   C  N N 128 
HIS CG   C  Y N 129 
HIS ND1  N  Y N 130 
HIS CD2  C  Y N 131 
HIS CE1  C  Y N 132 
HIS NE2  N  Y N 133 
HIS OXT  O  N N 134 
HIS H    H  N N 135 
HIS H2   H  N N 136 
HIS HA   H  N N 137 
HIS HB2  H  N N 138 
HIS HB3  H  N N 139 
HIS HD1  H  N N 140 
HIS HD2  H  N N 141 
HIS HE1  H  N N 142 
HIS HE2  H  N N 143 
HIS HXT  H  N N 144 
HOH O    O  N N 145 
HOH H1   H  N N 146 
HOH H2   H  N N 147 
ILE N    N  N N 148 
ILE CA   C  N S 149 
ILE C    C  N N 150 
ILE O    O  N N 151 
ILE CB   C  N S 152 
ILE CG1  C  N N 153 
ILE CG2  C  N N 154 
ILE CD1  C  N N 155 
ILE OXT  O  N N 156 
ILE H    H  N N 157 
ILE H2   H  N N 158 
ILE HA   H  N N 159 
ILE HB   H  N N 160 
ILE HG12 H  N N 161 
ILE HG13 H  N N 162 
ILE HG21 H  N N 163 
ILE HG22 H  N N 164 
ILE HG23 H  N N 165 
ILE HD11 H  N N 166 
ILE HD12 H  N N 167 
ILE HD13 H  N N 168 
ILE HXT  H  N N 169 
LEU N    N  N N 170 
LEU CA   C  N S 171 
LEU C    C  N N 172 
LEU O    O  N N 173 
LEU CB   C  N N 174 
LEU CG   C  N N 175 
LEU CD1  C  N N 176 
LEU CD2  C  N N 177 
LEU OXT  O  N N 178 
LEU H    H  N N 179 
LEU H2   H  N N 180 
LEU HA   H  N N 181 
LEU HB2  H  N N 182 
LEU HB3  H  N N 183 
LEU HG   H  N N 184 
LEU HD11 H  N N 185 
LEU HD12 H  N N 186 
LEU HD13 H  N N 187 
LEU HD21 H  N N 188 
LEU HD22 H  N N 189 
LEU HD23 H  N N 190 
LEU HXT  H  N N 191 
LYS N    N  N N 192 
LYS CA   C  N S 193 
LYS C    C  N N 194 
LYS O    O  N N 195 
LYS CB   C  N N 196 
LYS CG   C  N N 197 
LYS CD   C  N N 198 
LYS CE   C  N N 199 
LYS NZ   N  N N 200 
LYS OXT  O  N N 201 
LYS H    H  N N 202 
LYS H2   H  N N 203 
LYS HA   H  N N 204 
LYS HB2  H  N N 205 
LYS HB3  H  N N 206 
LYS HG2  H  N N 207 
LYS HG3  H  N N 208 
LYS HD2  H  N N 209 
LYS HD3  H  N N 210 
LYS HE2  H  N N 211 
LYS HE3  H  N N 212 
LYS HZ1  H  N N 213 
LYS HZ2  H  N N 214 
LYS HZ3  H  N N 215 
LYS HXT  H  N N 216 
PG4 O1   O  N N 217 
PG4 C1   C  N N 218 
PG4 C2   C  N N 219 
PG4 O2   O  N N 220 
PG4 C3   C  N N 221 
PG4 C4   C  N N 222 
PG4 O3   O  N N 223 
PG4 C5   C  N N 224 
PG4 C6   C  N N 225 
PG4 O4   O  N N 226 
PG4 C7   C  N N 227 
PG4 C8   C  N N 228 
PG4 O5   O  N N 229 
PG4 HO1  H  N N 230 
PG4 H11  H  N N 231 
PG4 H12  H  N N 232 
PG4 H21  H  N N 233 
PG4 H22  H  N N 234 
PG4 H31  H  N N 235 
PG4 H32  H  N N 236 
PG4 H41  H  N N 237 
PG4 H42  H  N N 238 
PG4 H51  H  N N 239 
PG4 H52  H  N N 240 
PG4 H61  H  N N 241 
PG4 H62  H  N N 242 
PG4 H71  H  N N 243 
PG4 H72  H  N N 244 
PG4 H81  H  N N 245 
PG4 H82  H  N N 246 
PG4 HO5  H  N N 247 
PHE N    N  N N 248 
PHE CA   C  N S 249 
PHE C    C  N N 250 
PHE O    O  N N 251 
PHE CB   C  N N 252 
PHE CG   C  Y N 253 
PHE CD1  C  Y N 254 
PHE CD2  C  Y N 255 
PHE CE1  C  Y N 256 
PHE CE2  C  Y N 257 
PHE CZ   C  Y N 258 
PHE OXT  O  N N 259 
PHE H    H  N N 260 
PHE H2   H  N N 261 
PHE HA   H  N N 262 
PHE HB2  H  N N 263 
PHE HB3  H  N N 264 
PHE HD1  H  N N 265 
PHE HD2  H  N N 266 
PHE HE1  H  N N 267 
PHE HE2  H  N N 268 
PHE HZ   H  N N 269 
PHE HXT  H  N N 270 
PRO N    N  N N 271 
PRO CA   C  N S 272 
PRO C    C  N N 273 
PRO O    O  N N 274 
PRO CB   C  N N 275 
PRO CG   C  N N 276 
PRO CD   C  N N 277 
PRO OXT  O  N N 278 
PRO H    H  N N 279 
PRO HA   H  N N 280 
PRO HB2  H  N N 281 
PRO HB3  H  N N 282 
PRO HG2  H  N N 283 
PRO HG3  H  N N 284 
PRO HD2  H  N N 285 
PRO HD3  H  N N 286 
PRO HXT  H  N N 287 
SER N    N  N N 288 
SER CA   C  N S 289 
SER C    C  N N 290 
SER O    O  N N 291 
SER CB   C  N N 292 
SER OG   O  N N 293 
SER OXT  O  N N 294 
SER H    H  N N 295 
SER H2   H  N N 296 
SER HA   H  N N 297 
SER HB2  H  N N 298 
SER HB3  H  N N 299 
SER HG   H  N N 300 
SER HXT  H  N N 301 
THR N    N  N N 302 
THR CA   C  N S 303 
THR C    C  N N 304 
THR O    O  N N 305 
THR CB   C  N R 306 
THR OG1  O  N N 307 
THR CG2  C  N N 308 
THR OXT  O  N N 309 
THR H    H  N N 310 
THR H2   H  N N 311 
THR HA   H  N N 312 
THR HB   H  N N 313 
THR HG1  H  N N 314 
THR HG21 H  N N 315 
THR HG22 H  N N 316 
THR HG23 H  N N 317 
THR HXT  H  N N 318 
TRP N    N  N N 319 
TRP CA   C  N S 320 
TRP C    C  N N 321 
TRP O    O  N N 322 
TRP CB   C  N N 323 
TRP CG   C  Y N 324 
TRP CD1  C  Y N 325 
TRP CD2  C  Y N 326 
TRP NE1  N  Y N 327 
TRP CE2  C  Y N 328 
TRP CE3  C  Y N 329 
TRP CZ2  C  Y N 330 
TRP CZ3  C  Y N 331 
TRP CH2  C  Y N 332 
TRP OXT  O  N N 333 
TRP H    H  N N 334 
TRP H2   H  N N 335 
TRP HA   H  N N 336 
TRP HB2  H  N N 337 
TRP HB3  H  N N 338 
TRP HD1  H  N N 339 
TRP HE1  H  N N 340 
TRP HE3  H  N N 341 
TRP HZ2  H  N N 342 
TRP HZ3  H  N N 343 
TRP HH2  H  N N 344 
TRP HXT  H  N N 345 
TYR N    N  N N 346 
TYR CA   C  N S 347 
TYR C    C  N N 348 
TYR O    O  N N 349 
TYR CB   C  N N 350 
TYR CG   C  Y N 351 
TYR CD1  C  Y N 352 
TYR CD2  C  Y N 353 
TYR CE1  C  Y N 354 
TYR CE2  C  Y N 355 
TYR CZ   C  Y N 356 
TYR OH   O  N N 357 
TYR OXT  O  N N 358 
TYR H    H  N N 359 
TYR H2   H  N N 360 
TYR HA   H  N N 361 
TYR HB2  H  N N 362 
TYR HB3  H  N N 363 
TYR HD1  H  N N 364 
TYR HD2  H  N N 365 
TYR HE1  H  N N 366 
TYR HE2  H  N N 367 
TYR HH   H  N N 368 
TYR HXT  H  N N 369 
VAL N    N  N N 370 
VAL CA   C  N S 371 
VAL C    C  N N 372 
VAL O    O  N N 373 
VAL CB   C  N N 374 
VAL CG1  C  N N 375 
VAL CG2  C  N N 376 
VAL OXT  O  N N 377 
VAL H    H  N N 378 
VAL H2   H  N N 379 
VAL HA   H  N N 380 
VAL HB   H  N N 381 
VAL HG11 H  N N 382 
VAL HG12 H  N N 383 
VAL HG13 H  N N 384 
VAL HG21 H  N N 385 
VAL HG22 H  N N 386 
VAL HG23 H  N N 387 
VAL HXT  H  N N 388 
ZN  ZN   ZN N N 389 
# 
loop_
_chem_comp_bond.comp_id 
_chem_comp_bond.atom_id_1 
_chem_comp_bond.atom_id_2 
_chem_comp_bond.value_order 
_chem_comp_bond.pdbx_aromatic_flag 
_chem_comp_bond.pdbx_stereo_config 
_chem_comp_bond.pdbx_ordinal 
ALA N   CA   sing N N 1   
ALA N   H    sing N N 2   
ALA N   H2   sing N N 3   
ALA CA  C    sing N N 4   
ALA CA  CB   sing N N 5   
ALA CA  HA   sing N N 6   
ALA C   O    doub N N 7   
ALA C   OXT  sing N N 8   
ALA CB  HB1  sing N N 9   
ALA CB  HB2  sing N N 10  
ALA CB  HB3  sing N N 11  
ALA OXT HXT  sing N N 12  
ARG N   CA   sing N N 13  
ARG N   H    sing N N 14  
ARG N   H2   sing N N 15  
ARG CA  C    sing N N 16  
ARG CA  CB   sing N N 17  
ARG CA  HA   sing N N 18  
ARG C   O    doub N N 19  
ARG C   OXT  sing N N 20  
ARG CB  CG   sing N N 21  
ARG CB  HB2  sing N N 22  
ARG CB  HB3  sing N N 23  
ARG CG  CD   sing N N 24  
ARG CG  HG2  sing N N 25  
ARG CG  HG3  sing N N 26  
ARG CD  NE   sing N N 27  
ARG CD  HD2  sing N N 28  
ARG CD  HD3  sing N N 29  
ARG NE  CZ   sing N N 30  
ARG NE  HE   sing N N 31  
ARG CZ  NH1  sing N N 32  
ARG CZ  NH2  doub N N 33  
ARG NH1 HH11 sing N N 34  
ARG NH1 HH12 sing N N 35  
ARG NH2 HH21 sing N N 36  
ARG NH2 HH22 sing N N 37  
ARG OXT HXT  sing N N 38  
ASN N   CA   sing N N 39  
ASN N   H    sing N N 40  
ASN N   H2   sing N N 41  
ASN CA  C    sing N N 42  
ASN CA  CB   sing N N 43  
ASN CA  HA   sing N N 44  
ASN C   O    doub N N 45  
ASN C   OXT  sing N N 46  
ASN CB  CG   sing N N 47  
ASN CB  HB2  sing N N 48  
ASN CB  HB3  sing N N 49  
ASN CG  OD1  doub N N 50  
ASN CG  ND2  sing N N 51  
ASN ND2 HD21 sing N N 52  
ASN ND2 HD22 sing N N 53  
ASN OXT HXT  sing N N 54  
ASP N   CA   sing N N 55  
ASP N   H    sing N N 56  
ASP N   H2   sing N N 57  
ASP CA  C    sing N N 58  
ASP CA  CB   sing N N 59  
ASP CA  HA   sing N N 60  
ASP C   O    doub N N 61  
ASP C   OXT  sing N N 62  
ASP CB  CG   sing N N 63  
ASP CB  HB2  sing N N 64  
ASP CB  HB3  sing N N 65  
ASP CG  OD1  doub N N 66  
ASP CG  OD2  sing N N 67  
ASP OD2 HD2  sing N N 68  
ASP OXT HXT  sing N N 69  
GLN N   CA   sing N N 70  
GLN N   H    sing N N 71  
GLN N   H2   sing N N 72  
GLN CA  C    sing N N 73  
GLN CA  CB   sing N N 74  
GLN CA  HA   sing N N 75  
GLN C   O    doub N N 76  
GLN C   OXT  sing N N 77  
GLN CB  CG   sing N N 78  
GLN CB  HB2  sing N N 79  
GLN CB  HB3  sing N N 80  
GLN CG  CD   sing N N 81  
GLN CG  HG2  sing N N 82  
GLN CG  HG3  sing N N 83  
GLN CD  OE1  doub N N 84  
GLN CD  NE2  sing N N 85  
GLN NE2 HE21 sing N N 86  
GLN NE2 HE22 sing N N 87  
GLN OXT HXT  sing N N 88  
GLU N   CA   sing N N 89  
GLU N   H    sing N N 90  
GLU N   H2   sing N N 91  
GLU CA  C    sing N N 92  
GLU CA  CB   sing N N 93  
GLU CA  HA   sing N N 94  
GLU C   O    doub N N 95  
GLU C   OXT  sing N N 96  
GLU CB  CG   sing N N 97  
GLU CB  HB2  sing N N 98  
GLU CB  HB3  sing N N 99  
GLU CG  CD   sing N N 100 
GLU CG  HG2  sing N N 101 
GLU CG  HG3  sing N N 102 
GLU CD  OE1  doub N N 103 
GLU CD  OE2  sing N N 104 
GLU OE2 HE2  sing N N 105 
GLU OXT HXT  sing N N 106 
GLY N   CA   sing N N 107 
GLY N   H    sing N N 108 
GLY N   H2   sing N N 109 
GLY CA  C    sing N N 110 
GLY CA  HA2  sing N N 111 
GLY CA  HA3  sing N N 112 
GLY C   O    doub N N 113 
GLY C   OXT  sing N N 114 
GLY OXT HXT  sing N N 115 
HIS N   CA   sing N N 116 
HIS N   H    sing N N 117 
HIS N   H2   sing N N 118 
HIS CA  C    sing N N 119 
HIS CA  CB   sing N N 120 
HIS CA  HA   sing N N 121 
HIS C   O    doub N N 122 
HIS C   OXT  sing N N 123 
HIS CB  CG   sing N N 124 
HIS CB  HB2  sing N N 125 
HIS CB  HB3  sing N N 126 
HIS CG  ND1  sing Y N 127 
HIS CG  CD2  doub Y N 128 
HIS ND1 CE1  doub Y N 129 
HIS ND1 HD1  sing N N 130 
HIS CD2 NE2  sing Y N 131 
HIS CD2 HD2  sing N N 132 
HIS CE1 NE2  sing Y N 133 
HIS CE1 HE1  sing N N 134 
HIS NE2 HE2  sing N N 135 
HIS OXT HXT  sing N N 136 
HOH O   H1   sing N N 137 
HOH O   H2   sing N N 138 
ILE N   CA   sing N N 139 
ILE N   H    sing N N 140 
ILE N   H2   sing N N 141 
ILE CA  C    sing N N 142 
ILE CA  CB   sing N N 143 
ILE CA  HA   sing N N 144 
ILE C   O    doub N N 145 
ILE C   OXT  sing N N 146 
ILE CB  CG1  sing N N 147 
ILE CB  CG2  sing N N 148 
ILE CB  HB   sing N N 149 
ILE CG1 CD1  sing N N 150 
ILE CG1 HG12 sing N N 151 
ILE CG1 HG13 sing N N 152 
ILE CG2 HG21 sing N N 153 
ILE CG2 HG22 sing N N 154 
ILE CG2 HG23 sing N N 155 
ILE CD1 HD11 sing N N 156 
ILE CD1 HD12 sing N N 157 
ILE CD1 HD13 sing N N 158 
ILE OXT HXT  sing N N 159 
LEU N   CA   sing N N 160 
LEU N   H    sing N N 161 
LEU N   H2   sing N N 162 
LEU CA  C    sing N N 163 
LEU CA  CB   sing N N 164 
LEU CA  HA   sing N N 165 
LEU C   O    doub N N 166 
LEU C   OXT  sing N N 167 
LEU CB  CG   sing N N 168 
LEU CB  HB2  sing N N 169 
LEU CB  HB3  sing N N 170 
LEU CG  CD1  sing N N 171 
LEU CG  CD2  sing N N 172 
LEU CG  HG   sing N N 173 
LEU CD1 HD11 sing N N 174 
LEU CD1 HD12 sing N N 175 
LEU CD1 HD13 sing N N 176 
LEU CD2 HD21 sing N N 177 
LEU CD2 HD22 sing N N 178 
LEU CD2 HD23 sing N N 179 
LEU OXT HXT  sing N N 180 
LYS N   CA   sing N N 181 
LYS N   H    sing N N 182 
LYS N   H2   sing N N 183 
LYS CA  C    sing N N 184 
LYS CA  CB   sing N N 185 
LYS CA  HA   sing N N 186 
LYS C   O    doub N N 187 
LYS C   OXT  sing N N 188 
LYS CB  CG   sing N N 189 
LYS CB  HB2  sing N N 190 
LYS CB  HB3  sing N N 191 
LYS CG  CD   sing N N 192 
LYS CG  HG2  sing N N 193 
LYS CG  HG3  sing N N 194 
LYS CD  CE   sing N N 195 
LYS CD  HD2  sing N N 196 
LYS CD  HD3  sing N N 197 
LYS CE  NZ   sing N N 198 
LYS CE  HE2  sing N N 199 
LYS CE  HE3  sing N N 200 
LYS NZ  HZ1  sing N N 201 
LYS NZ  HZ2  sing N N 202 
LYS NZ  HZ3  sing N N 203 
LYS OXT HXT  sing N N 204 
PG4 O1  C1   sing N N 205 
PG4 O1  HO1  sing N N 206 
PG4 C1  C2   sing N N 207 
PG4 C1  H11  sing N N 208 
PG4 C1  H12  sing N N 209 
PG4 C2  O2   sing N N 210 
PG4 C2  H21  sing N N 211 
PG4 C2  H22  sing N N 212 
PG4 O2  C3   sing N N 213 
PG4 C3  C4   sing N N 214 
PG4 C3  H31  sing N N 215 
PG4 C3  H32  sing N N 216 
PG4 C4  O3   sing N N 217 
PG4 C4  H41  sing N N 218 
PG4 C4  H42  sing N N 219 
PG4 O3  C5   sing N N 220 
PG4 C5  C6   sing N N 221 
PG4 C5  H51  sing N N 222 
PG4 C5  H52  sing N N 223 
PG4 C6  O4   sing N N 224 
PG4 C6  H61  sing N N 225 
PG4 C6  H62  sing N N 226 
PG4 O4  C7   sing N N 227 
PG4 C7  C8   sing N N 228 
PG4 C7  H71  sing N N 229 
PG4 C7  H72  sing N N 230 
PG4 C8  O5   sing N N 231 
PG4 C8  H81  sing N N 232 
PG4 C8  H82  sing N N 233 
PG4 O5  HO5  sing N N 234 
PHE N   CA   sing N N 235 
PHE N   H    sing N N 236 
PHE N   H2   sing N N 237 
PHE CA  C    sing N N 238 
PHE CA  CB   sing N N 239 
PHE CA  HA   sing N N 240 
PHE C   O    doub N N 241 
PHE C   OXT  sing N N 242 
PHE CB  CG   sing N N 243 
PHE CB  HB2  sing N N 244 
PHE CB  HB3  sing N N 245 
PHE CG  CD1  doub Y N 246 
PHE CG  CD2  sing Y N 247 
PHE CD1 CE1  sing Y N 248 
PHE CD1 HD1  sing N N 249 
PHE CD2 CE2  doub Y N 250 
PHE CD2 HD2  sing N N 251 
PHE CE1 CZ   doub Y N 252 
PHE CE1 HE1  sing N N 253 
PHE CE2 CZ   sing Y N 254 
PHE CE2 HE2  sing N N 255 
PHE CZ  HZ   sing N N 256 
PHE OXT HXT  sing N N 257 
PRO N   CA   sing N N 258 
PRO N   CD   sing N N 259 
PRO N   H    sing N N 260 
PRO CA  C    sing N N 261 
PRO CA  CB   sing N N 262 
PRO CA  HA   sing N N 263 
PRO C   O    doub N N 264 
PRO C   OXT  sing N N 265 
PRO CB  CG   sing N N 266 
PRO CB  HB2  sing N N 267 
PRO CB  HB3  sing N N 268 
PRO CG  CD   sing N N 269 
PRO CG  HG2  sing N N 270 
PRO CG  HG3  sing N N 271 
PRO CD  HD2  sing N N 272 
PRO CD  HD3  sing N N 273 
PRO OXT HXT  sing N N 274 
SER N   CA   sing N N 275 
SER N   H    sing N N 276 
SER N   H2   sing N N 277 
SER CA  C    sing N N 278 
SER CA  CB   sing N N 279 
SER CA  HA   sing N N 280 
SER C   O    doub N N 281 
SER C   OXT  sing N N 282 
SER CB  OG   sing N N 283 
SER CB  HB2  sing N N 284 
SER CB  HB3  sing N N 285 
SER OG  HG   sing N N 286 
SER OXT HXT  sing N N 287 
THR N   CA   sing N N 288 
THR N   H    sing N N 289 
THR N   H2   sing N N 290 
THR CA  C    sing N N 291 
THR CA  CB   sing N N 292 
THR CA  HA   sing N N 293 
THR C   O    doub N N 294 
THR C   OXT  sing N N 295 
THR CB  OG1  sing N N 296 
THR CB  CG2  sing N N 297 
THR CB  HB   sing N N 298 
THR OG1 HG1  sing N N 299 
THR CG2 HG21 sing N N 300 
THR CG2 HG22 sing N N 301 
THR CG2 HG23 sing N N 302 
THR OXT HXT  sing N N 303 
TRP N   CA   sing N N 304 
TRP N   H    sing N N 305 
TRP N   H2   sing N N 306 
TRP CA  C    sing N N 307 
TRP CA  CB   sing N N 308 
TRP CA  HA   sing N N 309 
TRP C   O    doub N N 310 
TRP C   OXT  sing N N 311 
TRP CB  CG   sing N N 312 
TRP CB  HB2  sing N N 313 
TRP CB  HB3  sing N N 314 
TRP CG  CD1  doub Y N 315 
TRP CG  CD2  sing Y N 316 
TRP CD1 NE1  sing Y N 317 
TRP CD1 HD1  sing N N 318 
TRP CD2 CE2  doub Y N 319 
TRP CD2 CE3  sing Y N 320 
TRP NE1 CE2  sing Y N 321 
TRP NE1 HE1  sing N N 322 
TRP CE2 CZ2  sing Y N 323 
TRP CE3 CZ3  doub Y N 324 
TRP CE3 HE3  sing N N 325 
TRP CZ2 CH2  doub Y N 326 
TRP CZ2 HZ2  sing N N 327 
TRP CZ3 CH2  sing Y N 328 
TRP CZ3 HZ3  sing N N 329 
TRP CH2 HH2  sing N N 330 
TRP OXT HXT  sing N N 331 
TYR N   CA   sing N N 332 
TYR N   H    sing N N 333 
TYR N   H2   sing N N 334 
TYR CA  C    sing N N 335 
TYR CA  CB   sing N N 336 
TYR CA  HA   sing N N 337 
TYR C   O    doub N N 338 
TYR C   OXT  sing N N 339 
TYR CB  CG   sing N N 340 
TYR CB  HB2  sing N N 341 
TYR CB  HB3  sing N N 342 
TYR CG  CD1  doub Y N 343 
TYR CG  CD2  sing Y N 344 
TYR CD1 CE1  sing Y N 345 
TYR CD1 HD1  sing N N 346 
TYR CD2 CE2  doub Y N 347 
TYR CD2 HD2  sing N N 348 
TYR CE1 CZ   doub Y N 349 
TYR CE1 HE1  sing N N 350 
TYR CE2 CZ   sing Y N 351 
TYR CE2 HE2  sing N N 352 
TYR CZ  OH   sing N N 353 
TYR OH  HH   sing N N 354 
TYR OXT HXT  sing N N 355 
VAL N   CA   sing N N 356 
VAL N   H    sing N N 357 
VAL N   H2   sing N N 358 
VAL CA  C    sing N N 359 
VAL CA  CB   sing N N 360 
VAL CA  HA   sing N N 361 
VAL C   O    doub N N 362 
VAL C   OXT  sing N N 363 
VAL CB  CG1  sing N N 364 
VAL CB  CG2  sing N N 365 
VAL CB  HB   sing N N 366 
VAL CG1 HG11 sing N N 367 
VAL CG1 HG12 sing N N 368 
VAL CG1 HG13 sing N N 369 
VAL CG2 HG21 sing N N 370 
VAL CG2 HG22 sing N N 371 
VAL CG2 HG23 sing N N 372 
VAL OXT HXT  sing N N 373 
# 
loop_
_pdbx_entity_nonpoly.entity_id 
_pdbx_entity_nonpoly.name 
_pdbx_entity_nonpoly.comp_id 
2 'ZINC ION'             ZN  
3 'CALCIUM ION'          CA  
4 'TETRAETHYLENE GLYCOL' PG4 
5 water                  HOH 
# 
_pdbx_initial_refinement_model.id               1 
_pdbx_initial_refinement_model.entity_id_list   ? 
_pdbx_initial_refinement_model.type             'experimental model' 
_pdbx_initial_refinement_model.source_name      PDB 
_pdbx_initial_refinement_model.accession_code   1LCK 
_pdbx_initial_refinement_model.details          'SH3-Domain of 1LCK' 
# 
